data_1EFU
#
_entry.id   1EFU
#
_cell.length_a   73.533
_cell.length_b   108.537
_cell.length_c   194.550
_cell.angle_alpha   90.00
_cell.angle_beta   90.00
_cell.angle_gamma   90.00
#
_symmetry.space_group_name_H-M   'P 21 21 21'
#
loop_
_entity.id
_entity.type
_entity.pdbx_description
1 polymer 'ELONGATION FACTOR TU'
2 polymer 'ELONGATION FACTOR TS'
3 water water
#
loop_
_entity_poly.entity_id
_entity_poly.type
_entity_poly.pdbx_seq_one_letter_code
_entity_poly.pdbx_strand_id
1 'polypeptide(L)'
;KPHVNVGTIGHVDHGKTTLTAAITTVLAKTYGGAARAFDQIDNAPEEKARGITINTSHVEYDTPTRHYAHVDCPGHADYV
KNMITGAAQMDGAILVVAATDGPMPQTREHILLGRQVGVPYIIVFLNKCDMVDDEELLELVEMEVRELLSQYDFPGDDTP
IVRGSALKALEGDAEWEAKILELAGFLDSYIPEPERAIDKPFLLPIEDVFSISGRGTVVTGRVERGIIKVGEEVEIVGIK
ETQKSTCTGVEMFRKLLDEGRAGENVGVLLRGIKREEIERGQVLAKPGTIKPHTKFESEVYILSKDEGGRHTPFFKGYRP
QFYFRTTDVTGTIELPEGVEMVMPGDNIKMVVTLIHPIAMDDGLRFAIREGGRTVGAGVVAKVLS
;
A,C
2 'polypeptide(L)'
;AEITASLVKELRERTGAGMMDCKKALTEANGDIELAIENMRKSGAIKAAKKAGNVAADGVIKTKIDGNYGIILEVNCQTD
FVAKDAGFQAFADKVLDAAVAGKITDVEVLKAQFEEERVALVAKIGENINIRRVAALEGDVLGSYQHGARIGVLVAAKGA
DEELVKHIAMHVAASKPEFIKPEDVSAEVVEKEYQVQLDIAMQSGKPKEIAEKMVEGRMKKFTGEVSLTGQPFVMEPSKT
VGQLLKEHNAEVTGFIRFEVGEGIEKVETDFAAEVAAMSKQS
;
B,D
#
# COMPACT_ATOMS: atom_id res chain seq x y z
N LYS A 1 -6.96 44.66 1.31
CA LYS A 1 -8.45 44.63 1.32
C LYS A 1 -8.93 43.20 1.55
N PRO A 2 -10.18 43.04 2.03
CA PRO A 2 -10.73 41.71 2.29
C PRO A 2 -10.72 40.80 1.07
N HIS A 3 -10.31 39.56 1.29
CA HIS A 3 -10.24 38.57 0.23
C HIS A 3 -11.48 37.69 0.27
N VAL A 4 -12.11 37.53 -0.89
CA VAL A 4 -13.30 36.70 -1.00
C VAL A 4 -13.10 35.70 -2.14
N ASN A 5 -13.58 34.48 -1.92
CA ASN A 5 -13.47 33.42 -2.91
C ASN A 5 -14.84 33.17 -3.54
N VAL A 6 -14.92 33.37 -4.84
CA VAL A 6 -16.17 33.15 -5.55
C VAL A 6 -16.00 32.10 -6.64
N GLY A 7 -17.11 31.53 -7.10
CA GLY A 7 -17.05 30.54 -8.14
C GLY A 7 -18.30 30.61 -8.99
N THR A 8 -18.17 30.21 -10.26
CA THR A 8 -19.30 30.20 -11.17
C THR A 8 -19.77 28.76 -11.41
N ILE A 9 -21.08 28.57 -11.40
CA ILE A 9 -21.68 27.26 -11.62
C ILE A 9 -22.88 27.46 -12.54
N GLY A 10 -22.94 26.70 -13.62
CA GLY A 10 -24.04 26.85 -14.56
C GLY A 10 -23.87 25.98 -15.78
N HIS A 11 -24.86 25.99 -16.67
CA HIS A 11 -24.82 25.17 -17.86
C HIS A 11 -23.66 25.57 -18.76
N VAL A 12 -23.02 24.56 -19.35
CA VAL A 12 -21.87 24.74 -20.24
C VAL A 12 -22.02 25.84 -21.30
N ASP A 13 -23.19 25.95 -21.90
CA ASP A 13 -23.41 26.96 -22.93
C ASP A 13 -24.18 28.19 -22.43
N HIS A 14 -24.13 28.47 -21.14
CA HIS A 14 -24.85 29.63 -20.59
C HIS A 14 -24.01 30.85 -20.32
N GLY A 15 -22.73 30.78 -20.69
CA GLY A 15 -21.85 31.92 -20.54
C GLY A 15 -21.15 32.20 -19.23
N LYS A 16 -20.67 31.16 -18.55
CA LYS A 16 -19.98 31.34 -17.29
C LYS A 16 -18.66 32.05 -17.55
N THR A 17 -17.94 31.62 -18.59
CA THR A 17 -16.67 32.24 -18.91
C THR A 17 -16.91 33.67 -19.40
N THR A 18 -17.87 33.85 -20.31
CA THR A 18 -18.18 35.17 -20.82
C THR A 18 -18.47 36.13 -19.68
N LEU A 19 -19.31 35.71 -18.74
CA LEU A 19 -19.64 36.55 -17.60
C LEU A 19 -18.38 36.94 -16.84
N THR A 20 -17.51 35.97 -16.59
CA THR A 20 -16.26 36.23 -15.86
C THR A 20 -15.36 37.22 -16.62
N ALA A 21 -15.28 37.08 -17.94
CA ALA A 21 -14.51 37.96 -18.81
C ALA A 21 -15.05 39.38 -18.63
N ALA A 22 -16.38 39.47 -18.63
CA ALA A 22 -17.09 40.74 -18.45
C ALA A 22 -16.83 41.36 -17.08
N ILE A 23 -16.81 40.55 -16.02
CA ILE A 23 -16.56 41.07 -14.68
C ILE A 23 -15.18 41.71 -14.57
N THR A 24 -14.14 40.98 -14.98
CA THR A 24 -12.77 41.50 -14.90
C THR A 24 -12.63 42.76 -15.73
N THR A 25 -13.10 42.69 -16.97
CA THR A 25 -13.06 43.82 -17.90
C THR A 25 -13.73 45.10 -17.37
N VAL A 26 -15.01 45.03 -17.03
CA VAL A 26 -15.75 46.17 -16.53
C VAL A 26 -15.17 46.78 -15.24
N LEU A 27 -14.81 45.94 -14.28
CA LEU A 27 -14.25 46.43 -13.02
C LEU A 27 -12.95 47.19 -13.24
N ALA A 28 -12.12 46.73 -14.17
CA ALA A 28 -10.86 47.39 -14.48
C ALA A 28 -11.15 48.68 -15.23
N LYS A 29 -12.05 48.60 -16.20
CA LYS A 29 -12.44 49.77 -16.97
C LYS A 29 -13.05 50.81 -16.03
N THR A 30 -13.73 50.34 -14.98
CA THR A 30 -14.39 51.23 -14.01
C THR A 30 -13.49 51.69 -12.86
N TYR A 31 -12.94 50.74 -12.10
CA TYR A 31 -12.09 51.07 -10.96
C TYR A 31 -10.61 51.01 -11.29
N GLY A 32 -10.28 50.76 -12.56
CA GLY A 32 -8.87 50.68 -12.94
C GLY A 32 -8.30 49.32 -12.60
N GLY A 33 -9.10 48.47 -11.97
CA GLY A 33 -8.69 47.13 -11.59
C GLY A 33 -9.85 46.37 -10.95
N ALA A 34 -10.61 47.00 -10.19
N THR A 56 -8.86 24.95 -10.00
CA THR A 56 -7.98 25.94 -9.30
C THR A 56 -7.60 27.10 -10.20
N SER A 57 -7.51 26.84 -11.51
CA SER A 57 -7.16 27.87 -12.49
C SER A 57 -8.24 28.93 -12.37
N HIS A 58 -7.95 29.94 -11.56
CA HIS A 58 -8.89 31.01 -11.30
C HIS A 58 -8.49 32.34 -11.89
N VAL A 59 -9.38 33.30 -11.71
CA VAL A 59 -9.20 34.66 -12.17
C VAL A 59 -9.31 35.50 -10.90
N GLU A 60 -8.81 36.73 -10.93
CA GLU A 60 -8.89 37.61 -9.78
C GLU A 60 -9.33 39.01 -10.21
N TYR A 61 -10.16 39.64 -9.39
CA TYR A 61 -10.66 40.99 -9.67
C TYR A 61 -10.94 41.78 -8.39
N ASP A 62 -10.94 43.09 -8.50
CA ASP A 62 -11.14 43.96 -7.34
C ASP A 62 -12.22 45.02 -7.55
N THR A 63 -12.91 45.33 -6.47
CA THR A 63 -13.92 46.37 -6.48
C THR A 63 -13.31 47.36 -5.49
N PRO A 64 -13.86 48.58 -5.37
CA PRO A 64 -13.25 49.51 -4.44
C PRO A 64 -13.14 48.98 -3.01
N THR A 65 -13.92 47.96 -2.68
CA THR A 65 -13.92 47.39 -1.34
C THR A 65 -13.24 46.04 -1.11
N ARG A 66 -13.20 45.16 -2.10
CA ARG A 66 -12.60 43.84 -1.89
C ARG A 66 -11.81 43.26 -3.04
N HIS A 67 -11.09 42.19 -2.73
CA HIS A 67 -10.31 41.46 -3.71
C HIS A 67 -10.98 40.09 -3.82
N TYR A 68 -11.19 39.63 -5.05
CA TYR A 68 -11.85 38.36 -5.29
C TYR A 68 -10.98 37.36 -6.03
N ALA A 69 -11.16 36.10 -5.67
CA ALA A 69 -10.47 34.95 -6.28
C ALA A 69 -11.63 34.13 -6.87
N HIS A 70 -11.73 34.11 -8.20
CA HIS A 70 -12.83 33.44 -8.90
C HIS A 70 -12.49 32.14 -9.63
N VAL A 71 -13.05 31.02 -9.18
CA VAL A 71 -12.84 29.71 -9.81
C VAL A 71 -14.14 29.28 -10.50
N ASP A 72 -14.06 28.26 -11.34
CA ASP A 72 -15.24 27.75 -12.02
C ASP A 72 -15.51 26.37 -11.46
N CYS A 73 -16.76 25.94 -11.50
CA CYS A 73 -17.10 24.63 -10.99
C CYS A 73 -17.79 23.81 -12.09
N PRO A 74 -17.01 23.33 -13.07
CA PRO A 74 -17.52 22.54 -14.21
C PRO A 74 -18.02 21.14 -13.88
N GLY A 75 -17.52 20.59 -12.78
CA GLY A 75 -17.89 19.26 -12.38
C GLY A 75 -18.18 19.19 -10.89
N HIS A 76 -19.05 18.26 -10.54
CA HIS A 76 -19.47 18.03 -9.17
C HIS A 76 -18.36 17.35 -8.38
N ALA A 77 -17.88 16.21 -8.88
CA ALA A 77 -16.82 15.46 -8.18
C ALA A 77 -15.51 16.23 -8.16
N ASP A 78 -15.23 16.95 -9.24
CA ASP A 78 -14.03 17.75 -9.31
C ASP A 78 -14.08 18.81 -8.23
N TYR A 79 -15.20 19.53 -8.13
CA TYR A 79 -15.31 20.55 -7.10
C TYR A 79 -15.15 19.99 -5.71
N VAL A 80 -15.89 18.93 -5.41
CA VAL A 80 -15.84 18.31 -4.09
C VAL A 80 -14.39 17.92 -3.78
N LYS A 81 -13.71 17.32 -4.76
CA LYS A 81 -12.32 16.93 -4.56
C LYS A 81 -11.45 18.14 -4.22
N ASN A 82 -11.54 19.18 -5.03
CA ASN A 82 -10.77 20.41 -4.84
C ASN A 82 -11.07 21.10 -3.53
N MET A 83 -12.33 21.07 -3.11
CA MET A 83 -12.69 21.66 -1.85
C MET A 83 -11.96 20.86 -0.77
N ILE A 84 -12.16 19.54 -0.75
CA ILE A 84 -11.54 18.64 0.23
C ILE A 84 -10.02 18.75 0.27
N THR A 85 -9.38 18.81 -0.89
CA THR A 85 -7.94 18.93 -0.95
C THR A 85 -7.50 20.39 -0.76
N GLY A 86 -8.44 21.23 -0.33
CA GLY A 86 -8.15 22.63 -0.10
C GLY A 86 -8.02 23.45 -1.36
N ALA A 87 -7.95 22.78 -2.50
CA ALA A 87 -7.81 23.46 -3.79
C ALA A 87 -8.86 24.52 -4.12
N ALA A 88 -9.95 24.60 -3.34
CA ALA A 88 -10.99 25.61 -3.57
C ALA A 88 -12.24 25.47 -2.68
N GLN A 89 -12.57 26.52 -1.95
CA GLN A 89 -13.78 26.54 -1.12
C GLN A 89 -14.41 27.95 -1.07
N MET A 90 -15.50 28.06 -1.83
CA MET A 90 -16.27 29.28 -2.01
C MET A 90 -16.94 29.91 -0.80
N ASP A 91 -16.92 31.24 -0.82
CA ASP A 91 -17.55 32.08 0.18
C ASP A 91 -18.93 32.45 -0.39
N GLY A 92 -19.03 32.45 -1.72
CA GLY A 92 -20.27 32.76 -2.41
C GLY A 92 -20.19 32.21 -3.83
N ALA A 93 -21.33 31.81 -4.38
CA ALA A 93 -21.36 31.27 -5.72
C ALA A 93 -22.29 32.06 -6.59
N ILE A 94 -21.92 32.23 -7.85
CA ILE A 94 -22.75 32.95 -8.78
C ILE A 94 -23.35 31.92 -9.74
N LEU A 95 -24.67 31.71 -9.64
CA LEU A 95 -25.34 30.76 -10.54
C LEU A 95 -25.65 31.56 -11.79
N VAL A 96 -25.21 31.06 -12.93
CA VAL A 96 -25.43 31.72 -14.20
C VAL A 96 -26.45 30.96 -15.02
N VAL A 97 -27.58 31.61 -15.29
CA VAL A 97 -28.64 31.01 -16.08
C VAL A 97 -29.00 31.98 -17.19
N ALA A 98 -29.09 31.49 -18.42
CA ALA A 98 -29.43 32.37 -19.53
C ALA A 98 -30.93 32.55 -19.57
N ALA A 99 -31.37 33.81 -19.52
CA ALA A 99 -32.79 34.16 -19.57
C ALA A 99 -33.53 33.53 -20.74
N THR A 100 -32.80 33.27 -21.83
CA THR A 100 -33.38 32.66 -23.03
C THR A 100 -34.00 31.30 -22.75
N ASP A 101 -33.31 30.47 -21.98
CA ASP A 101 -33.82 29.14 -21.65
C ASP A 101 -34.54 29.14 -20.32
N GLY A 102 -33.85 29.66 -19.32
CA GLY A 102 -34.36 29.68 -17.97
C GLY A 102 -33.61 28.50 -17.38
N PRO A 103 -33.98 28.05 -16.17
CA PRO A 103 -33.29 26.91 -15.56
C PRO A 103 -33.30 25.64 -16.43
N MET A 104 -32.22 24.87 -16.33
CA MET A 104 -32.09 23.61 -17.07
C MET A 104 -32.40 22.53 -16.06
N PRO A 105 -32.66 21.29 -16.53
CA PRO A 105 -32.96 20.21 -15.60
C PRO A 105 -31.78 20.00 -14.63
N GLN A 106 -30.56 20.18 -15.13
CA GLN A 106 -29.35 20.02 -14.32
C GLN A 106 -29.07 21.22 -13.41
N THR A 107 -29.89 22.27 -13.50
CA THR A 107 -29.72 23.44 -12.64
C THR A 107 -29.94 23.03 -11.18
N ARG A 108 -30.77 22.01 -10.96
CA ARG A 108 -30.99 21.55 -9.60
C ARG A 108 -29.76 20.80 -9.13
N GLU A 109 -29.03 20.18 -10.07
CA GLU A 109 -27.79 19.48 -9.71
C GLU A 109 -26.73 20.51 -9.34
N HIS A 110 -26.82 21.69 -9.94
CA HIS A 110 -25.89 22.78 -9.65
C HIS A 110 -26.15 23.31 -8.24
N ILE A 111 -27.41 23.65 -7.95
CA ILE A 111 -27.79 24.17 -6.63
C ILE A 111 -27.51 23.13 -5.53
N LEU A 112 -27.82 21.87 -5.81
CA LEU A 112 -27.61 20.74 -4.91
C LEU A 112 -26.15 20.55 -4.47
N LEU A 113 -25.21 20.90 -5.35
CA LEU A 113 -23.79 20.80 -5.02
C LEU A 113 -23.51 21.98 -4.11
N GLY A 114 -24.08 23.13 -4.44
CA GLY A 114 -23.92 24.32 -3.64
C GLY A 114 -24.35 24.01 -2.22
N ARG A 115 -25.47 23.30 -2.11
CA ARG A 115 -25.99 22.89 -0.81
C ARG A 115 -25.01 21.88 -0.17
N GLN A 116 -24.71 20.81 -0.90
CA GLN A 116 -23.81 19.76 -0.42
C GLN A 116 -22.47 20.25 0.13
N VAL A 117 -21.88 21.29 -0.46
CA VAL A 117 -20.58 21.79 0.02
C VAL A 117 -20.73 23.04 0.89
N GLY A 118 -21.92 23.24 1.45
CA GLY A 118 -22.20 24.37 2.30
C GLY A 118 -21.83 25.76 1.82
N VAL A 119 -22.12 26.06 0.55
CA VAL A 119 -21.83 27.39 0.03
C VAL A 119 -22.85 28.31 0.72
N PRO A 120 -22.36 29.30 1.48
CA PRO A 120 -23.15 30.26 2.23
C PRO A 120 -24.18 31.11 1.47
N TYR A 121 -23.80 31.65 0.32
CA TYR A 121 -24.69 32.51 -0.46
C TYR A 121 -24.59 32.25 -1.94
N ILE A 122 -25.73 32.26 -2.62
CA ILE A 122 -25.78 32.07 -4.06
C ILE A 122 -26.44 33.29 -4.68
N ILE A 123 -25.72 33.95 -5.58
CA ILE A 123 -26.21 35.12 -6.29
C ILE A 123 -26.47 34.66 -7.71
N VAL A 124 -27.57 35.13 -8.29
CA VAL A 124 -27.90 34.72 -9.64
C VAL A 124 -27.67 35.83 -10.64
N PHE A 125 -27.16 35.47 -11.80
CA PHE A 125 -26.93 36.40 -12.89
C PHE A 125 -27.61 35.83 -14.13
N LEU A 126 -28.75 36.39 -14.48
CA LEU A 126 -29.49 35.96 -15.66
C LEU A 126 -28.78 36.55 -16.86
N ASN A 127 -28.21 35.66 -17.65
CA ASN A 127 -27.48 36.03 -18.83
C ASN A 127 -28.39 36.14 -20.05
N LYS A 128 -27.89 36.78 -21.11
CA LYS A 128 -28.62 36.95 -22.36
C LYS A 128 -30.00 37.59 -22.21
N CYS A 129 -30.20 38.40 -21.18
CA CYS A 129 -31.49 39.06 -20.99
C CYS A 129 -31.83 39.94 -22.18
N ASP A 130 -30.81 40.42 -22.88
CA ASP A 130 -31.01 41.29 -24.03
C ASP A 130 -31.74 40.58 -25.16
N MET A 131 -31.78 39.25 -25.11
CA MET A 131 -32.44 38.48 -26.15
C MET A 131 -33.87 38.05 -25.83
N VAL A 132 -34.35 38.33 -24.62
CA VAL A 132 -35.71 37.98 -24.25
C VAL A 132 -36.58 39.20 -24.53
N ASP A 133 -37.69 38.98 -25.22
CA ASP A 133 -38.60 40.05 -25.58
C ASP A 133 -39.56 40.55 -24.49
N ASP A 134 -40.31 39.63 -23.89
CA ASP A 134 -41.29 39.97 -22.86
C ASP A 134 -40.73 39.90 -21.45
N GLU A 135 -40.89 40.99 -20.70
CA GLU A 135 -40.41 41.04 -19.32
C GLU A 135 -41.17 40.02 -18.46
N GLU A 136 -42.41 39.73 -18.82
CA GLU A 136 -43.21 38.77 -18.08
C GLU A 136 -42.56 37.39 -18.18
N LEU A 137 -41.76 37.20 -19.22
CA LEU A 137 -41.03 35.95 -19.41
C LEU A 137 -39.83 35.95 -18.46
N LEU A 138 -39.23 37.13 -18.28
CA LEU A 138 -38.10 37.27 -17.36
C LEU A 138 -38.60 37.00 -15.95
N GLU A 139 -39.87 37.35 -15.71
CA GLU A 139 -40.49 37.12 -14.40
C GLU A 139 -40.49 35.61 -14.15
N LEU A 140 -40.93 34.87 -15.16
CA LEU A 140 -41.00 33.41 -15.11
C LEU A 140 -39.67 32.78 -14.76
N VAL A 141 -38.63 33.15 -15.51
CA VAL A 141 -37.30 32.61 -15.29
C VAL A 141 -36.84 32.85 -13.85
N GLU A 142 -37.06 34.06 -13.34
CA GLU A 142 -36.66 34.41 -11.98
C GLU A 142 -37.41 33.62 -10.95
N MET A 143 -38.71 33.44 -11.14
CA MET A 143 -39.52 32.67 -10.20
C MET A 143 -39.10 31.20 -10.16
N GLU A 144 -38.71 30.67 -11.33
CA GLU A 144 -38.25 29.29 -11.41
C GLU A 144 -36.96 29.14 -10.63
N VAL A 145 -36.05 30.09 -10.82
CA VAL A 145 -34.77 30.07 -10.12
C VAL A 145 -35.03 30.20 -8.61
N ARG A 146 -35.88 31.16 -8.22
CA ARG A 146 -36.20 31.34 -6.81
C ARG A 146 -36.80 30.11 -6.14
N GLU A 147 -37.69 29.41 -6.84
CA GLU A 147 -38.30 28.22 -6.27
C GLU A 147 -37.28 27.10 -6.20
N LEU A 148 -36.39 27.00 -7.19
CA LEU A 148 -35.36 25.96 -7.18
C LEU A 148 -34.44 26.18 -5.99
N LEU A 149 -34.01 27.42 -5.81
CA LEU A 149 -33.13 27.78 -4.71
C LEU A 149 -33.80 27.37 -3.40
N SER A 150 -35.00 27.89 -3.16
CA SER A 150 -35.75 27.58 -1.94
C SER A 150 -35.90 26.08 -1.66
N GLN A 151 -36.09 25.31 -2.73
CA GLN A 151 -36.24 23.86 -2.63
C GLN A 151 -35.03 23.18 -2.01
N TYR A 152 -33.89 23.86 -2.01
CA TYR A 152 -32.68 23.30 -1.45
C TYR A 152 -32.20 24.14 -0.28
N ASP A 153 -33.15 24.84 0.34
CA ASP A 153 -32.90 25.67 1.51
C ASP A 153 -32.13 26.97 1.38
N PHE A 154 -32.04 27.50 0.16
CA PHE A 154 -31.39 28.79 -0.06
C PHE A 154 -32.53 29.81 -0.09
N PRO A 155 -32.30 31.03 0.41
CA PRO A 155 -33.33 32.09 0.44
C PRO A 155 -33.77 32.58 -0.93
N GLY A 156 -34.54 31.75 -1.64
CA GLY A 156 -35.00 32.13 -2.96
C GLY A 156 -35.59 33.52 -3.04
N ASP A 157 -36.36 33.87 -2.01
CA ASP A 157 -37.03 35.17 -1.93
C ASP A 157 -36.12 36.38 -1.79
N ASP A 158 -34.98 36.20 -1.14
CA ASP A 158 -34.05 37.31 -0.93
C ASP A 158 -32.89 37.31 -1.92
N THR A 159 -32.65 36.18 -2.57
CA THR A 159 -31.57 36.05 -3.53
C THR A 159 -31.56 37.12 -4.62
N PRO A 160 -30.41 37.81 -4.80
CA PRO A 160 -30.18 38.85 -5.80
C PRO A 160 -30.10 38.22 -7.18
N ILE A 161 -31.00 38.62 -8.07
CA ILE A 161 -31.01 38.09 -9.42
C ILE A 161 -30.80 39.28 -10.34
N VAL A 162 -29.62 39.35 -10.92
CA VAL A 162 -29.25 40.43 -11.82
C VAL A 162 -29.60 40.01 -13.25
N ARG A 163 -30.29 40.87 -13.99
CA ARG A 163 -30.64 40.56 -15.36
C ARG A 163 -29.58 41.19 -16.27
N GLY A 164 -28.66 40.38 -16.77
CA GLY A 164 -27.62 40.94 -17.60
C GLY A 164 -27.44 40.37 -19.00
N SER A 165 -26.27 40.70 -19.55
CA SER A 165 -25.86 40.27 -20.87
C SER A 165 -24.34 40.44 -20.86
N ALA A 166 -23.63 39.34 -20.66
CA ALA A 166 -22.17 39.37 -20.61
C ALA A 166 -21.56 39.70 -21.97
N LEU A 167 -22.23 39.31 -23.04
CA LEU A 167 -21.75 39.59 -24.40
C LEU A 167 -21.78 41.09 -24.66
N LYS A 168 -22.88 41.72 -24.29
CA LYS A 168 -23.08 43.15 -24.46
C LYS A 168 -22.23 44.01 -23.54
N ALA A 169 -22.06 43.58 -22.29
CA ALA A 169 -21.25 44.33 -21.35
C ALA A 169 -19.84 44.30 -21.90
N LEU A 170 -19.41 43.12 -22.33
CA LEU A 170 -18.09 42.90 -22.89
C LEU A 170 -17.90 43.75 -24.15
N GLU A 171 -19.01 44.05 -24.83
CA GLU A 171 -18.99 44.87 -26.05
C GLU A 171 -18.95 46.37 -25.72
N GLY A 172 -18.79 46.70 -24.45
CA GLY A 172 -18.73 48.09 -24.05
C GLY A 172 -20.10 48.76 -24.00
N ASP A 173 -21.15 47.97 -24.21
CA ASP A 173 -22.51 48.50 -24.18
C ASP A 173 -22.79 48.92 -22.73
N ALA A 174 -22.59 50.20 -22.47
CA ALA A 174 -22.78 50.80 -21.13
C ALA A 174 -24.01 50.34 -20.35
N GLU A 175 -25.15 50.21 -21.04
CA GLU A 175 -26.41 49.79 -20.41
C GLU A 175 -26.24 48.42 -19.73
N TRP A 176 -25.47 47.55 -20.38
CA TRP A 176 -25.24 46.21 -19.87
C TRP A 176 -24.00 46.13 -18.98
N GLU A 177 -23.07 47.06 -19.15
CA GLU A 177 -21.88 47.08 -18.30
C GLU A 177 -22.33 47.37 -16.88
N ALA A 178 -23.34 48.24 -16.76
CA ALA A 178 -23.89 48.62 -15.47
C ALA A 178 -24.40 47.40 -14.70
N LYS A 179 -24.90 46.41 -15.44
CA LYS A 179 -25.42 45.19 -14.83
C LYS A 179 -24.29 44.38 -14.22
N ILE A 180 -23.10 44.47 -14.81
CA ILE A 180 -21.91 43.79 -14.31
C ILE A 180 -21.54 44.48 -12.98
N LEU A 181 -21.60 45.81 -12.96
CA LEU A 181 -21.30 46.57 -11.75
C LEU A 181 -22.34 46.30 -10.67
N GLU A 182 -23.56 45.99 -11.09
CA GLU A 182 -24.66 45.66 -10.17
C GLU A 182 -24.36 44.30 -9.53
N LEU A 183 -23.81 43.37 -10.32
CA LEU A 183 -23.45 42.05 -9.82
C LEU A 183 -22.32 42.17 -8.82
N ALA A 184 -21.26 42.88 -9.20
CA ALA A 184 -20.10 43.10 -8.33
C ALA A 184 -20.59 43.73 -7.03
N GLY A 185 -21.57 44.63 -7.17
CA GLY A 185 -22.16 45.31 -6.02
C GLY A 185 -22.79 44.33 -5.05
N PHE A 186 -23.43 43.28 -5.56
CA PHE A 186 -24.04 42.27 -4.72
C PHE A 186 -22.97 41.39 -4.11
N LEU A 187 -21.89 41.17 -4.86
CA LEU A 187 -20.78 40.37 -4.34
C LEU A 187 -20.25 41.12 -3.11
N ASP A 188 -20.20 42.45 -3.19
CA ASP A 188 -19.74 43.32 -2.10
C ASP A 188 -20.72 43.41 -0.92
N SER A 189 -22.01 43.50 -1.22
CA SER A 189 -23.03 43.61 -0.18
C SER A 189 -23.69 42.33 0.34
N TYR A 190 -23.94 41.37 -0.56
CA TYR A 190 -24.59 40.11 -0.20
C TYR A 190 -23.68 39.08 0.47
N ILE A 191 -22.47 38.91 -0.04
CA ILE A 191 -21.54 37.95 0.56
C ILE A 191 -20.78 38.64 1.67
N PRO A 192 -21.07 38.30 2.93
CA PRO A 192 -20.42 38.88 4.11
C PRO A 192 -18.91 38.85 4.02
N GLU A 193 -18.27 39.91 4.51
CA GLU A 193 -16.83 39.99 4.53
C GLU A 193 -16.39 38.86 5.44
N PRO A 194 -15.62 37.90 4.91
CA PRO A 194 -15.14 36.76 5.71
C PRO A 194 -14.42 37.17 6.99
N GLU A 195 -14.58 36.35 8.03
CA GLU A 195 -13.98 36.62 9.34
C GLU A 195 -12.48 36.33 9.30
N ARG A 196 -11.68 37.37 9.51
CA ARG A 196 -10.23 37.27 9.51
C ARG A 196 -9.77 36.40 10.68
N ALA A 197 -8.76 35.58 10.44
CA ALA A 197 -8.22 34.68 11.44
C ALA A 197 -7.88 35.40 12.74
N ILE A 198 -7.29 36.58 12.62
CA ILE A 198 -6.90 37.35 13.78
C ILE A 198 -8.11 37.80 14.62
N ASP A 199 -9.30 37.74 14.04
CA ASP A 199 -10.52 38.14 14.75
C ASP A 199 -11.21 36.98 15.45
N LYS A 200 -10.89 35.76 15.04
CA LYS A 200 -11.48 34.57 15.63
C LYS A 200 -10.93 34.29 17.03
N PRO A 201 -11.66 33.49 17.83
CA PRO A 201 -11.20 33.18 19.18
C PRO A 201 -9.89 32.41 19.12
N PHE A 202 -8.93 32.85 19.93
CA PHE A 202 -7.60 32.25 19.98
C PHE A 202 -7.55 30.72 19.90
N LEU A 203 -6.59 30.21 19.12
CA LEU A 203 -6.38 28.77 18.96
C LEU A 203 -4.94 28.51 18.54
N LEU A 204 -4.26 27.65 19.29
CA LEU A 204 -2.87 27.26 19.03
C LEU A 204 -2.73 25.76 19.10
N PRO A 205 -2.39 25.11 17.97
CA PRO A 205 -2.19 23.65 17.89
C PRO A 205 -0.83 23.34 18.53
N ILE A 206 -0.86 22.63 19.66
CA ILE A 206 0.37 22.27 20.38
C ILE A 206 1.26 21.25 19.66
N GLU A 207 2.54 21.58 19.54
CA GLU A 207 3.50 20.70 18.90
C GLU A 207 4.46 20.10 19.92
N ASP A 208 5.23 20.94 20.60
CA ASP A 208 6.18 20.46 21.60
C ASP A 208 5.87 21.07 22.96
N VAL A 209 6.14 20.32 24.02
CA VAL A 209 5.90 20.78 25.39
C VAL A 209 7.24 20.72 26.12
N PHE A 210 7.53 21.76 26.89
CA PHE A 210 8.77 21.85 27.65
C PHE A 210 8.48 22.26 29.09
N SER A 211 9.29 21.75 30.01
CA SER A 211 9.19 22.08 31.42
C SER A 211 10.30 23.08 31.62
N ILE A 212 10.28 23.86 32.70
CA ILE A 212 11.33 24.83 32.90
C ILE A 212 11.87 25.03 34.31
N SER A 213 10.98 25.28 35.27
CA SER A 213 11.36 25.57 36.65
C SER A 213 11.86 27.02 36.62
N GLY A 214 11.20 27.86 37.39
CA GLY A 214 11.54 29.27 37.42
C GLY A 214 10.24 29.97 37.04
N ARG A 215 9.46 29.31 36.20
CA ARG A 215 8.16 29.80 35.77
C ARG A 215 7.15 28.65 35.57
N GLY A 216 7.36 27.80 34.57
CA GLY A 216 6.45 26.70 34.34
C GLY A 216 6.69 25.91 33.06
N THR A 217 5.60 25.39 32.49
CA THR A 217 5.62 24.61 31.26
C THR A 217 5.33 25.50 30.05
N VAL A 218 6.06 25.26 28.97
CA VAL A 218 5.90 26.01 27.73
C VAL A 218 5.42 25.08 26.63
N VAL A 219 4.43 25.52 25.88
CA VAL A 219 3.91 24.73 24.78
C VAL A 219 4.12 25.54 23.50
N THR A 220 4.70 24.89 22.50
CA THR A 220 5.01 25.55 21.24
C THR A 220 4.08 25.20 20.09
N GLY A 221 3.93 26.18 19.20
CA GLY A 221 3.09 25.97 18.04
C GLY A 221 2.90 27.28 17.31
N ARG A 222 2.13 27.23 16.22
CA ARG A 222 1.83 28.41 15.44
C ARG A 222 0.40 28.84 15.73
N VAL A 223 0.22 30.06 16.22
CA VAL A 223 -1.10 30.58 16.52
C VAL A 223 -1.92 30.46 15.25
N GLU A 224 -2.97 29.65 15.31
CA GLU A 224 -3.85 29.45 14.18
C GLU A 224 -4.67 30.69 13.95
N ARG A 225 -5.30 31.15 15.01
CA ARG A 225 -6.17 32.32 14.95
C ARG A 225 -6.22 33.06 16.29
N GLY A 226 -6.79 34.26 16.28
CA GLY A 226 -6.90 35.05 17.50
C GLY A 226 -5.59 35.54 18.06
N ILE A 227 -5.64 36.02 19.30
CA ILE A 227 -4.47 36.55 19.99
C ILE A 227 -4.42 36.03 21.42
N ILE A 228 -3.25 35.54 21.84
CA ILE A 228 -3.05 35.07 23.20
C ILE A 228 -2.23 36.16 23.89
N LYS A 229 -2.66 36.59 25.06
CA LYS A 229 -1.96 37.64 25.80
C LYS A 229 -1.64 37.21 27.22
N VAL A 230 -0.62 37.82 27.80
CA VAL A 230 -0.23 37.52 29.16
C VAL A 230 -1.42 37.80 30.07
N GLY A 231 -1.68 36.88 31.00
CA GLY A 231 -2.80 37.06 31.91
C GLY A 231 -4.10 36.43 31.43
N GLU A 232 -4.26 36.20 30.14
CA GLU A 232 -5.49 35.61 29.62
C GLU A 232 -5.57 34.12 29.95
N GLU A 233 -6.78 33.64 30.22
CA GLU A 233 -7.00 32.24 30.54
C GLU A 233 -7.17 31.43 29.26
N VAL A 234 -6.69 30.20 29.27
CA VAL A 234 -6.78 29.32 28.11
C VAL A 234 -7.20 27.93 28.55
N GLU A 235 -7.76 27.16 27.62
CA GLU A 235 -8.16 25.78 27.91
C GLU A 235 -7.29 24.84 27.07
N ILE A 236 -6.92 23.70 27.67
CA ILE A 236 -6.11 22.69 26.99
C ILE A 236 -7.14 21.63 26.54
N VAL A 237 -7.52 21.68 25.27
CA VAL A 237 -8.55 20.78 24.71
C VAL A 237 -8.08 19.63 23.79
N GLY A 238 -8.68 18.46 23.99
CA GLY A 238 -8.36 17.31 23.17
C GLY A 238 -7.61 16.19 23.85
N ILE A 239 -7.79 14.96 23.34
CA ILE A 239 -7.13 13.75 23.85
C ILE A 239 -7.50 13.41 25.29
N LYS A 240 -7.18 14.32 26.20
CA LYS A 240 -7.48 14.17 27.62
C LYS A 240 -8.67 15.05 27.99
N GLU A 241 -9.05 15.02 29.26
CA GLU A 241 -10.15 15.83 29.74
C GLU A 241 -9.63 17.26 29.71
N THR A 242 -10.48 18.19 29.30
CA THR A 242 -10.10 19.59 29.22
C THR A 242 -9.58 20.15 30.53
N GLN A 243 -8.61 21.06 30.42
CA GLN A 243 -8.04 21.71 31.59
C GLN A 243 -8.03 23.18 31.30
N LYS A 244 -7.96 23.99 32.34
CA LYS A 244 -7.94 25.43 32.19
C LYS A 244 -6.69 25.95 32.89
N SER A 245 -6.07 26.96 32.29
CA SER A 245 -4.86 27.56 32.84
C SER A 245 -4.81 29.01 32.43
N THR A 246 -3.80 29.72 32.91
CA THR A 246 -3.64 31.13 32.59
C THR A 246 -2.30 31.38 31.93
N CYS A 247 -2.32 32.17 30.87
CA CYS A 247 -1.10 32.50 30.15
C CYS A 247 -0.26 33.38 31.07
N THR A 248 0.93 32.92 31.40
CA THR A 248 1.83 33.68 32.25
C THR A 248 2.83 34.49 31.41
N GLY A 249 2.89 34.21 30.11
CA GLY A 249 3.79 34.92 29.22
C GLY A 249 3.95 34.30 27.84
N VAL A 250 4.12 35.14 26.82
CA VAL A 250 4.28 34.69 25.44
C VAL A 250 5.67 35.06 24.96
N GLU A 251 6.28 34.21 24.13
CA GLU A 251 7.60 34.49 23.63
C GLU A 251 7.86 33.86 22.26
N MET A 252 8.78 34.46 21.52
CA MET A 252 9.17 33.98 20.21
C MET A 252 10.68 34.15 20.14
N PHE A 253 11.38 33.09 19.74
CA PHE A 253 12.84 33.12 19.67
C PHE A 253 13.40 33.57 21.02
N ARG A 254 12.92 32.93 22.08
CA ARG A 254 13.31 33.18 23.47
C ARG A 254 13.18 34.63 24.00
N LYS A 255 12.47 35.47 23.24
CA LYS A 255 12.25 36.84 23.66
C LYS A 255 10.80 36.95 24.09
N LEU A 256 10.56 37.38 25.33
CA LEU A 256 9.21 37.51 25.86
C LEU A 256 8.43 38.61 25.15
N LEU A 257 7.45 38.19 24.35
CA LEU A 257 6.59 39.10 23.60
C LEU A 257 5.43 39.62 24.45
N ASP A 258 4.70 40.56 23.88
CA ASP A 258 3.54 41.16 24.53
C ASP A 258 2.31 40.26 24.36
N GLU A 259 2.14 39.76 23.15
CA GLU A 259 1.02 38.90 22.79
C GLU A 259 1.43 37.98 21.65
N GLY A 260 0.58 37.02 21.33
CA GLY A 260 0.82 36.09 20.25
C GLY A 260 -0.34 36.25 19.29
N ARG A 261 -0.07 36.71 18.08
CA ARG A 261 -1.11 36.92 17.06
C ARG A 261 -1.21 35.76 16.08
N ALA A 262 -2.34 35.68 15.40
CA ALA A 262 -2.58 34.62 14.42
C ALA A 262 -1.46 34.58 13.38
N GLY A 263 -1.01 33.36 13.08
CA GLY A 263 0.04 33.16 12.10
C GLY A 263 1.46 33.13 12.63
N GLU A 264 1.65 33.64 13.85
CA GLU A 264 2.98 33.67 14.44
C GLU A 264 3.33 32.37 15.12
N ASN A 265 4.62 32.06 15.16
CA ASN A 265 5.09 30.85 15.83
C ASN A 265 5.59 31.29 17.20
N VAL A 266 5.00 30.71 18.25
CA VAL A 266 5.35 31.09 19.60
C VAL A 266 5.39 29.93 20.60
N GLY A 267 5.76 30.27 21.82
CA GLY A 267 5.79 29.32 22.91
C GLY A 267 4.94 30.00 23.97
N VAL A 268 3.92 29.32 24.47
CA VAL A 268 3.03 29.90 25.46
C VAL A 268 3.34 29.35 26.84
N LEU A 269 3.71 30.25 27.75
CA LEU A 269 4.03 29.88 29.11
C LEU A 269 2.75 29.70 29.90
N LEU A 270 2.65 28.60 30.62
CA LEU A 270 1.45 28.30 31.39
C LEU A 270 1.59 28.27 32.92
N ARG A 271 0.49 28.63 33.57
CA ARG A 271 0.40 28.69 35.04
C ARG A 271 -0.07 27.38 35.67
N GLY A 272 0.70 26.90 36.63
CA GLY A 272 0.35 25.68 37.35
C GLY A 272 0.11 24.42 36.54
N ILE A 273 0.64 24.37 35.31
CA ILE A 273 0.47 23.20 34.49
C ILE A 273 1.78 22.43 34.42
N LYS A 274 1.72 21.17 34.82
CA LYS A 274 2.90 20.32 34.81
C LYS A 274 3.26 19.93 33.39
N ARG A 275 4.52 19.56 33.18
CA ARG A 275 5.02 19.17 31.88
C ARG A 275 4.18 18.05 31.27
N GLU A 276 3.98 16.99 32.04
CA GLU A 276 3.23 15.82 31.58
C GLU A 276 1.71 15.98 31.55
N GLU A 277 1.22 17.18 31.83
CA GLU A 277 -0.22 17.42 31.82
C GLU A 277 -0.67 17.94 30.46
N ILE A 278 0.27 18.08 29.53
CA ILE A 278 0.00 18.56 28.17
C ILE A 278 0.77 17.70 27.19
N GLU A 279 0.26 17.59 25.97
CA GLU A 279 0.92 16.79 24.95
C GLU A 279 0.62 17.26 23.53
N ARG A 280 1.42 16.81 22.58
CA ARG A 280 1.25 17.17 21.17
C ARG A 280 -0.13 16.72 20.70
N GLY A 281 -0.78 17.55 19.91
CA GLY A 281 -2.09 17.19 19.41
C GLY A 281 -3.19 17.88 20.18
N GLN A 282 -2.89 18.27 21.41
CA GLN A 282 -3.86 18.99 22.21
C GLN A 282 -3.94 20.40 21.64
N VAL A 283 -4.90 21.20 22.10
CA VAL A 283 -5.06 22.53 21.58
C VAL A 283 -5.22 23.58 22.70
N LEU A 284 -4.71 24.78 22.46
CA LEU A 284 -4.84 25.90 23.40
C LEU A 284 -5.93 26.76 22.79
N ALA A 285 -6.80 27.33 23.60
CA ALA A 285 -7.86 28.14 23.04
C ALA A 285 -8.61 28.97 24.05
N LYS A 286 -9.24 30.04 23.58
CA LYS A 286 -10.04 30.90 24.44
C LYS A 286 -11.09 30.00 25.08
N PRO A 287 -11.25 30.07 26.42
CA PRO A 287 -12.23 29.23 27.08
C PRO A 287 -13.66 29.23 26.51
N GLY A 288 -14.19 28.02 26.34
CA GLY A 288 -15.54 27.82 25.82
C GLY A 288 -15.76 28.06 24.35
N THR A 289 -14.71 27.96 23.53
CA THR A 289 -14.82 28.19 22.09
C THR A 289 -14.50 26.98 21.19
N ILE A 290 -14.10 25.86 21.79
CA ILE A 290 -13.76 24.68 21.02
C ILE A 290 -14.06 23.45 21.90
N LYS A 291 -14.52 22.36 21.28
CA LYS A 291 -14.85 21.14 22.02
C LYS A 291 -14.20 19.91 21.40
N PRO A 292 -13.86 18.92 22.23
CA PRO A 292 -13.26 17.69 21.71
C PRO A 292 -14.39 16.78 21.25
N HIS A 293 -14.15 16.03 20.17
CA HIS A 293 -15.17 15.12 19.66
C HIS A 293 -14.54 13.82 19.19
N THR A 294 -15.35 12.77 19.18
CA THR A 294 -14.91 11.45 18.79
C THR A 294 -15.53 10.94 17.48
N LYS A 295 -16.83 11.16 17.30
CA LYS A 295 -17.52 10.68 16.12
C LYS A 295 -17.99 11.83 15.27
N PHE A 296 -17.87 11.67 13.96
CA PHE A 296 -18.28 12.70 13.02
C PHE A 296 -18.56 12.13 11.64
N GLU A 297 -19.11 12.97 10.78
CA GLU A 297 -19.42 12.61 9.41
C GLU A 297 -18.46 13.48 8.60
N SER A 298 -17.91 12.92 7.53
CA SER A 298 -16.96 13.66 6.70
C SER A 298 -17.03 13.43 5.20
N GLU A 299 -16.45 14.38 4.47
CA GLU A 299 -16.32 14.31 3.02
C GLU A 299 -14.85 13.96 2.94
N VAL A 300 -14.55 12.85 2.27
CA VAL A 300 -13.18 12.39 2.16
C VAL A 300 -12.76 12.12 0.73
N TYR A 301 -11.49 12.37 0.44
CA TYR A 301 -10.91 12.10 -0.88
C TYR A 301 -9.66 11.26 -0.65
N ILE A 302 -9.60 10.11 -1.32
CA ILE A 302 -8.49 9.17 -1.22
C ILE A 302 -7.63 9.36 -2.48
N LEU A 303 -6.35 9.68 -2.29
CA LEU A 303 -5.44 9.91 -3.42
C LEU A 303 -5.28 8.72 -4.34
N SER A 304 -4.85 8.97 -5.56
CA SER A 304 -4.64 7.90 -6.53
C SER A 304 -3.17 7.50 -6.47
N LYS A 305 -2.84 6.40 -7.12
CA LYS A 305 -1.47 5.91 -7.15
C LYS A 305 -0.53 7.00 -7.67
N ASP A 306 -0.95 7.69 -8.72
CA ASP A 306 -0.16 8.75 -9.34
C ASP A 306 -0.01 10.02 -8.52
N GLU A 307 -0.77 10.13 -7.42
CA GLU A 307 -0.71 11.30 -6.55
C GLU A 307 0.09 10.93 -5.29
N GLY A 308 0.63 9.72 -5.28
CA GLY A 308 1.42 9.26 -4.16
C GLY A 308 0.64 8.47 -3.12
N GLY A 309 -0.60 8.10 -3.44
CA GLY A 309 -1.42 7.37 -2.48
C GLY A 309 -1.45 5.87 -2.67
N ARG A 310 -2.49 5.23 -2.14
CA ARG A 310 -2.65 3.79 -2.21
C ARG A 310 -2.65 3.29 -3.64
N HIS A 311 -2.31 2.02 -3.82
CA HIS A 311 -2.28 1.39 -5.13
C HIS A 311 -3.51 0.49 -5.27
N THR A 312 -4.03 0.06 -4.12
CA THR A 312 -5.14 -0.86 -4.05
C THR A 312 -6.32 -0.26 -3.27
N PRO A 313 -7.53 -0.84 -3.44
CA PRO A 313 -8.71 -0.34 -2.74
C PRO A 313 -8.79 -0.84 -1.31
N PHE A 314 -9.47 -0.09 -0.46
CA PHE A 314 -9.63 -0.51 0.93
C PHE A 314 -11.11 -0.82 1.15
N PHE A 315 -11.39 -1.59 2.19
CA PHE A 315 -12.75 -2.00 2.49
C PHE A 315 -13.28 -1.58 3.87
N LYS A 316 -14.36 -2.20 4.32
CA LYS A 316 -15.02 -1.89 5.60
C LYS A 316 -14.16 -1.82 6.87
N GLY A 317 -13.17 -2.70 6.99
CA GLY A 317 -12.33 -2.75 8.18
C GLY A 317 -11.08 -1.88 8.22
N TYR A 318 -11.02 -0.92 7.32
CA TYR A 318 -9.89 -0.01 7.22
C TYR A 318 -9.91 0.90 8.43
N ARG A 319 -8.79 0.97 9.13
CA ARG A 319 -8.66 1.84 10.30
C ARG A 319 -7.35 2.60 10.25
N PRO A 320 -7.31 3.69 9.48
CA PRO A 320 -6.12 4.54 9.32
C PRO A 320 -6.07 5.54 10.45
N GLN A 321 -5.13 6.48 10.36
CA GLN A 321 -5.02 7.51 11.37
C GLN A 321 -5.49 8.79 10.73
N PHE A 322 -6.14 9.61 11.54
CA PHE A 322 -6.65 10.88 11.10
C PHE A 322 -5.76 11.93 11.72
N TYR A 323 -5.03 12.61 10.85
CA TYR A 323 -4.12 13.65 11.28
C TYR A 323 -4.87 14.94 11.51
N PHE A 324 -5.08 15.28 12.77
CA PHE A 324 -5.77 16.51 13.12
C PHE A 324 -4.76 17.54 13.60
N ARG A 325 -4.55 18.55 12.75
CA ARG A 325 -3.62 19.64 13.03
C ARG A 325 -2.18 19.24 13.27
N THR A 326 -1.89 18.61 14.41
CA THR A 326 -0.52 18.23 14.74
C THR A 326 -0.33 16.81 15.18
N THR A 327 -1.36 15.98 15.09
CA THR A 327 -1.20 14.60 15.50
C THR A 327 -2.23 13.65 14.89
N ASP A 328 -1.86 12.38 14.88
CA ASP A 328 -2.67 11.28 14.35
C ASP A 328 -3.56 10.70 15.42
N VAL A 329 -4.78 10.32 15.03
CA VAL A 329 -5.73 9.69 15.92
C VAL A 329 -6.37 8.56 15.11
N THR A 330 -6.09 7.32 15.50
CA THR A 330 -6.65 6.17 14.81
C THR A 330 -8.18 6.20 14.94
N GLY A 331 -8.86 5.67 13.93
CA GLY A 331 -10.31 5.62 13.98
C GLY A 331 -10.85 4.55 13.07
N THR A 332 -12.09 4.14 13.29
CA THR A 332 -12.70 3.15 12.42
C THR A 332 -13.66 3.91 11.53
N ILE A 333 -14.03 3.31 10.42
CA ILE A 333 -14.91 3.98 9.49
C ILE A 333 -16.19 3.21 9.22
N GLU A 334 -17.19 3.97 8.78
CA GLU A 334 -18.50 3.46 8.42
C GLU A 334 -18.70 4.06 7.04
N LEU A 335 -18.95 3.20 6.05
CA LEU A 335 -19.16 3.65 4.67
C LEU A 335 -20.66 3.75 4.35
N PRO A 336 -21.02 4.57 3.35
CA PRO A 336 -22.44 4.72 2.97
C PRO A 336 -23.05 3.37 2.63
N GLU A 337 -24.36 3.24 2.74
CA GLU A 337 -24.99 1.96 2.43
C GLU A 337 -24.77 1.66 0.96
N GLY A 338 -24.50 0.39 0.68
CA GLY A 338 -24.26 -0.03 -0.69
C GLY A 338 -22.79 0.09 -1.05
N VAL A 339 -22.06 0.96 -0.34
CA VAL A 339 -20.65 1.15 -0.61
C VAL A 339 -19.81 0.17 0.24
N GLU A 340 -19.09 -0.72 -0.43
CA GLU A 340 -18.27 -1.71 0.26
C GLU A 340 -16.78 -1.67 -0.08
N MET A 341 -16.41 -0.83 -1.05
CA MET A 341 -15.03 -0.71 -1.49
C MET A 341 -14.73 0.71 -1.93
N VAL A 342 -13.55 1.21 -1.55
CA VAL A 342 -13.10 2.56 -1.92
C VAL A 342 -11.77 2.43 -2.68
N MET A 343 -11.72 2.97 -3.89
CA MET A 343 -10.52 2.89 -4.72
C MET A 343 -9.72 4.19 -4.64
N PRO A 344 -8.41 4.11 -4.94
CA PRO A 344 -7.60 5.33 -4.89
C PRO A 344 -8.22 6.26 -5.92
N GLY A 345 -8.40 7.52 -5.56
CA GLY A 345 -8.99 8.50 -6.46
C GLY A 345 -10.45 8.79 -6.16
N ASP A 346 -11.04 8.05 -5.22
CA ASP A 346 -12.44 8.23 -4.88
C ASP A 346 -12.75 9.32 -3.88
N ASN A 347 -13.95 9.89 -4.04
CA ASN A 347 -14.49 10.90 -3.12
C ASN A 347 -15.49 10.03 -2.36
N ILE A 348 -15.60 10.21 -1.05
CA ILE A 348 -16.55 9.41 -0.30
C ILE A 348 -16.88 10.03 1.03
N LYS A 349 -18.13 9.89 1.43
CA LYS A 349 -18.60 10.39 2.71
C LYS A 349 -18.44 9.22 3.67
N MET A 350 -18.03 9.48 4.90
CA MET A 350 -17.87 8.40 5.86
C MET A 350 -18.02 8.90 7.29
N VAL A 351 -18.54 8.04 8.14
CA VAL A 351 -18.73 8.37 9.54
C VAL A 351 -17.54 7.78 10.27
N VAL A 352 -16.67 8.66 10.73
CA VAL A 352 -15.48 8.25 11.44
C VAL A 352 -15.71 8.18 12.94
N THR A 353 -15.08 7.23 13.60
CA THR A 353 -15.16 7.07 15.05
C THR A 353 -13.73 6.96 15.58
N LEU A 354 -13.21 8.06 16.11
CA LEU A 354 -11.85 8.11 16.66
C LEU A 354 -11.72 7.29 17.93
N ILE A 355 -10.51 6.79 18.18
CA ILE A 355 -10.27 5.99 19.39
C ILE A 355 -10.17 6.86 20.64
N HIS A 356 -10.07 8.17 20.46
CA HIS A 356 -10.07 9.11 21.56
C HIS A 356 -10.44 10.46 20.97
N PRO A 357 -11.04 11.34 21.78
CA PRO A 357 -11.44 12.65 21.27
C PRO A 357 -10.30 13.59 20.90
N ILE A 358 -10.60 14.50 19.99
CA ILE A 358 -9.65 15.48 19.51
C ILE A 358 -10.49 16.74 19.22
N ALA A 359 -9.97 17.91 19.55
CA ALA A 359 -10.70 19.16 19.33
C ALA A 359 -11.07 19.30 17.86
N MET A 360 -12.34 19.54 17.59
CA MET A 360 -12.80 19.69 16.21
C MET A 360 -14.18 20.32 16.13
N ASP A 361 -14.55 20.71 14.92
CA ASP A 361 -15.85 21.30 14.63
C ASP A 361 -16.01 21.21 13.13
N ASP A 362 -17.25 21.35 12.67
CA ASP A 362 -17.57 21.30 11.26
C ASP A 362 -16.63 22.25 10.52
N GLY A 363 -16.05 21.77 9.42
CA GLY A 363 -15.15 22.59 8.63
C GLY A 363 -13.68 22.24 8.82
N LEU A 364 -13.34 21.59 9.93
CA LEU A 364 -11.97 21.22 10.23
C LEU A 364 -11.46 20.20 9.25
N ARG A 365 -10.38 20.53 8.54
CA ARG A 365 -9.76 19.64 7.58
C ARG A 365 -8.86 18.64 8.32
N PHE A 366 -8.51 17.53 7.66
CA PHE A 366 -7.62 16.54 8.25
C PHE A 366 -7.02 15.68 7.16
N ALA A 367 -5.97 14.94 7.48
CA ALA A 367 -5.33 14.04 6.53
C ALA A 367 -5.52 12.62 7.02
N ILE A 368 -5.60 11.68 6.09
CA ILE A 368 -5.78 10.28 6.43
C ILE A 368 -4.40 9.64 6.15
N ARG A 369 -3.86 8.89 7.10
CA ARG A 369 -2.54 8.28 6.93
C ARG A 369 -2.47 6.81 7.30
N GLU A 370 -1.44 6.15 6.78
CA GLU A 370 -1.18 4.74 7.06
C GLU A 370 0.31 4.72 7.34
N GLY A 371 0.72 4.06 8.41
CA GLY A 371 2.14 4.01 8.73
C GLY A 371 2.86 5.33 8.57
N GLY A 372 2.18 6.44 8.87
CA GLY A 372 2.80 7.75 8.77
C GLY A 372 2.72 8.51 7.45
N ARG A 373 2.20 7.87 6.40
CA ARG A 373 2.09 8.53 5.11
C ARG A 373 0.66 8.94 4.79
N THR A 374 0.50 10.12 4.18
CA THR A 374 -0.82 10.60 3.81
C THR A 374 -1.32 9.90 2.56
N VAL A 375 -2.47 9.24 2.70
CA VAL A 375 -3.07 8.54 1.58
C VAL A 375 -4.39 9.22 1.18
N GLY A 376 -4.78 10.26 1.91
CA GLY A 376 -6.02 10.95 1.60
C GLY A 376 -6.22 12.20 2.44
N ALA A 377 -7.33 12.88 2.22
CA ALA A 377 -7.65 14.10 2.95
C ALA A 377 -9.16 14.17 3.14
N GLY A 378 -9.59 14.95 4.12
CA GLY A 378 -11.01 15.09 4.39
C GLY A 378 -11.35 16.36 5.16
N VAL A 379 -12.65 16.55 5.39
CA VAL A 379 -13.15 17.70 6.13
C VAL A 379 -14.30 17.23 7.02
N VAL A 380 -14.23 17.63 8.29
CA VAL A 380 -15.25 17.30 9.25
C VAL A 380 -16.52 17.97 8.76
N ALA A 381 -17.52 17.18 8.40
CA ALA A 381 -18.77 17.72 7.87
C ALA A 381 -19.85 17.94 8.92
N LYS A 382 -19.99 17.01 9.86
CA LYS A 382 -21.01 17.13 10.88
C LYS A 382 -20.53 16.38 12.10
N VAL A 383 -20.44 17.08 13.22
CA VAL A 383 -19.99 16.45 14.45
C VAL A 383 -21.13 15.65 15.06
N LEU A 384 -20.88 14.38 15.39
CA LEU A 384 -21.92 13.54 15.95
C LEU A 384 -21.82 13.32 17.45
N SER A 385 -20.60 13.08 17.95
CA SER A 385 -20.39 12.84 19.37
C SER A 385 -19.00 13.38 19.75
N ALA B 1 -54.53 31.23 -31.35
CA ALA B 1 -54.78 31.76 -29.98
C ALA B 1 -53.63 32.68 -29.61
N GLU B 2 -53.88 33.65 -28.73
CA GLU B 2 -52.85 34.58 -28.31
C GLU B 2 -51.79 33.83 -27.50
N ILE B 3 -50.52 34.10 -27.77
CA ILE B 3 -49.44 33.43 -27.05
C ILE B 3 -49.04 34.33 -25.89
N THR B 4 -49.41 33.91 -24.69
CA THR B 4 -49.12 34.66 -23.48
C THR B 4 -48.10 33.93 -22.62
N ALA B 5 -47.41 34.67 -21.76
CA ALA B 5 -46.41 34.09 -20.86
C ALA B 5 -46.99 32.88 -20.14
N SER B 6 -48.27 33.00 -19.80
CA SER B 6 -48.98 31.95 -19.11
C SER B 6 -49.03 30.67 -19.98
N LEU B 7 -49.17 30.86 -21.27
CA LEU B 7 -49.25 29.74 -22.20
C LEU B 7 -47.87 29.13 -22.43
N VAL B 8 -46.85 29.98 -22.50
CA VAL B 8 -45.47 29.50 -22.69
C VAL B 8 -45.10 28.62 -21.51
N LYS B 9 -45.46 29.09 -20.32
CA LYS B 9 -45.19 28.36 -19.08
C LYS B 9 -45.86 27.00 -19.13
N GLU B 10 -47.04 26.95 -19.74
CA GLU B 10 -47.80 25.72 -19.87
C GLU B 10 -47.02 24.67 -20.67
N LEU B 11 -46.42 25.10 -21.77
CA LEU B 11 -45.65 24.22 -22.64
C LEU B 11 -44.28 23.90 -22.02
N ARG B 12 -43.66 24.87 -21.36
CA ARG B 12 -42.38 24.62 -20.74
C ARG B 12 -42.56 23.61 -19.60
N GLU B 13 -43.55 23.85 -18.74
CA GLU B 13 -43.81 22.96 -17.61
C GLU B 13 -44.41 21.62 -18.06
N ARG B 14 -44.40 21.39 -19.37
CA ARG B 14 -44.93 20.17 -19.94
C ARG B 14 -43.85 19.52 -20.79
N THR B 15 -42.92 20.33 -21.27
CA THR B 15 -41.83 19.88 -22.13
C THR B 15 -40.44 19.90 -21.47
N GLY B 16 -40.17 20.97 -20.75
CA GLY B 16 -38.87 21.14 -20.11
C GLY B 16 -37.93 21.84 -21.09
N ALA B 17 -38.47 22.30 -22.21
CA ALA B 17 -37.70 22.99 -23.22
C ALA B 17 -37.45 24.44 -22.82
N GLY B 18 -36.49 25.06 -23.50
CA GLY B 18 -36.14 26.44 -23.21
C GLY B 18 -37.33 27.36 -23.34
N MET B 19 -37.35 28.38 -22.50
CA MET B 19 -38.43 29.36 -22.47
C MET B 19 -38.72 29.90 -23.86
N MET B 20 -37.67 30.38 -24.52
CA MET B 20 -37.82 30.93 -25.87
C MET B 20 -38.18 29.90 -26.93
N ASP B 21 -37.69 28.68 -26.79
CA ASP B 21 -38.00 27.62 -27.74
C ASP B 21 -39.50 27.32 -27.67
N CYS B 22 -40.05 27.45 -26.47
CA CYS B 22 -41.48 27.23 -26.26
C CYS B 22 -42.22 28.38 -26.92
N LYS B 23 -41.83 29.61 -26.57
CA LYS B 23 -42.44 30.82 -27.11
C LYS B 23 -42.51 30.79 -28.65
N LYS B 24 -41.39 30.51 -29.30
CA LYS B 24 -41.32 30.45 -30.75
C LYS B 24 -42.20 29.35 -31.35
N ALA B 25 -42.18 28.17 -30.74
CA ALA B 25 -42.98 27.06 -31.22
C ALA B 25 -44.48 27.28 -31.07
N LEU B 26 -44.89 27.90 -29.96
CA LEU B 26 -46.30 28.19 -29.72
C LEU B 26 -46.80 29.23 -30.69
N THR B 27 -46.02 30.30 -30.86
CA THR B 27 -46.37 31.37 -31.76
C THR B 27 -46.64 30.86 -33.17
N GLU B 28 -45.77 29.97 -33.64
CA GLU B 28 -45.90 29.41 -34.98
C GLU B 28 -47.00 28.33 -35.05
N ALA B 29 -47.27 27.70 -33.91
CA ALA B 29 -48.31 26.67 -33.80
C ALA B 29 -49.63 27.37 -33.51
N ASN B 30 -49.54 28.70 -33.38
CA ASN B 30 -50.66 29.58 -33.08
C ASN B 30 -51.44 29.22 -31.81
N GLY B 31 -50.69 28.84 -30.77
CA GLY B 31 -51.30 28.51 -29.50
C GLY B 31 -51.57 27.04 -29.30
N ASP B 32 -51.47 26.25 -30.37
CA ASP B 32 -51.70 24.81 -30.30
C ASP B 32 -50.50 24.12 -29.63
N ILE B 33 -50.64 23.78 -28.35
CA ILE B 33 -49.58 23.15 -27.59
C ILE B 33 -49.11 21.85 -28.20
N GLU B 34 -50.05 21.02 -28.62
CA GLU B 34 -49.70 19.73 -29.22
C GLU B 34 -48.93 19.88 -30.53
N LEU B 35 -49.29 20.90 -31.30
CA LEU B 35 -48.64 21.17 -32.55
C LEU B 35 -47.24 21.72 -32.24
N ALA B 36 -47.16 22.65 -31.26
CA ALA B 36 -45.90 23.25 -30.83
C ALA B 36 -44.94 22.16 -30.36
N ILE B 37 -45.47 21.14 -29.70
CA ILE B 37 -44.66 20.02 -29.24
C ILE B 37 -44.08 19.29 -30.47
N GLU B 38 -44.87 19.22 -31.53
CA GLU B 38 -44.46 18.56 -32.77
C GLU B 38 -43.43 19.40 -33.54
N ASN B 39 -43.61 20.72 -33.51
CA ASN B 39 -42.68 21.63 -34.17
C ASN B 39 -41.33 21.43 -33.54
N MET B 40 -41.31 21.49 -32.20
CA MET B 40 -40.08 21.32 -31.45
C MET B 40 -39.35 20.03 -31.76
N ARG B 41 -40.07 19.00 -32.19
CA ARG B 41 -39.44 17.74 -32.55
C ARG B 41 -38.56 17.99 -33.75
N LYS B 42 -39.11 18.65 -34.76
CA LYS B 42 -38.38 18.97 -35.99
C LYS B 42 -37.15 19.82 -35.70
N SER B 43 -37.35 20.92 -34.99
CA SER B 43 -36.27 21.83 -34.66
C SER B 43 -35.28 21.22 -33.66
N GLY B 44 -35.76 20.24 -32.89
CA GLY B 44 -34.91 19.59 -31.90
C GLY B 44 -33.78 18.80 -32.52
N ALA B 45 -34.07 18.10 -33.62
CA ALA B 45 -33.05 17.31 -34.31
C ALA B 45 -31.90 18.20 -34.74
N ILE B 46 -32.21 19.46 -35.05
CA ILE B 46 -31.19 20.43 -35.48
C ILE B 46 -30.35 20.90 -34.30
N LYS B 47 -30.98 21.04 -33.15
CA LYS B 47 -30.27 21.46 -31.93
C LYS B 47 -29.35 20.32 -31.48
N ALA B 48 -29.84 19.09 -31.55
CA ALA B 48 -29.05 17.93 -31.16
C ALA B 48 -27.87 17.77 -32.10
N ALA B 49 -28.08 18.08 -33.38
CA ALA B 49 -27.03 17.97 -34.40
C ALA B 49 -25.91 18.94 -34.11
N LYS B 50 -26.30 20.11 -33.62
CA LYS B 50 -25.36 21.17 -33.27
C LYS B 50 -24.48 20.71 -32.12
N LYS B 51 -25.10 20.12 -31.10
CA LYS B 51 -24.39 19.64 -29.92
C LYS B 51 -23.59 18.36 -30.20
N ALA B 52 -24.00 17.65 -31.25
CA ALA B 52 -23.38 16.39 -31.67
C ALA B 52 -21.88 16.39 -31.83
N GLY B 53 -21.28 17.56 -32.03
CA GLY B 53 -19.84 17.64 -32.21
C GLY B 53 -19.04 17.84 -30.93
N ASN B 54 -19.74 18.08 -29.82
CA ASN B 54 -19.10 18.29 -28.52
C ASN B 54 -18.69 16.96 -27.92
N VAL B 55 -17.57 16.93 -27.21
CA VAL B 55 -17.11 15.69 -26.61
C VAL B 55 -17.93 15.38 -25.36
N ALA B 56 -18.50 14.19 -25.36
CA ALA B 56 -19.29 13.67 -24.27
C ALA B 56 -18.46 12.53 -23.68
N ALA B 57 -17.59 12.87 -22.73
CA ALA B 57 -16.72 11.88 -22.10
C ALA B 57 -17.24 11.47 -20.72
N ASP B 58 -18.23 12.20 -20.23
CA ASP B 58 -18.82 11.87 -18.94
C ASP B 58 -20.05 10.99 -19.19
N GLY B 59 -20.74 10.60 -18.13
CA GLY B 59 -21.91 9.76 -18.28
C GLY B 59 -22.03 8.69 -17.23
N VAL B 60 -22.64 7.57 -17.58
CA VAL B 60 -22.82 6.46 -16.65
C VAL B 60 -22.66 5.11 -17.33
N ILE B 61 -22.40 4.09 -16.51
CA ILE B 61 -22.33 2.72 -16.99
C ILE B 61 -23.50 2.11 -16.23
N LYS B 62 -24.34 1.36 -16.94
CA LYS B 62 -25.49 0.70 -16.35
C LYS B 62 -25.37 -0.79 -16.59
N THR B 63 -25.89 -1.59 -15.67
CA THR B 63 -25.87 -3.04 -15.78
C THR B 63 -27.17 -3.60 -15.26
N LYS B 64 -27.70 -4.61 -15.95
CA LYS B 64 -28.93 -5.25 -15.51
C LYS B 64 -28.84 -6.72 -15.89
N ILE B 65 -29.28 -7.57 -14.97
CA ILE B 65 -29.26 -9.00 -15.19
C ILE B 65 -30.68 -9.54 -15.23
N ASP B 66 -30.87 -10.56 -16.06
CA ASP B 66 -32.17 -11.20 -16.24
C ASP B 66 -31.91 -12.70 -16.43
N GLY B 67 -31.86 -13.42 -15.33
CA GLY B 67 -31.62 -14.84 -15.40
C GLY B 67 -30.22 -15.12 -15.90
N ASN B 68 -30.14 -15.72 -17.09
CA ASN B 68 -28.86 -16.09 -17.71
C ASN B 68 -28.42 -15.10 -18.76
N TYR B 69 -28.95 -13.89 -18.71
CA TYR B 69 -28.59 -12.89 -19.69
C TYR B 69 -28.36 -11.58 -18.96
N GLY B 70 -27.20 -10.99 -19.20
CA GLY B 70 -26.85 -9.72 -18.56
C GLY B 70 -26.44 -8.69 -19.59
N ILE B 71 -26.75 -7.43 -19.31
CA ILE B 71 -26.43 -6.32 -20.20
C ILE B 71 -25.66 -5.24 -19.48
N ILE B 72 -24.62 -4.74 -20.14
CA ILE B 72 -23.83 -3.64 -19.59
C ILE B 72 -23.91 -2.59 -20.69
N LEU B 73 -24.06 -1.32 -20.30
CA LEU B 73 -24.23 -0.25 -21.27
C LEU B 73 -23.55 1.06 -20.86
N GLU B 74 -23.15 1.86 -21.84
CA GLU B 74 -22.55 3.16 -21.56
C GLU B 74 -23.30 4.26 -22.32
N VAL B 75 -23.79 5.24 -21.57
CA VAL B 75 -24.49 6.40 -22.12
C VAL B 75 -23.73 7.63 -21.66
N ASN B 76 -23.27 8.41 -22.63
CA ASN B 76 -22.47 9.59 -22.35
C ASN B 76 -23.16 10.95 -22.43
N CYS B 77 -22.59 11.89 -21.68
CA CYS B 77 -23.05 13.27 -21.64
C CYS B 77 -21.78 14.11 -21.45
N GLN B 78 -21.90 15.42 -21.39
CA GLN B 78 -20.71 16.25 -21.22
C GLN B 78 -20.24 16.43 -19.77
N THR B 79 -21.16 16.68 -18.85
CA THR B 79 -20.83 16.90 -17.44
C THR B 79 -21.50 15.90 -16.49
N ASP B 80 -20.93 15.74 -15.30
CA ASP B 80 -21.48 14.83 -14.30
C ASP B 80 -22.79 15.33 -13.70
N PHE B 81 -22.95 16.65 -13.65
CA PHE B 81 -24.17 17.25 -13.13
C PHE B 81 -25.32 16.65 -13.92
N VAL B 82 -25.11 16.44 -15.22
CA VAL B 82 -26.15 15.84 -16.05
C VAL B 82 -26.23 14.32 -15.87
N ALA B 83 -25.10 13.69 -15.61
CA ALA B 83 -25.07 12.26 -15.42
C ALA B 83 -25.88 11.94 -14.17
N LYS B 84 -25.87 12.86 -13.21
CA LYS B 84 -26.59 12.69 -11.95
C LYS B 84 -28.04 13.19 -12.09
N ASP B 85 -28.41 13.64 -13.27
CA ASP B 85 -29.74 14.16 -13.52
C ASP B 85 -30.76 13.05 -13.68
N ALA B 86 -31.93 13.21 -13.05
CA ALA B 86 -33.02 12.23 -13.10
C ALA B 86 -33.49 11.94 -14.51
N GLY B 87 -33.61 12.97 -15.33
CA GLY B 87 -34.03 12.79 -16.70
C GLY B 87 -33.03 11.94 -17.46
N PHE B 88 -31.75 12.20 -17.24
CA PHE B 88 -30.67 11.46 -17.88
C PHE B 88 -30.71 10.02 -17.39
N GLN B 89 -30.89 9.85 -16.07
CA GLN B 89 -30.98 8.52 -15.43
C GLN B 89 -32.14 7.75 -16.03
N ALA B 90 -33.29 8.44 -16.11
CA ALA B 90 -34.52 7.89 -16.67
C ALA B 90 -34.27 7.42 -18.11
N PHE B 91 -33.53 8.21 -18.88
CA PHE B 91 -33.18 7.86 -20.27
C PHE B 91 -32.27 6.62 -20.32
N ALA B 92 -31.16 6.67 -19.61
CA ALA B 92 -30.24 5.54 -19.58
C ALA B 92 -30.91 4.25 -19.06
N ASP B 93 -31.74 4.38 -18.04
CA ASP B 93 -32.44 3.22 -17.48
C ASP B 93 -33.41 2.59 -18.47
N LYS B 94 -34.07 3.43 -19.25
CA LYS B 94 -35.03 2.97 -20.25
C LYS B 94 -34.30 2.24 -21.39
N VAL B 95 -33.11 2.74 -21.75
CA VAL B 95 -32.28 2.14 -22.80
C VAL B 95 -31.78 0.78 -22.31
N LEU B 96 -31.41 0.74 -21.03
CA LEU B 96 -30.93 -0.48 -20.37
C LEU B 96 -32.02 -1.57 -20.36
N ASP B 97 -33.21 -1.22 -19.87
CA ASP B 97 -34.34 -2.15 -19.81
C ASP B 97 -34.65 -2.73 -21.18
N ALA B 98 -34.77 -1.87 -22.18
CA ALA B 98 -35.07 -2.30 -23.54
C ALA B 98 -34.01 -3.26 -24.08
N ALA B 99 -32.75 -3.02 -23.74
CA ALA B 99 -31.65 -3.86 -24.21
C ALA B 99 -31.72 -5.25 -23.59
N VAL B 100 -32.15 -5.32 -22.33
CA VAL B 100 -32.29 -6.60 -21.64
C VAL B 100 -33.53 -7.32 -22.19
N ALA B 101 -34.63 -6.57 -22.25
CA ALA B 101 -35.90 -7.10 -22.73
C ALA B 101 -35.82 -7.71 -24.10
N GLY B 102 -35.20 -6.99 -25.04
CA GLY B 102 -35.07 -7.47 -26.39
C GLY B 102 -33.75 -8.14 -26.74
N LYS B 103 -32.87 -8.33 -25.76
CA LYS B 103 -31.56 -8.94 -25.99
C LYS B 103 -30.83 -8.24 -27.14
N ILE B 104 -30.72 -6.92 -27.03
CA ILE B 104 -30.08 -6.08 -28.04
C ILE B 104 -28.60 -5.80 -27.77
N THR B 105 -27.72 -6.43 -28.53
CA THR B 105 -26.28 -6.23 -28.35
C THR B 105 -25.67 -5.35 -29.44
N ASP B 106 -26.46 -5.05 -30.47
CA ASP B 106 -26.02 -4.20 -31.57
C ASP B 106 -26.38 -2.77 -31.19
N VAL B 107 -25.37 -1.98 -30.84
CA VAL B 107 -25.60 -0.61 -30.43
C VAL B 107 -26.28 0.25 -31.49
N GLU B 108 -26.13 -0.14 -32.75
CA GLU B 108 -26.74 0.60 -33.85
C GLU B 108 -28.28 0.50 -33.75
N VAL B 109 -28.77 -0.70 -33.46
CA VAL B 109 -30.21 -0.95 -33.32
C VAL B 109 -30.77 -0.20 -32.12
N LEU B 110 -30.02 -0.22 -31.04
CA LEU B 110 -30.41 0.45 -29.81
C LEU B 110 -30.47 1.96 -30.06
N LYS B 111 -29.43 2.48 -30.72
CA LYS B 111 -29.36 3.90 -31.06
C LYS B 111 -30.56 4.28 -31.90
N ALA B 112 -30.82 3.49 -32.95
CA ALA B 112 -31.94 3.74 -33.86
C ALA B 112 -33.27 3.79 -33.13
N GLN B 113 -33.45 2.89 -32.18
CA GLN B 113 -34.69 2.80 -31.42
C GLN B 113 -34.93 3.99 -30.49
N PHE B 114 -33.86 4.56 -29.95
CA PHE B 114 -33.96 5.68 -29.01
C PHE B 114 -33.57 7.05 -29.54
N GLU B 115 -33.34 7.14 -30.85
CA GLU B 115 -32.94 8.40 -31.48
C GLU B 115 -33.89 9.58 -31.21
N GLU B 116 -35.20 9.38 -31.41
CA GLU B 116 -36.17 10.44 -31.19
C GLU B 116 -36.11 10.95 -29.74
N GLU B 117 -36.20 10.03 -28.79
CA GLU B 117 -36.12 10.36 -27.37
C GLU B 117 -34.81 11.06 -27.00
N ARG B 118 -33.70 10.55 -27.54
CA ARG B 118 -32.38 11.13 -27.28
C ARG B 118 -32.34 12.57 -27.74
N VAL B 119 -32.92 12.84 -28.91
CA VAL B 119 -32.97 14.19 -29.47
C VAL B 119 -33.83 15.11 -28.61
N ALA B 120 -34.94 14.58 -28.09
CA ALA B 120 -35.82 15.35 -27.24
C ALA B 120 -35.07 15.73 -25.95
N LEU B 121 -34.43 14.74 -25.33
CA LEU B 121 -33.65 14.96 -24.10
C LEU B 121 -32.53 15.97 -24.33
N VAL B 122 -31.76 15.76 -25.40
CA VAL B 122 -30.66 16.67 -25.73
C VAL B 122 -31.23 18.09 -25.87
N ALA B 123 -32.39 18.20 -26.51
CA ALA B 123 -33.01 19.51 -26.70
C ALA B 123 -33.43 20.20 -25.40
N LYS B 124 -33.63 19.43 -24.34
CA LYS B 124 -34.01 20.04 -23.06
C LYS B 124 -32.87 20.07 -22.04
N ILE B 125 -31.82 19.30 -22.29
CA ILE B 125 -30.66 19.26 -21.39
C ILE B 125 -29.50 20.12 -21.92
N GLY B 126 -29.44 20.29 -23.23
CA GLY B 126 -28.41 21.11 -23.84
C GLY B 126 -26.99 20.61 -23.76
N GLU B 127 -26.85 19.29 -23.82
CA GLU B 127 -25.54 18.68 -23.78
C GLU B 127 -25.60 17.51 -24.74
N ASN B 128 -24.46 17.16 -25.31
CA ASN B 128 -24.41 16.03 -26.22
C ASN B 128 -24.61 14.78 -25.37
N ILE B 129 -25.59 13.97 -25.76
CA ILE B 129 -25.94 12.70 -25.11
C ILE B 129 -25.78 11.63 -26.19
N ASN B 130 -25.12 10.52 -25.88
CA ASN B 130 -24.89 9.49 -26.88
C ASN B 130 -24.90 8.07 -26.26
N ILE B 131 -25.63 7.15 -26.88
CA ILE B 131 -25.66 5.76 -26.42
C ILE B 131 -24.41 5.21 -27.10
N ARG B 132 -23.35 5.10 -26.33
CA ARG B 132 -22.06 4.69 -26.86
C ARG B 132 -21.81 3.22 -27.16
N ARG B 133 -22.13 2.35 -26.23
CA ARG B 133 -21.89 0.94 -26.44
C ARG B 133 -22.74 0.11 -25.51
N VAL B 134 -22.86 -1.17 -25.84
CA VAL B 134 -23.65 -2.12 -25.08
C VAL B 134 -23.13 -3.51 -25.42
N ALA B 135 -23.17 -4.39 -24.45
CA ALA B 135 -22.72 -5.77 -24.66
C ALA B 135 -23.51 -6.68 -23.72
N ALA B 136 -23.58 -7.96 -24.06
CA ALA B 136 -24.29 -8.91 -23.22
C ALA B 136 -23.32 -9.95 -22.73
N LEU B 137 -23.56 -10.45 -21.51
CA LEU B 137 -22.75 -11.50 -20.95
C LEU B 137 -23.78 -12.57 -20.64
N GLU B 138 -23.48 -13.81 -21.01
CA GLU B 138 -24.37 -14.92 -20.75
C GLU B 138 -23.64 -15.96 -19.91
N GLY B 139 -24.37 -16.59 -18.99
CA GLY B 139 -23.76 -17.59 -18.15
C GLY B 139 -24.78 -18.31 -17.29
N ASP B 140 -24.28 -19.26 -16.51
CA ASP B 140 -25.11 -20.04 -15.61
C ASP B 140 -25.62 -19.14 -14.47
N VAL B 141 -24.69 -18.54 -13.73
CA VAL B 141 -24.99 -17.62 -12.62
C VAL B 141 -24.39 -16.27 -13.03
N LEU B 142 -25.21 -15.22 -13.03
CA LEU B 142 -24.76 -13.86 -13.40
C LEU B 142 -24.79 -12.88 -12.22
N GLY B 143 -23.75 -12.06 -12.13
CA GLY B 143 -23.63 -11.08 -11.07
C GLY B 143 -23.12 -9.76 -11.64
N SER B 144 -23.33 -8.68 -10.90
CA SER B 144 -22.89 -7.38 -11.35
C SER B 144 -22.40 -6.53 -10.21
N TYR B 145 -21.69 -5.49 -10.55
CA TYR B 145 -21.17 -4.58 -9.56
C TYR B 145 -21.00 -3.22 -10.24
N GLN B 146 -21.59 -2.21 -9.63
CA GLN B 146 -21.49 -0.83 -10.11
C GLN B 146 -20.69 -0.07 -9.10
N HIS B 147 -19.55 0.48 -9.51
CA HIS B 147 -18.74 1.27 -8.60
C HIS B 147 -19.13 2.70 -8.97
N GLY B 148 -20.23 3.16 -8.38
CA GLY B 148 -20.74 4.48 -8.72
C GLY B 148 -21.27 4.35 -10.14
N ALA B 149 -21.52 5.47 -10.80
CA ALA B 149 -22.02 5.43 -12.16
C ALA B 149 -20.85 5.18 -13.09
N ARG B 150 -19.66 5.35 -12.53
CA ARG B 150 -18.41 5.25 -13.26
C ARG B 150 -17.96 3.90 -13.80
N ILE B 151 -17.93 2.88 -12.96
CA ILE B 151 -17.49 1.58 -13.41
C ILE B 151 -18.60 0.58 -13.22
N GLY B 152 -18.81 -0.26 -14.23
CA GLY B 152 -19.84 -1.29 -14.17
C GLY B 152 -19.20 -2.61 -14.57
N VAL B 153 -19.59 -3.70 -13.93
CA VAL B 153 -19.01 -5.01 -14.22
C VAL B 153 -20.08 -6.10 -14.18
N LEU B 154 -19.98 -7.06 -15.10
CA LEU B 154 -20.88 -8.21 -15.16
C LEU B 154 -20.00 -9.44 -15.06
N VAL B 155 -20.42 -10.44 -14.28
CA VAL B 155 -19.65 -11.66 -14.09
C VAL B 155 -20.51 -12.93 -14.24
N ALA B 156 -19.98 -13.91 -14.96
CA ALA B 156 -20.65 -15.19 -15.13
C ALA B 156 -19.81 -16.22 -14.36
N ALA B 157 -20.46 -17.05 -13.56
CA ALA B 157 -19.74 -18.05 -12.78
C ALA B 157 -20.48 -19.38 -12.72
N LYS B 158 -19.83 -20.37 -12.12
CA LYS B 158 -20.38 -21.72 -11.99
C LYS B 158 -20.07 -22.22 -10.58
N GLY B 159 -21.12 -22.46 -9.79
CA GLY B 159 -20.96 -22.94 -8.43
C GLY B 159 -20.54 -21.88 -7.43
N ALA B 160 -20.80 -20.62 -7.79
CA ALA B 160 -20.46 -19.49 -6.95
C ALA B 160 -21.73 -18.78 -6.52
N ASP B 161 -21.82 -18.42 -5.25
CA ASP B 161 -22.99 -17.72 -4.75
C ASP B 161 -22.92 -16.21 -5.04
N GLU B 162 -24.04 -15.53 -4.79
CA GLU B 162 -24.19 -14.10 -5.01
C GLU B 162 -23.06 -13.25 -4.42
N GLU B 163 -22.65 -13.62 -3.22
CA GLU B 163 -21.57 -12.90 -2.53
C GLU B 163 -20.22 -13.11 -3.19
N LEU B 164 -19.92 -14.33 -3.63
CA LEU B 164 -18.63 -14.61 -4.28
C LEU B 164 -18.60 -13.87 -5.61
N VAL B 165 -19.65 -14.07 -6.41
CA VAL B 165 -19.76 -13.41 -7.71
C VAL B 165 -19.61 -11.89 -7.56
N LYS B 166 -20.26 -11.33 -6.55
CA LYS B 166 -20.19 -9.90 -6.28
C LYS B 166 -18.76 -9.48 -5.96
N HIS B 167 -18.08 -10.27 -5.13
CA HIS B 167 -16.69 -9.98 -4.76
C HIS B 167 -15.75 -10.03 -5.95
N ILE B 168 -16.02 -10.97 -6.87
CA ILE B 168 -15.22 -11.11 -8.08
C ILE B 168 -15.47 -9.91 -8.97
N ALA B 169 -16.72 -9.46 -9.04
CA ALA B 169 -17.08 -8.30 -9.87
C ALA B 169 -16.42 -7.06 -9.26
N MET B 170 -16.22 -7.08 -7.95
CA MET B 170 -15.55 -5.99 -7.27
C MET B 170 -14.06 -6.04 -7.63
N HIS B 171 -13.50 -7.24 -7.70
CA HIS B 171 -12.10 -7.42 -8.08
C HIS B 171 -11.87 -6.98 -9.53
N VAL B 172 -12.73 -7.42 -10.44
CA VAL B 172 -12.62 -7.04 -11.84
C VAL B 172 -12.68 -5.52 -12.01
N ALA B 173 -13.56 -4.88 -11.24
CA ALA B 173 -13.70 -3.43 -11.29
C ALA B 173 -12.40 -2.75 -10.92
N ALA B 174 -11.77 -3.25 -9.87
CA ALA B 174 -10.52 -2.69 -9.37
C ALA B 174 -9.26 -3.06 -10.14
N SER B 175 -9.01 -4.35 -10.27
CA SER B 175 -7.82 -4.87 -10.93
C SER B 175 -7.76 -4.99 -12.45
N LYS B 176 -8.89 -4.78 -13.12
CA LYS B 176 -8.98 -4.81 -14.58
C LYS B 176 -8.36 -5.99 -15.34
N PRO B 177 -8.68 -7.25 -14.97
CA PRO B 177 -8.07 -8.34 -15.74
C PRO B 177 -8.65 -8.32 -17.18
N GLU B 178 -7.96 -8.96 -18.13
CA GLU B 178 -8.42 -9.00 -19.52
C GLU B 178 -8.63 -10.42 -20.02
N PHE B 179 -8.17 -11.40 -19.25
CA PHE B 179 -8.32 -12.82 -19.56
C PHE B 179 -8.87 -13.43 -18.30
N ILE B 180 -9.48 -14.61 -18.40
CA ILE B 180 -10.01 -15.27 -17.20
C ILE B 180 -8.90 -16.05 -16.55
N LYS B 181 -8.31 -16.99 -17.30
CA LYS B 181 -7.23 -17.82 -16.78
C LYS B 181 -5.94 -17.52 -17.53
N PRO B 182 -4.79 -17.65 -16.86
CA PRO B 182 -3.49 -17.38 -17.49
C PRO B 182 -3.29 -18.12 -18.82
N GLU B 183 -3.84 -19.33 -18.92
CA GLU B 183 -3.71 -20.12 -20.15
C GLU B 183 -4.54 -19.57 -21.30
N ASP B 184 -5.37 -18.57 -21.03
CA ASP B 184 -6.20 -17.98 -22.06
C ASP B 184 -5.43 -17.04 -22.97
N VAL B 185 -4.27 -16.60 -22.50
CA VAL B 185 -3.44 -15.70 -23.29
C VAL B 185 -2.76 -16.53 -24.40
N SER B 186 -3.02 -16.14 -25.65
CA SER B 186 -2.47 -16.85 -26.80
C SER B 186 -0.94 -16.87 -26.84
N ALA B 187 -0.40 -17.98 -27.33
CA ALA B 187 1.04 -18.16 -27.47
C ALA B 187 1.64 -17.09 -28.36
N GLU B 188 0.79 -16.53 -29.24
CA GLU B 188 1.19 -15.49 -30.16
C GLU B 188 1.53 -14.20 -29.43
N VAL B 189 0.68 -13.83 -28.46
CA VAL B 189 0.90 -12.61 -27.69
C VAL B 189 1.96 -12.81 -26.62
N VAL B 190 2.02 -14.01 -26.05
CA VAL B 190 3.03 -14.32 -25.05
C VAL B 190 4.41 -14.19 -25.70
N GLU B 191 4.52 -14.72 -26.93
CA GLU B 191 5.75 -14.67 -27.69
C GLU B 191 6.08 -13.22 -28.06
N LYS B 192 5.11 -12.49 -28.59
CA LYS B 192 5.30 -11.09 -28.95
C LYS B 192 5.83 -10.31 -27.76
N GLU B 193 5.17 -10.48 -26.61
CA GLU B 193 5.58 -9.80 -25.38
C GLU B 193 6.97 -10.24 -24.96
N TYR B 194 7.28 -11.51 -25.19
CA TYR B 194 8.60 -12.05 -24.85
C TYR B 194 9.66 -11.23 -25.60
N GLN B 195 9.42 -11.02 -26.89
CA GLN B 195 10.33 -10.25 -27.74
C GLN B 195 10.51 -8.82 -27.25
N VAL B 196 9.40 -8.16 -26.90
CA VAL B 196 9.46 -6.80 -26.37
C VAL B 196 10.37 -6.77 -25.14
N GLN B 197 10.08 -7.66 -24.18
CA GLN B 197 10.86 -7.77 -22.95
C GLN B 197 12.32 -8.06 -23.22
N LEU B 198 12.56 -9.00 -24.14
CA LEU B 198 13.92 -9.37 -24.50
C LEU B 198 14.68 -8.17 -25.06
N ASP B 199 14.02 -7.39 -25.93
CA ASP B 199 14.65 -6.20 -26.51
C ASP B 199 15.05 -5.17 -25.45
N ILE B 200 14.18 -4.95 -24.47
CA ILE B 200 14.46 -4.02 -23.39
C ILE B 200 15.61 -4.54 -22.52
N ALA B 201 15.61 -5.85 -22.26
CA ALA B 201 16.65 -6.47 -21.44
C ALA B 201 18.00 -6.36 -22.13
N MET B 202 18.04 -6.72 -23.42
CA MET B 202 19.27 -6.67 -24.21
C MET B 202 19.90 -5.30 -24.26
N GLN B 203 19.11 -4.27 -24.53
CA GLN B 203 19.64 -2.91 -24.59
C GLN B 203 20.16 -2.46 -23.22
N SER B 204 19.63 -3.06 -22.16
CA SER B 204 20.03 -2.75 -20.79
C SER B 204 21.48 -3.16 -20.50
N GLY B 205 22.14 -3.75 -21.50
CA GLY B 205 23.52 -4.17 -21.36
C GLY B 205 23.71 -5.61 -20.89
N LYS B 206 22.62 -6.24 -20.46
CA LYS B 206 22.65 -7.61 -19.99
C LYS B 206 23.21 -8.60 -21.01
N PRO B 207 24.11 -9.50 -20.57
CA PRO B 207 24.66 -10.49 -21.52
C PRO B 207 23.51 -11.43 -21.91
N LYS B 208 23.38 -11.66 -23.22
CA LYS B 208 22.33 -12.49 -23.82
C LYS B 208 21.77 -13.63 -22.97
N GLU B 209 22.61 -14.58 -22.58
CA GLU B 209 22.17 -15.72 -21.80
C GLU B 209 21.47 -15.35 -20.51
N ILE B 210 21.87 -14.24 -19.90
CA ILE B 210 21.25 -13.79 -18.65
C ILE B 210 19.94 -13.08 -18.99
N ALA B 211 19.98 -12.21 -19.98
CA ALA B 211 18.80 -11.46 -20.43
C ALA B 211 17.67 -12.39 -20.86
N GLU B 212 18.01 -13.51 -21.48
CA GLU B 212 17.01 -14.44 -21.95
C GLU B 212 16.35 -15.18 -20.79
N LYS B 213 17.17 -15.60 -19.83
CA LYS B 213 16.67 -16.32 -18.66
C LYS B 213 15.83 -15.40 -17.79
N MET B 214 16.15 -14.11 -17.79
CA MET B 214 15.41 -13.13 -17.02
C MET B 214 14.05 -12.86 -17.64
N VAL B 215 14.03 -12.71 -18.96
CA VAL B 215 12.79 -12.46 -19.67
C VAL B 215 11.89 -13.66 -19.47
N GLU B 216 12.49 -14.85 -19.53
CA GLU B 216 11.78 -16.09 -19.34
C GLU B 216 10.98 -16.07 -18.03
N GLY B 217 11.61 -15.59 -16.96
CA GLY B 217 10.94 -15.53 -15.67
C GLY B 217 9.81 -14.50 -15.62
N ARG B 218 9.99 -13.39 -16.33
CA ARG B 218 8.98 -12.34 -16.36
C ARG B 218 7.71 -12.73 -17.11
N MET B 219 7.80 -13.75 -17.97
CA MET B 219 6.64 -14.19 -18.73
C MET B 219 5.56 -14.82 -17.88
N LYS B 220 5.99 -15.53 -16.83
CA LYS B 220 5.05 -16.16 -15.94
C LYS B 220 4.19 -15.11 -15.24
N LYS B 221 4.79 -14.03 -14.76
CA LYS B 221 4.02 -12.99 -14.11
C LYS B 221 3.17 -12.23 -15.12
N PHE B 222 3.65 -12.16 -16.37
CA PHE B 222 2.91 -11.48 -17.42
C PHE B 222 1.50 -12.04 -17.56
N THR B 223 1.39 -13.36 -17.71
CA THR B 223 0.09 -13.98 -17.87
C THR B 223 -0.71 -13.98 -16.58
N GLY B 224 -0.02 -13.96 -15.45
CA GLY B 224 -0.70 -13.93 -14.16
C GLY B 224 -1.24 -12.55 -13.85
N GLU B 225 -0.63 -11.52 -14.43
CA GLU B 225 -1.06 -10.14 -14.22
C GLU B 225 -2.29 -9.79 -15.03
N VAL B 226 -2.38 -10.36 -16.24
CA VAL B 226 -3.49 -10.07 -17.14
C VAL B 226 -4.70 -10.97 -16.98
N SER B 227 -4.60 -12.00 -16.16
CA SER B 227 -5.70 -12.91 -15.99
C SER B 227 -6.39 -12.77 -14.63
N LEU B 228 -7.70 -12.96 -14.64
CA LEU B 228 -8.53 -12.86 -13.43
C LEU B 228 -8.03 -13.80 -12.34
N THR B 229 -7.91 -15.08 -12.67
CA THR B 229 -7.47 -16.07 -11.69
C THR B 229 -6.01 -15.98 -11.25
N GLY B 230 -5.19 -15.27 -12.02
CA GLY B 230 -3.79 -15.13 -11.69
C GLY B 230 -3.51 -13.92 -10.81
N GLN B 231 -4.46 -12.98 -10.76
CA GLN B 231 -4.30 -11.78 -9.96
C GLN B 231 -4.63 -12.04 -8.49
N PRO B 232 -4.10 -11.19 -7.57
CA PRO B 232 -4.30 -11.25 -6.11
C PRO B 232 -5.68 -10.74 -5.79
N PHE B 233 -6.45 -11.50 -5.04
CA PHE B 233 -7.80 -11.10 -4.66
C PHE B 233 -7.68 -9.75 -3.91
N VAL B 234 -8.39 -8.72 -4.39
CA VAL B 234 -8.33 -7.41 -3.76
C VAL B 234 -8.68 -7.40 -2.27
N MET B 235 -9.61 -8.27 -1.88
CA MET B 235 -10.02 -8.36 -0.48
C MET B 235 -9.04 -9.18 0.35
N GLU B 236 -8.15 -9.90 -0.33
CA GLU B 236 -7.10 -10.66 0.34
C GLU B 236 -5.95 -11.01 -0.62
N PRO B 237 -5.04 -10.04 -0.83
CA PRO B 237 -3.87 -10.13 -1.71
C PRO B 237 -2.99 -11.35 -1.48
N SER B 238 -3.07 -11.97 -0.31
CA SER B 238 -2.24 -13.14 -0.05
C SER B 238 -2.70 -14.37 -0.84
N LYS B 239 -3.78 -14.25 -1.60
CA LYS B 239 -4.29 -15.35 -2.40
C LYS B 239 -4.74 -14.82 -3.75
N THR B 240 -4.67 -15.65 -4.77
CA THR B 240 -5.08 -15.26 -6.10
C THR B 240 -6.58 -15.53 -6.20
N VAL B 241 -7.23 -15.00 -7.22
CA VAL B 241 -8.66 -15.24 -7.43
C VAL B 241 -8.91 -16.72 -7.77
N GLY B 242 -7.90 -17.39 -8.33
CA GLY B 242 -8.02 -18.79 -8.64
C GLY B 242 -8.12 -19.64 -7.37
N GLN B 243 -7.33 -19.28 -6.35
CA GLN B 243 -7.35 -20.00 -5.08
C GLN B 243 -8.68 -19.81 -4.38
N LEU B 244 -9.18 -18.58 -4.40
CA LEU B 244 -10.48 -18.25 -3.79
C LEU B 244 -11.59 -19.09 -4.44
N LEU B 245 -11.49 -19.29 -5.75
CA LEU B 245 -12.47 -20.07 -6.49
C LEU B 245 -12.34 -21.56 -6.19
N LYS B 246 -11.11 -22.06 -6.17
CA LYS B 246 -10.86 -23.46 -5.87
C LYS B 246 -11.42 -23.82 -4.51
N GLU B 247 -11.15 -22.97 -3.52
CA GLU B 247 -11.65 -23.21 -2.17
C GLU B 247 -13.17 -23.05 -2.05
N HIS B 248 -13.81 -22.74 -3.16
CA HIS B 248 -15.27 -22.57 -3.23
C HIS B 248 -15.86 -23.51 -4.26
N ASN B 249 -14.99 -24.23 -4.95
CA ASN B 249 -15.40 -25.16 -6.01
C ASN B 249 -16.27 -24.38 -6.98
N ALA B 250 -15.85 -23.14 -7.20
CA ALA B 250 -16.56 -22.24 -8.09
C ALA B 250 -15.66 -22.01 -9.30
N GLU B 251 -16.22 -21.44 -10.35
CA GLU B 251 -15.47 -21.19 -11.56
C GLU B 251 -16.00 -19.92 -12.20
N VAL B 252 -15.13 -19.19 -12.91
CA VAL B 252 -15.56 -17.98 -13.61
C VAL B 252 -15.57 -18.33 -15.08
N THR B 253 -16.70 -18.04 -15.70
CA THR B 253 -17.00 -18.30 -17.10
C THR B 253 -16.82 -17.07 -17.99
N GLY B 254 -16.90 -15.89 -17.39
CA GLY B 254 -16.72 -14.68 -18.17
C GLY B 254 -16.95 -13.47 -17.32
N PHE B 255 -16.59 -12.30 -17.85
CA PHE B 255 -16.79 -11.04 -17.14
C PHE B 255 -16.64 -9.90 -18.14
N ILE B 256 -17.28 -8.77 -17.86
CA ILE B 256 -17.16 -7.60 -18.73
C ILE B 256 -17.04 -6.39 -17.80
N ARG B 257 -16.12 -5.51 -18.13
CA ARG B 257 -15.92 -4.30 -17.36
C ARG B 257 -15.96 -3.10 -18.27
N PHE B 258 -16.84 -2.15 -17.94
CA PHE B 258 -16.97 -0.90 -18.68
C PHE B 258 -16.64 0.20 -17.68
N GLU B 259 -16.01 1.27 -18.16
CA GLU B 259 -15.72 2.42 -17.33
C GLU B 259 -16.01 3.62 -18.19
N VAL B 260 -16.73 4.59 -17.63
CA VAL B 260 -17.10 5.80 -18.35
C VAL B 260 -15.89 6.51 -18.99
N GLY B 261 -16.06 6.91 -20.25
CA GLY B 261 -14.99 7.61 -20.94
C GLY B 261 -13.83 6.82 -21.51
N GLU B 262 -13.75 5.52 -21.26
CA GLU B 262 -12.66 4.69 -21.78
C GLU B 262 -12.46 4.95 -23.27
N GLY B 263 -11.25 5.30 -23.67
CA GLY B 263 -10.97 5.54 -25.07
C GLY B 263 -11.40 6.91 -25.56
N ILE B 264 -11.72 7.83 -24.66
CA ILE B 264 -12.11 9.18 -25.03
C ILE B 264 -11.12 10.16 -24.41
N GLU B 265 -10.75 11.15 -25.21
CA GLU B 265 -9.78 12.21 -24.90
C GLU B 265 -9.51 12.75 -23.50
N LYS B 266 -10.54 13.21 -22.79
CA LYS B 266 -10.38 13.80 -21.45
C LYS B 266 -9.64 15.13 -21.66
N VAL B 267 -10.21 15.96 -22.54
CA VAL B 267 -9.68 17.27 -22.94
C VAL B 267 -8.86 18.18 -21.99
N GLU B 268 -9.48 18.59 -20.88
CA GLU B 268 -8.87 19.49 -19.90
C GLU B 268 -9.02 20.93 -20.38
N THR B 269 -9.60 21.77 -19.53
CA THR B 269 -9.82 23.17 -19.87
C THR B 269 -9.08 24.10 -18.93
N ASP B 270 -8.71 25.27 -19.43
CA ASP B 270 -8.02 26.28 -18.63
C ASP B 270 -8.96 27.48 -18.53
N PHE B 271 -9.70 27.55 -17.42
CA PHE B 271 -10.66 28.63 -17.19
C PHE B 271 -10.05 30.01 -17.38
N ALA B 272 -9.02 30.29 -16.58
CA ALA B 272 -8.32 31.59 -16.62
C ALA B 272 -7.94 31.99 -18.04
N ALA B 273 -7.33 31.08 -18.79
CA ALA B 273 -6.92 31.36 -20.16
C ALA B 273 -8.12 31.67 -21.02
N GLU B 274 -9.20 30.89 -20.84
CA GLU B 274 -10.41 31.09 -21.61
C GLU B 274 -11.02 32.46 -21.31
N VAL B 275 -10.98 32.86 -20.05
CA VAL B 275 -11.49 34.17 -19.67
C VAL B 275 -10.67 35.22 -20.38
N ALA B 276 -9.35 35.12 -20.28
CA ALA B 276 -8.42 36.07 -20.90
C ALA B 276 -8.61 36.15 -22.42
N ALA B 277 -8.84 34.98 -23.03
CA ALA B 277 -9.06 34.90 -24.47
C ALA B 277 -10.29 35.70 -24.88
N MET B 278 -11.17 35.94 -23.91
CA MET B 278 -12.38 36.69 -24.16
C MET B 278 -12.23 38.17 -23.79
N SER B 279 -11.29 38.47 -22.89
CA SER B 279 -11.07 39.84 -22.48
C SER B 279 -10.27 40.54 -23.59
N LYS B 280 -10.95 40.85 -24.69
CA LYS B 280 -10.31 41.49 -25.83
C LYS B 280 -10.22 43.01 -25.77
N GLN B 281 -11.25 43.69 -26.25
CA GLN B 281 -11.29 45.14 -26.30
C GLN B 281 -11.81 45.84 -25.05
N SER B 282 -12.95 46.50 -25.19
CA SER B 282 -13.60 47.25 -24.13
C SER B 282 -13.78 46.41 -22.86
N LYS C 1 1.21 -36.30 25.13
CA LYS C 1 2.58 -36.72 24.76
C LYS C 1 3.34 -35.47 24.35
N PRO C 2 4.48 -35.20 25.02
CA PRO C 2 5.32 -34.02 24.76
C PRO C 2 5.61 -33.79 23.28
N HIS C 3 5.70 -32.52 22.92
CA HIS C 3 5.98 -32.14 21.55
C HIS C 3 7.25 -31.34 21.50
N VAL C 4 8.23 -31.85 20.77
CA VAL C 4 9.50 -31.17 20.64
C VAL C 4 9.71 -30.88 19.16
N ASN C 5 10.14 -29.66 18.87
CA ASN C 5 10.41 -29.23 17.51
C ASN C 5 11.92 -29.28 17.35
N VAL C 6 12.39 -30.02 16.36
CA VAL C 6 13.82 -30.15 16.11
C VAL C 6 14.10 -29.80 14.66
N GLY C 7 15.37 -29.60 14.35
CA GLY C 7 15.75 -29.27 13.00
C GLY C 7 17.15 -29.73 12.71
N THR C 8 17.45 -29.88 11.42
CA THR C 8 18.78 -30.28 11.01
C THR C 8 19.52 -29.10 10.38
N ILE C 9 20.76 -28.91 10.81
CA ILE C 9 21.60 -27.85 10.29
C ILE C 9 22.92 -28.49 9.84
N GLY C 10 23.30 -28.30 8.57
CA GLY C 10 24.53 -28.89 8.10
C GLY C 10 24.85 -28.55 6.68
N HIS C 11 25.94 -29.14 6.18
CA HIS C 11 26.41 -28.94 4.82
C HIS C 11 25.47 -29.68 3.85
N VAL C 12 25.24 -29.06 2.70
CA VAL C 12 24.38 -29.64 1.65
C VAL C 12 24.68 -31.12 1.36
N ASP C 13 25.96 -31.47 1.26
CA ASP C 13 26.35 -32.84 0.95
C ASP C 13 26.67 -33.73 2.14
N HIS C 14 26.28 -33.34 3.35
CA HIS C 14 26.61 -34.16 4.52
C HIS C 14 25.56 -35.15 5.00
N GLY C 15 24.45 -35.25 4.26
CA GLY C 15 23.40 -36.21 4.59
C GLY C 15 22.39 -35.86 5.66
N LYS C 16 21.75 -34.70 5.54
CA LYS C 16 20.74 -34.29 6.51
C LYS C 16 19.41 -34.94 6.18
N THR C 17 19.05 -34.96 4.90
CA THR C 17 17.80 -35.56 4.45
C THR C 17 17.83 -37.07 4.61
N THR C 18 19.02 -37.63 4.43
CA THR C 18 19.21 -39.08 4.57
C THR C 18 19.06 -39.50 6.03
N LEU C 19 19.74 -38.79 6.92
CA LEU C 19 19.67 -39.10 8.35
C LEU C 19 18.21 -38.98 8.81
N THR C 20 17.52 -37.95 8.35
CA THR C 20 16.13 -37.71 8.74
C THR C 20 15.26 -38.88 8.26
N ALA C 21 15.62 -39.46 7.13
CA ALA C 21 14.88 -40.60 6.61
C ALA C 21 15.19 -41.79 7.52
N ALA C 22 16.46 -41.96 7.87
CA ALA C 22 16.88 -43.05 8.76
C ALA C 22 16.18 -42.95 10.11
N ILE C 23 15.89 -41.73 10.55
CA ILE C 23 15.23 -41.51 11.82
C ILE C 23 13.81 -42.06 11.80
N THR C 24 13.05 -41.71 10.76
CA THR C 24 11.68 -42.19 10.63
C THR C 24 11.63 -43.70 10.46
N THR C 25 12.34 -44.20 9.45
CA THR C 25 12.39 -45.64 9.17
C THR C 25 12.73 -46.46 10.42
N VAL C 26 13.82 -46.11 11.10
CA VAL C 26 14.25 -46.83 12.29
C VAL C 26 13.30 -46.69 13.49
N LEU C 27 12.79 -45.49 13.73
CA LEU C 27 11.87 -45.29 14.85
C LEU C 27 10.55 -46.01 14.61
N ALA C 28 10.15 -46.10 13.35
CA ALA C 28 8.91 -46.77 12.96
C ALA C 28 9.01 -48.28 13.22
N LYS C 29 9.98 -48.94 12.60
CA LYS C 29 10.15 -50.37 12.75
C LYS C 29 10.46 -50.83 14.17
N THR C 30 11.12 -49.95 14.93
CA THR C 30 11.49 -50.26 16.30
C THR C 30 10.37 -50.06 17.34
N TYR C 31 9.60 -48.99 17.18
CA TYR C 31 8.55 -48.68 18.14
C TYR C 31 7.11 -48.83 17.69
N GLY C 32 6.87 -48.94 16.38
CA GLY C 32 5.50 -49.10 15.94
C GLY C 32 5.15 -48.46 14.61
N GLY C 33 5.55 -49.11 13.52
CA GLY C 33 5.28 -48.59 12.20
C GLY C 33 5.99 -49.41 11.13
N ALA C 34 6.60 -50.45 11.47
N THR C 56 7.17 -23.92 4.55
CA THR C 56 8.31 -24.84 4.82
C THR C 56 7.72 -26.20 5.20
N SER C 57 8.09 -27.25 4.48
CA SER C 57 7.58 -28.58 4.78
C SER C 57 8.46 -29.22 5.84
N HIS C 58 7.86 -30.08 6.65
CA HIS C 58 8.57 -30.75 7.72
C HIS C 58 8.22 -32.23 7.74
N VAL C 59 8.84 -32.94 8.67
CA VAL C 59 8.63 -34.36 8.85
C VAL C 59 8.24 -34.58 10.33
N GLU C 60 7.73 -35.75 10.65
CA GLU C 60 7.33 -36.07 12.02
C GLU C 60 7.65 -37.52 12.32
N TYR C 61 7.95 -37.78 13.58
CA TYR C 61 8.26 -39.12 14.06
C TYR C 61 8.04 -39.14 15.57
N ASP C 62 7.99 -40.34 16.13
CA ASP C 62 7.75 -40.50 17.55
C ASP C 62 8.66 -41.52 18.19
N THR C 63 8.91 -41.32 19.47
CA THR C 63 9.68 -42.24 20.28
C THR C 63 8.61 -42.68 21.29
N PRO C 64 8.93 -43.62 22.19
CA PRO C 64 7.85 -44.00 23.12
C PRO C 64 7.47 -42.87 24.09
N THR C 65 8.29 -41.81 24.10
CA THR C 65 8.06 -40.69 25.01
C THR C 65 7.55 -39.41 24.37
N ARG C 66 8.07 -39.06 23.19
CA ARG C 66 7.67 -37.80 22.56
C ARG C 66 7.33 -37.84 21.09
N HIS C 67 6.73 -36.75 20.63
CA HIS C 67 6.38 -36.60 19.23
C HIS C 67 7.29 -35.48 18.76
N TYR C 68 7.86 -35.65 17.58
CA TYR C 68 8.77 -34.65 17.06
C TYR C 68 8.32 -34.06 15.73
N ALA C 69 8.50 -32.75 15.60
CA ALA C 69 8.22 -32.02 14.37
C ALA C 69 9.64 -31.63 13.95
N HIS C 70 10.09 -32.16 12.83
CA HIS C 70 11.45 -31.95 12.34
C HIS C 70 11.49 -31.11 11.07
N VAL C 71 12.22 -30.01 11.11
CA VAL C 71 12.37 -29.15 9.93
C VAL C 71 13.84 -29.11 9.51
N ASP C 72 14.09 -28.54 8.36
CA ASP C 72 15.45 -28.42 7.87
C ASP C 72 15.80 -26.94 7.80
N CYS C 73 17.06 -26.61 8.07
CA CYS C 73 17.54 -25.22 8.02
C CYS C 73 18.55 -25.08 6.87
N PRO C 74 18.06 -25.04 5.60
CA PRO C 74 18.94 -24.91 4.44
C PRO C 74 19.47 -23.49 4.21
N GLY C 75 18.80 -22.51 4.80
CA GLY C 75 19.22 -21.13 4.64
C GLY C 75 19.11 -20.35 5.92
N HIS C 76 20.05 -19.45 6.12
CA HIS C 76 20.09 -18.62 7.32
C HIS C 76 18.91 -17.65 7.33
N ALA C 77 18.84 -16.80 6.32
CA ALA C 77 17.76 -15.82 6.24
C ALA C 77 16.41 -16.53 6.19
N ASP C 78 16.38 -17.65 5.51
CA ASP C 78 15.17 -18.44 5.37
C ASP C 78 14.68 -18.92 6.72
N TYR C 79 15.56 -19.49 7.52
CA TYR C 79 15.16 -19.97 8.84
C TYR C 79 14.67 -18.82 9.70
N VAL C 80 15.43 -17.73 9.68
CA VAL C 80 15.09 -16.54 10.45
C VAL C 80 13.71 -16.04 10.10
N LYS C 81 13.40 -16.02 8.81
CA LYS C 81 12.09 -15.57 8.34
C LYS C 81 10.98 -16.44 8.93
N ASN C 82 11.13 -17.75 8.83
CA ASN C 82 10.12 -18.68 9.36
C ASN C 82 10.02 -18.53 10.88
N MET C 83 11.17 -18.45 11.55
CA MET C 83 11.18 -18.31 12.98
C MET C 83 10.42 -17.05 13.42
N ILE C 84 10.52 -15.98 12.63
CA ILE C 84 9.84 -14.73 12.93
C ILE C 84 8.34 -14.83 12.65
N THR C 85 7.98 -15.39 11.49
CA THR C 85 6.59 -15.55 11.09
C THR C 85 5.84 -16.59 11.92
N GLY C 86 6.48 -17.10 12.97
CA GLY C 86 5.85 -18.07 13.84
C GLY C 86 5.90 -19.52 13.38
N ALA C 87 6.67 -19.80 12.34
CA ALA C 87 6.77 -21.16 11.81
C ALA C 87 8.18 -21.78 11.94
N ALA C 88 8.64 -21.99 13.17
CA ALA C 88 9.95 -22.60 13.42
C ALA C 88 10.18 -23.00 14.88
N GLN C 89 10.60 -22.02 15.69
CA GLN C 89 10.88 -22.21 17.12
C GLN C 89 11.50 -23.53 17.54
N MET C 90 12.73 -23.78 17.08
CA MET C 90 13.42 -25.02 17.41
C MET C 90 13.71 -25.16 18.91
N ASP C 91 13.50 -26.36 19.43
CA ASP C 91 13.75 -26.66 20.84
C ASP C 91 15.13 -27.31 20.97
N GLY C 92 15.64 -27.81 19.85
CA GLY C 92 16.93 -28.46 19.80
C GLY C 92 17.30 -28.56 18.33
N ALA C 93 18.58 -28.62 18.03
CA ALA C 93 19.01 -28.73 16.64
C ALA C 93 19.98 -29.86 16.52
N ILE C 94 19.99 -30.49 15.35
CA ILE C 94 20.90 -31.58 15.11
C ILE C 94 21.91 -31.07 14.10
N LEU C 95 23.18 -30.99 14.50
CA LEU C 95 24.20 -30.55 13.55
C LEU C 95 24.69 -31.83 12.91
N VAL C 96 24.44 -31.96 11.61
CA VAL C 96 24.88 -33.14 10.89
C VAL C 96 26.23 -32.84 10.22
N VAL C 97 27.29 -33.48 10.71
CA VAL C 97 28.60 -33.31 10.14
C VAL C 97 29.10 -34.70 9.76
N ALA C 98 29.37 -34.89 8.48
CA ALA C 98 29.86 -36.18 7.99
C ALA C 98 31.32 -36.31 8.37
N ALA C 99 31.61 -37.33 9.17
CA ALA C 99 32.96 -37.63 9.66
C ALA C 99 33.99 -37.86 8.55
N THR C 100 33.49 -38.09 7.33
CA THR C 100 34.36 -38.30 6.18
C THR C 100 35.16 -37.02 5.89
N ASP C 101 34.56 -35.88 6.21
CA ASP C 101 35.20 -34.59 6.02
C ASP C 101 35.51 -33.92 7.35
N GLY C 102 34.49 -33.85 8.20
CA GLY C 102 34.65 -33.18 9.47
C GLY C 102 34.05 -31.79 9.24
N PRO C 103 34.29 -30.82 10.13
CA PRO C 103 33.72 -29.49 9.89
C PRO C 103 34.17 -28.80 8.60
N MET C 104 33.24 -28.09 7.97
CA MET C 104 33.48 -27.32 6.75
C MET C 104 33.64 -25.89 7.24
N PRO C 105 34.17 -24.98 6.41
CA PRO C 105 34.32 -23.60 6.90
C PRO C 105 32.97 -22.97 7.28
N GLN C 106 31.93 -23.31 6.53
CA GLN C 106 30.59 -22.78 6.77
C GLN C 106 29.91 -23.34 8.02
N THR C 107 30.54 -24.34 8.64
CA THR C 107 30.02 -24.94 9.87
C THR C 107 29.93 -23.83 10.94
N ARG C 108 30.82 -22.84 10.86
CA ARG C 108 30.80 -21.72 11.79
C ARG C 108 29.48 -20.99 11.61
N GLU C 109 29.06 -20.84 10.37
CA GLU C 109 27.82 -20.14 10.06
C GLU C 109 26.60 -20.96 10.45
N HIS C 110 26.72 -22.28 10.40
CA HIS C 110 25.64 -23.16 10.82
C HIS C 110 25.44 -22.97 12.33
N ILE C 111 26.54 -23.05 13.09
CA ILE C 111 26.49 -22.87 14.54
C ILE C 111 26.10 -21.44 14.92
N LEU C 112 26.60 -20.46 14.17
CA LEU C 112 26.30 -19.05 14.40
C LEU C 112 24.80 -18.76 14.26
N LEU C 113 24.13 -19.42 13.31
CA LEU C 113 22.68 -19.24 13.14
C LEU C 113 22.01 -19.77 14.40
N GLY C 114 22.47 -20.93 14.86
CA GLY C 114 21.95 -21.55 16.06
C GLY C 114 22.08 -20.59 17.23
N ARG C 115 23.19 -19.87 17.29
CA ARG C 115 23.43 -18.89 18.35
C ARG C 115 22.52 -17.68 18.18
N GLN C 116 22.44 -17.15 16.96
CA GLN C 116 21.63 -15.98 16.70
C GLN C 116 20.14 -16.15 17.00
N VAL C 117 19.54 -17.26 16.56
CA VAL C 117 18.12 -17.50 16.85
C VAL C 117 17.95 -18.03 18.28
N GLY C 118 19.09 -18.33 18.92
CA GLY C 118 19.08 -18.82 20.29
C GLY C 118 18.58 -20.24 20.45
N VAL C 119 18.95 -21.15 19.56
CA VAL C 119 18.52 -22.53 19.70
C VAL C 119 19.11 -23.01 21.02
N PRO C 120 18.25 -23.43 21.97
CA PRO C 120 18.71 -23.90 23.28
C PRO C 120 19.66 -25.09 23.34
N TYR C 121 19.47 -26.07 22.48
CA TYR C 121 20.33 -27.25 22.50
C TYR C 121 20.77 -27.66 21.11
N ILE C 122 21.96 -28.25 21.04
CA ILE C 122 22.51 -28.75 19.79
C ILE C 122 23.13 -30.13 20.05
N ILE C 123 22.70 -31.11 19.27
CA ILE C 123 23.22 -32.45 19.38
C ILE C 123 23.92 -32.63 18.06
N VAL C 124 25.02 -33.36 18.07
CA VAL C 124 25.73 -33.57 16.85
C VAL C 124 25.59 -35.01 16.39
N PHE C 125 25.45 -35.16 15.08
CA PHE C 125 25.37 -36.49 14.49
C PHE C 125 26.52 -36.56 13.48
N LEU C 126 27.51 -37.40 13.78
CA LEU C 126 28.64 -37.59 12.88
C LEU C 126 28.17 -38.62 11.88
N ASN C 127 27.98 -38.19 10.65
CA ASN C 127 27.50 -39.07 9.59
C ASN C 127 28.64 -39.70 8.81
N LYS C 128 28.29 -40.69 7.98
CA LYS C 128 29.27 -41.38 7.14
C LYS C 128 30.48 -41.91 7.94
N CYS C 129 30.25 -42.27 9.19
CA CYS C 129 31.31 -42.80 10.05
C CYS C 129 31.84 -44.14 9.54
N ASP C 130 31.02 -44.86 8.78
CA ASP C 130 31.41 -46.16 8.22
C ASP C 130 32.57 -46.06 7.22
N MET C 131 32.81 -44.84 6.72
CA MET C 131 33.87 -44.60 5.75
C MET C 131 35.17 -44.06 6.36
N VAL C 132 35.18 -43.84 7.66
CA VAL C 132 36.38 -43.34 8.32
C VAL C 132 37.16 -44.54 8.85
N ASP C 133 38.21 -44.91 8.13
CA ASP C 133 39.04 -46.06 8.49
C ASP C 133 39.98 -45.86 9.67
N ASP C 134 39.49 -45.27 10.75
CA ASP C 134 40.32 -45.02 11.93
C ASP C 134 39.52 -44.25 12.96
N GLU C 135 39.39 -44.81 14.17
CA GLU C 135 38.66 -44.14 15.25
C GLU C 135 39.40 -42.87 15.64
N GLU C 136 40.72 -42.90 15.49
CA GLU C 136 41.55 -41.74 15.81
C GLU C 136 41.13 -40.54 14.98
N LEU C 137 40.69 -40.80 13.75
CA LEU C 137 40.24 -39.73 12.86
C LEU C 137 38.87 -39.24 13.32
N LEU C 138 38.05 -40.15 13.83
CA LEU C 138 36.72 -39.80 14.35
C LEU C 138 36.93 -38.94 15.59
N GLU C 139 38.03 -39.22 16.29
CA GLU C 139 38.40 -38.48 17.48
C GLU C 139 38.69 -37.03 17.09
N LEU C 140 39.53 -36.84 16.09
CA LEU C 140 39.90 -35.51 15.60
C LEU C 140 38.68 -34.69 15.20
N VAL C 141 37.83 -35.26 14.34
CA VAL C 141 36.62 -34.58 13.89
C VAL C 141 35.82 -34.07 15.09
N GLU C 142 35.63 -34.93 16.08
CA GLU C 142 34.89 -34.57 17.28
C GLU C 142 35.50 -33.36 17.97
N MET C 143 36.80 -33.41 18.19
CA MET C 143 37.51 -32.32 18.88
C MET C 143 37.17 -30.98 18.22
N GLU C 144 37.21 -30.96 16.89
CA GLU C 144 36.92 -29.75 16.11
C GLU C 144 35.49 -29.27 16.30
N VAL C 145 34.54 -30.19 16.24
CA VAL C 145 33.13 -29.85 16.42
C VAL C 145 32.91 -29.23 17.80
N ARG C 146 33.41 -29.91 18.84
CA ARG C 146 33.23 -29.44 20.21
C ARG C 146 33.85 -28.06 20.43
N GLU C 147 34.96 -27.79 19.75
CA GLU C 147 35.64 -26.50 19.89
C GLU C 147 34.86 -25.38 19.21
N LEU C 148 34.27 -25.67 18.04
CA LEU C 148 33.49 -24.69 17.31
C LEU C 148 32.25 -24.31 18.12
N LEU C 149 31.62 -25.31 18.72
CA LEU C 149 30.42 -25.11 19.52
C LEU C 149 30.73 -24.21 20.72
N SER C 150 31.86 -24.47 21.37
CA SER C 150 32.26 -23.68 22.53
C SER C 150 32.51 -22.23 22.14
N GLN C 151 33.09 -22.02 20.96
CA GLN C 151 33.37 -20.67 20.44
C GLN C 151 32.11 -19.83 20.32
N TYR C 152 30.96 -20.49 20.18
CA TYR C 152 29.70 -19.80 20.07
C TYR C 152 28.87 -20.02 21.34
N ASP C 153 29.57 -20.40 22.40
CA ASP C 153 29.01 -20.67 23.71
C ASP C 153 28.03 -21.82 23.88
N PHE C 154 28.35 -22.93 23.24
CA PHE C 154 27.55 -24.14 23.34
C PHE C 154 28.47 -25.08 24.13
N PRO C 155 27.90 -25.98 24.95
CA PRO C 155 28.68 -26.92 25.75
C PRO C 155 29.36 -27.98 24.88
N GLY C 156 30.35 -27.55 24.13
CA GLY C 156 31.08 -28.45 23.25
C GLY C 156 31.43 -29.76 23.91
N ASP C 157 32.02 -29.70 25.11
CA ASP C 157 32.42 -30.91 25.82
C ASP C 157 31.30 -31.67 26.51
N ASP C 158 30.08 -31.12 26.47
CA ASP C 158 28.94 -31.77 27.08
C ASP C 158 27.93 -32.15 25.99
N THR C 159 28.20 -31.71 24.78
CA THR C 159 27.35 -31.95 23.63
C THR C 159 27.35 -33.41 23.18
N PRO C 160 26.17 -34.04 23.11
CA PRO C 160 26.06 -35.45 22.69
C PRO C 160 26.49 -35.53 21.23
N ILE C 161 27.46 -36.39 20.94
CA ILE C 161 27.93 -36.58 19.58
C ILE C 161 27.85 -38.05 19.25
N VAL C 162 26.89 -38.39 18.40
CA VAL C 162 26.65 -39.75 17.97
C VAL C 162 27.43 -40.06 16.70
N ARG C 163 28.19 -41.15 16.71
CA ARG C 163 28.96 -41.55 15.53
C ARG C 163 28.11 -42.54 14.76
N GLY C 164 27.33 -42.04 13.80
CA GLY C 164 26.47 -42.90 13.03
C GLY C 164 26.71 -42.89 11.55
N SER C 165 25.78 -43.53 10.82
CA SER C 165 25.82 -43.63 9.37
C SER C 165 24.38 -43.80 8.93
N ALA C 166 23.87 -42.82 8.19
CA ALA C 166 22.50 -42.83 7.71
C ALA C 166 22.25 -43.87 6.63
N LEU C 167 23.20 -44.03 5.71
CA LEU C 167 23.05 -45.00 4.61
C LEU C 167 22.99 -46.45 5.06
N LYS C 168 23.90 -46.85 5.93
CA LYS C 168 23.93 -48.21 6.44
C LYS C 168 22.67 -48.48 7.27
N ALA C 169 22.29 -47.51 8.10
CA ALA C 169 21.10 -47.62 8.94
C ALA C 169 19.89 -47.85 8.05
N LEU C 170 19.84 -47.10 6.97
CA LEU C 170 18.76 -47.19 5.98
C LEU C 170 18.85 -48.53 5.26
N GLU C 171 20.04 -49.11 5.24
CA GLU C 171 20.27 -50.40 4.61
C GLU C 171 19.89 -51.52 5.59
N GLY C 172 19.29 -51.14 6.71
CA GLY C 172 18.89 -52.11 7.71
C GLY C 172 20.02 -52.68 8.55
N ASP C 173 21.22 -52.12 8.40
CA ASP C 173 22.37 -52.59 9.17
C ASP C 173 22.16 -52.29 10.65
N ALA C 174 21.56 -53.24 11.36
CA ALA C 174 21.25 -53.13 12.78
C ALA C 174 22.34 -52.53 13.68
N GLU C 175 23.59 -52.55 13.21
CA GLU C 175 24.70 -51.99 13.99
C GLU C 175 24.59 -50.46 13.96
N TRP C 176 24.21 -49.94 12.80
CA TRP C 176 24.06 -48.51 12.59
C TRP C 176 22.69 -47.98 13.00
N GLU C 177 21.66 -48.81 12.86
CA GLU C 177 20.30 -48.41 13.26
C GLU C 177 20.35 -48.07 14.74
N ALA C 178 21.21 -48.77 15.47
CA ALA C 178 21.40 -48.57 16.89
C ALA C 178 21.85 -47.13 17.14
N LYS C 179 22.74 -46.65 16.27
CA LYS C 179 23.24 -45.30 16.38
C LYS C 179 22.12 -44.28 16.18
N ILE C 180 21.19 -44.59 15.27
CA ILE C 180 20.07 -43.70 15.02
C ILE C 180 19.24 -43.60 16.29
N LEU C 181 18.95 -44.73 16.93
CA LEU C 181 18.16 -44.71 18.15
C LEU C 181 18.91 -44.03 19.28
N GLU C 182 20.24 -44.02 19.19
CA GLU C 182 21.06 -43.36 20.20
C GLU C 182 20.80 -41.87 20.11
N LEU C 183 20.71 -41.38 18.88
CA LEU C 183 20.41 -39.98 18.60
C LEU C 183 19.03 -39.66 19.15
N ALA C 184 18.06 -40.53 18.84
CA ALA C 184 16.68 -40.38 19.31
C ALA C 184 16.67 -40.38 20.84
N GLY C 185 17.58 -41.13 21.45
CA GLY C 185 17.69 -41.18 22.88
C GLY C 185 18.09 -39.82 23.41
N PHE C 186 19.05 -39.19 22.74
CA PHE C 186 19.53 -37.88 23.15
C PHE C 186 18.49 -36.79 22.94
N LEU C 187 17.69 -36.92 21.89
CA LEU C 187 16.64 -35.96 21.64
C LEU C 187 15.70 -36.05 22.86
N ASP C 188 15.49 -37.27 23.34
CA ASP C 188 14.64 -37.55 24.50
C ASP C 188 15.24 -37.05 25.82
N SER C 189 16.56 -37.23 25.97
CA SER C 189 17.25 -36.83 27.19
C SER C 189 17.87 -35.44 27.21
N TYR C 190 18.73 -35.14 26.24
CA TYR C 190 19.40 -33.85 26.17
C TYR C 190 18.45 -32.67 26.10
N ILE C 191 17.41 -32.80 25.27
CA ILE C 191 16.44 -31.73 25.14
C ILE C 191 15.32 -32.03 26.15
N PRO C 192 15.13 -31.15 27.14
CA PRO C 192 14.07 -31.40 28.14
C PRO C 192 12.68 -31.10 27.58
N GLU C 193 11.65 -31.72 28.17
CA GLU C 193 10.27 -31.52 27.75
C GLU C 193 9.93 -30.03 27.77
N PRO C 194 9.49 -29.49 26.63
CA PRO C 194 9.12 -28.07 26.50
C PRO C 194 8.10 -27.69 27.60
N GLU C 195 8.30 -26.54 28.23
CA GLU C 195 7.39 -26.11 29.30
C GLU C 195 5.95 -25.95 28.82
N ARG C 196 5.03 -26.54 29.58
CA ARG C 196 3.62 -26.48 29.25
C ARG C 196 3.03 -25.12 29.63
N ALA C 197 2.05 -24.69 28.83
CA ALA C 197 1.37 -23.41 29.07
C ALA C 197 0.72 -23.38 30.44
N ILE C 198 0.07 -24.48 30.82
CA ILE C 198 -0.59 -24.58 32.12
C ILE C 198 0.42 -24.35 33.22
N ASP C 199 1.66 -24.77 32.97
CA ASP C 199 2.74 -24.63 33.93
C ASP C 199 3.27 -23.21 34.04
N LYS C 200 3.13 -22.44 32.96
CA LYS C 200 3.57 -21.06 32.95
C LYS C 200 2.62 -20.23 33.82
N PRO C 201 3.10 -19.14 34.41
CA PRO C 201 2.26 -18.27 35.26
C PRO C 201 1.07 -17.77 34.49
N PHE C 202 -0.04 -17.55 35.19
CA PHE C 202 -1.27 -17.09 34.57
C PHE C 202 -1.15 -15.74 33.87
N LEU C 203 -1.66 -15.71 32.65
CA LEU C 203 -1.70 -14.51 31.82
C LEU C 203 -2.90 -14.63 30.89
N LEU C 204 -3.63 -13.53 30.72
CA LEU C 204 -4.80 -13.48 29.85
C LEU C 204 -4.78 -12.15 29.09
N PRO C 205 -4.70 -12.23 27.75
CA PRO C 205 -4.68 -11.04 26.88
C PRO C 205 -6.13 -10.49 26.86
N ILE C 206 -6.32 -9.30 27.41
CA ILE C 206 -7.66 -8.72 27.50
C ILE C 206 -8.24 -8.23 26.19
N GLU C 207 -9.46 -8.67 25.92
CA GLU C 207 -10.17 -8.30 24.72
C GLU C 207 -11.28 -7.29 24.99
N ASP C 208 -12.41 -7.78 25.51
CA ASP C 208 -13.53 -6.90 25.80
C ASP C 208 -13.71 -6.77 27.29
N VAL C 209 -14.14 -5.60 27.74
CA VAL C 209 -14.34 -5.36 29.17
C VAL C 209 -15.74 -4.82 29.36
N PHE C 210 -16.59 -5.57 30.05
CA PHE C 210 -17.96 -5.15 30.30
C PHE C 210 -18.36 -5.41 31.75
N SER C 211 -19.40 -4.71 32.22
CA SER C 211 -19.87 -4.88 33.59
C SER C 211 -21.28 -5.48 33.66
N ILE C 212 -21.54 -6.23 34.73
CA ILE C 212 -22.85 -6.86 34.93
C ILE C 212 -23.73 -6.07 35.89
N SER C 213 -23.10 -5.38 36.84
CA SER C 213 -23.76 -4.58 37.87
C SER C 213 -24.16 -5.51 39.02
N GLY C 214 -24.87 -6.59 38.68
CA GLY C 214 -25.30 -7.55 39.68
C GLY C 214 -24.18 -8.13 40.52
N ARG C 215 -22.96 -8.09 39.99
CA ARG C 215 -21.81 -8.62 40.72
C ARG C 215 -20.49 -7.88 40.48
N GLY C 216 -20.12 -7.66 39.21
CA GLY C 216 -18.87 -6.95 38.97
C GLY C 216 -18.43 -6.79 37.52
N THR C 217 -17.23 -6.25 37.34
CA THR C 217 -16.66 -6.04 36.01
C THR C 217 -16.07 -7.33 35.48
N VAL C 218 -16.18 -7.53 34.17
CA VAL C 218 -15.70 -8.75 33.54
C VAL C 218 -14.82 -8.45 32.32
N VAL C 219 -13.64 -9.09 32.28
CA VAL C 219 -12.72 -8.92 31.16
C VAL C 219 -12.70 -10.24 30.41
N THR C 220 -12.90 -10.18 29.09
CA THR C 220 -12.95 -11.38 28.27
C THR C 220 -11.65 -11.64 27.54
N GLY C 221 -11.35 -12.93 27.37
CA GLY C 221 -10.13 -13.31 26.69
C GLY C 221 -9.89 -14.78 26.82
N ARG C 222 -8.87 -15.26 26.13
CA ARG C 222 -8.49 -16.66 26.17
C ARG C 222 -7.27 -16.71 27.10
N VAL C 223 -7.28 -17.62 28.05
CA VAL C 223 -6.16 -17.72 28.97
C VAL C 223 -4.94 -18.16 28.16
N GLU C 224 -3.94 -17.30 28.09
CA GLU C 224 -2.72 -17.60 27.33
C GLU C 224 -1.94 -18.71 28.00
N ARG C 225 -1.73 -18.56 29.31
CA ARG C 225 -0.98 -19.54 30.07
C ARG C 225 -1.39 -19.60 31.53
N GLY C 226 -1.22 -20.77 32.13
CA GLY C 226 -1.53 -20.98 33.53
C GLY C 226 -2.99 -21.18 33.88
N ILE C 227 -3.30 -20.97 35.16
CA ILE C 227 -4.65 -21.12 35.68
C ILE C 227 -5.02 -19.92 36.55
N ILE C 228 -6.28 -19.50 36.45
CA ILE C 228 -6.80 -18.41 37.27
C ILE C 228 -7.95 -19.03 38.07
N LYS C 229 -7.80 -19.07 39.39
CA LYS C 229 -8.84 -19.63 40.25
C LYS C 229 -9.55 -18.52 40.99
N VAL C 230 -10.83 -18.72 41.26
CA VAL C 230 -11.61 -17.72 41.98
C VAL C 230 -10.97 -17.50 43.34
N GLY C 231 -10.76 -16.23 43.68
CA GLY C 231 -10.13 -15.88 44.93
C GLY C 231 -8.74 -15.32 44.67
N GLU C 232 -8.08 -15.83 43.63
CA GLU C 232 -6.74 -15.39 43.26
C GLU C 232 -6.66 -13.92 42.91
N GLU C 233 -5.53 -13.31 43.25
CA GLU C 233 -5.27 -11.92 42.96
C GLU C 233 -4.58 -11.89 41.58
N VAL C 234 -4.70 -10.77 40.89
CA VAL C 234 -4.09 -10.62 39.57
C VAL C 234 -3.59 -9.19 39.37
N GLU C 235 -2.83 -9.01 38.31
CA GLU C 235 -2.29 -7.70 37.95
C GLU C 235 -2.71 -7.33 36.54
N ILE C 236 -3.06 -6.06 36.36
CA ILE C 236 -3.48 -5.50 35.09
C ILE C 236 -2.25 -4.75 34.58
N VAL C 237 -1.57 -5.34 33.59
CA VAL C 237 -0.35 -4.75 33.04
C VAL C 237 -0.51 -4.21 31.62
N GLY C 238 0.23 -3.15 31.30
CA GLY C 238 0.19 -2.56 29.98
C GLY C 238 -0.68 -1.34 29.77
N ILE C 239 -0.19 -0.41 28.96
CA ILE C 239 -0.90 0.83 28.61
C ILE C 239 -0.98 1.86 29.75
N LYS C 240 -1.40 1.41 30.93
CA LYS C 240 -1.51 2.28 32.10
C LYS C 240 -0.62 1.70 33.19
N GLU C 241 -0.55 2.37 34.33
CA GLU C 241 0.26 1.90 35.45
C GLU C 241 -0.34 0.57 35.91
N THR C 242 0.52 -0.41 36.21
CA THR C 242 0.05 -1.71 36.64
C THR C 242 -0.90 -1.57 37.82
N GLN C 243 -1.86 -2.48 37.90
CA GLN C 243 -2.85 -2.47 38.96
C GLN C 243 -3.04 -3.89 39.47
N LYS C 244 -3.58 -4.04 40.67
CA LYS C 244 -3.86 -5.36 41.25
C LYS C 244 -5.36 -5.42 41.49
N SER C 245 -5.91 -6.63 41.46
CA SER C 245 -7.34 -6.82 41.68
C SER C 245 -7.55 -8.27 42.06
N THR C 246 -8.78 -8.62 42.43
CA THR C 246 -9.05 -9.99 42.84
C THR C 246 -10.12 -10.65 41.98
N CYS C 247 -9.85 -11.90 41.60
CA CYS C 247 -10.74 -12.71 40.77
C CYS C 247 -12.01 -13.12 41.54
N THR C 248 -13.05 -12.32 41.37
CA THR C 248 -14.33 -12.56 42.01
C THR C 248 -15.23 -13.36 41.06
N GLY C 249 -14.72 -14.49 40.61
CA GLY C 249 -15.49 -15.34 39.71
C GLY C 249 -14.92 -15.50 38.31
N VAL C 250 -14.91 -16.74 37.82
CA VAL C 250 -14.40 -17.07 36.49
C VAL C 250 -15.55 -17.72 35.73
N GLU C 251 -15.99 -17.10 34.63
CA GLU C 251 -17.08 -17.68 33.85
C GLU C 251 -16.71 -17.93 32.40
N MET C 252 -17.19 -19.05 31.87
CA MET C 252 -16.92 -19.43 30.49
C MET C 252 -18.26 -19.36 29.74
N PHE C 253 -18.22 -19.66 28.44
CA PHE C 253 -19.41 -19.64 27.62
C PHE C 253 -20.47 -20.69 28.00
N ARG C 254 -21.61 -20.20 28.47
CA ARG C 254 -22.75 -21.03 28.85
C ARG C 254 -22.46 -22.01 29.99
N LYS C 255 -21.52 -21.64 30.86
CA LYS C 255 -21.14 -22.48 31.99
C LYS C 255 -20.17 -21.77 32.93
N LEU C 256 -20.55 -21.65 34.20
CA LEU C 256 -19.67 -21.01 35.17
C LEU C 256 -18.76 -22.06 35.76
N LEU C 257 -17.50 -21.70 35.98
CA LEU C 257 -16.53 -22.62 36.54
C LEU C 257 -15.75 -21.93 37.65
N ASP C 258 -14.84 -22.67 38.28
CA ASP C 258 -14.02 -22.14 39.36
C ASP C 258 -12.63 -21.70 38.93
N GLU C 259 -12.26 -22.01 37.68
CA GLU C 259 -10.95 -21.64 37.19
C GLU C 259 -10.84 -21.59 35.66
N GLY C 260 -10.05 -20.63 35.19
CA GLY C 260 -9.81 -20.48 33.77
C GLY C 260 -8.42 -21.05 33.55
N ARG C 261 -8.30 -22.01 32.64
CA ARG C 261 -7.01 -22.63 32.34
C ARG C 261 -6.53 -22.29 30.94
N ALA C 262 -5.26 -22.57 30.68
CA ALA C 262 -4.64 -22.30 29.39
C ALA C 262 -5.48 -22.82 28.22
N GLY C 263 -5.70 -21.95 27.24
CA GLY C 263 -6.47 -22.32 26.07
C GLY C 263 -7.95 -21.97 26.21
N GLU C 264 -8.48 -22.10 27.42
CA GLU C 264 -9.88 -21.81 27.65
C GLU C 264 -10.23 -20.33 27.46
N ASN C 265 -11.17 -20.09 26.55
CA ASN C 265 -11.63 -18.73 26.28
C ASN C 265 -12.61 -18.43 27.41
N VAL C 266 -12.25 -17.52 28.30
CA VAL C 266 -13.08 -17.19 29.45
C VAL C 266 -13.46 -15.71 29.57
N GLY C 267 -13.99 -15.38 30.75
CA GLY C 267 -14.40 -14.03 31.08
C GLY C 267 -14.12 -13.95 32.57
N VAL C 268 -13.12 -13.17 32.94
CA VAL C 268 -12.74 -13.04 34.34
C VAL C 268 -13.37 -11.84 35.05
N LEU C 269 -14.10 -12.15 36.13
CA LEU C 269 -14.77 -11.15 36.95
C LEU C 269 -13.81 -10.73 38.05
N LEU C 270 -13.63 -9.42 38.23
CA LEU C 270 -12.69 -8.90 39.22
C LEU C 270 -13.34 -8.24 40.43
N ARG C 271 -12.52 -7.75 41.36
CA ARG C 271 -13.04 -7.11 42.56
C ARG C 271 -12.82 -5.59 42.67
N GLY C 272 -13.93 -4.86 42.72
CA GLY C 272 -13.90 -3.41 42.87
C GLY C 272 -13.16 -2.56 41.86
N ILE C 273 -12.88 -3.12 40.68
CA ILE C 273 -12.16 -2.37 39.65
C ILE C 273 -13.12 -1.85 38.56
N LYS C 274 -13.23 -0.54 38.48
CA LYS C 274 -14.10 0.15 37.52
C LYS C 274 -13.74 -0.20 36.06
N ARG C 275 -14.76 -0.24 35.21
CA ARG C 275 -14.60 -0.58 33.79
C ARG C 275 -13.63 0.30 32.99
N GLU C 276 -13.72 1.62 33.20
CA GLU C 276 -12.85 2.55 32.49
C GLU C 276 -11.38 2.47 32.94
N GLU C 277 -11.10 1.53 33.84
CA GLU C 277 -9.74 1.33 34.35
C GLU C 277 -9.09 0.11 33.68
N ILE C 278 -9.89 -0.66 32.94
CA ILE C 278 -9.38 -1.84 32.26
C ILE C 278 -9.73 -1.74 30.78
N GLU C 279 -8.76 -1.98 29.91
CA GLU C 279 -8.99 -1.89 28.48
C GLU C 279 -8.31 -2.97 27.66
N ARG C 280 -8.82 -3.17 26.44
CA ARG C 280 -8.27 -4.14 25.51
C ARG C 280 -6.80 -3.81 25.35
N GLY C 281 -5.98 -4.85 25.19
CA GLY C 281 -4.56 -4.63 25.04
C GLY C 281 -3.85 -4.88 26.36
N GLN C 282 -4.50 -4.56 27.47
CA GLN C 282 -3.91 -4.79 28.79
C GLN C 282 -3.89 -6.29 29.02
N VAL C 283 -3.24 -6.73 30.08
CA VAL C 283 -3.15 -8.15 30.30
C VAL C 283 -3.32 -8.52 31.77
N LEU C 284 -4.02 -9.62 32.04
CA LEU C 284 -4.19 -10.11 33.40
C LEU C 284 -3.07 -11.09 33.61
N ALA C 285 -2.39 -11.01 34.74
CA ALA C 285 -1.31 -11.93 35.00
C ALA C 285 -1.03 -12.07 36.48
N LYS C 286 -0.39 -13.18 36.82
CA LYS C 286 0.00 -13.46 38.20
C LYS C 286 0.89 -12.30 38.64
N PRO C 287 0.54 -11.64 39.76
CA PRO C 287 1.34 -10.52 40.25
C PRO C 287 2.86 -10.75 40.23
N GLY C 288 3.55 -9.90 39.47
CA GLY C 288 5.00 -9.98 39.38
C GLY C 288 5.57 -10.72 38.19
N THR C 289 4.75 -11.54 37.54
CA THR C 289 5.21 -12.33 36.41
C THR C 289 5.47 -11.61 35.08
N ILE C 290 4.93 -10.41 34.91
CA ILE C 290 5.15 -9.68 33.67
C ILE C 290 5.14 -8.17 33.88
N LYS C 291 6.15 -7.50 33.31
CA LYS C 291 6.30 -6.06 33.44
C LYS C 291 6.08 -5.37 32.09
N PRO C 292 5.58 -4.12 32.11
CA PRO C 292 5.31 -3.36 30.89
C PRO C 292 6.56 -2.68 30.33
N HIS C 293 6.61 -2.52 29.00
CA HIS C 293 7.76 -1.89 28.36
C HIS C 293 7.35 -1.06 27.15
N THR C 294 8.21 -0.12 26.78
CA THR C 294 7.96 0.77 25.66
C THR C 294 8.97 0.53 24.53
N LYS C 295 10.22 0.29 24.89
CA LYS C 295 11.29 0.11 23.93
C LYS C 295 11.84 -1.30 23.95
N PHE C 296 12.21 -1.79 22.77
CA PHE C 296 12.74 -3.13 22.63
C PHE C 296 13.47 -3.25 21.29
N GLU C 297 14.28 -4.28 21.16
CA GLU C 297 15.02 -4.57 19.94
C GLU C 297 14.26 -5.77 19.40
N SER C 298 14.03 -5.81 18.10
CA SER C 298 13.27 -6.91 17.54
C SER C 298 13.78 -7.40 16.20
N GLU C 299 13.50 -8.66 15.92
CA GLU C 299 13.86 -9.27 14.67
C GLU C 299 12.54 -9.14 13.90
N VAL C 300 12.61 -8.55 12.72
CA VAL C 300 11.40 -8.30 11.92
C VAL C 300 11.43 -8.85 10.49
N TYR C 301 10.26 -9.27 10.02
CA TYR C 301 10.11 -9.76 8.66
C TYR C 301 8.97 -9.01 7.99
N ILE C 302 9.23 -8.43 6.83
CA ILE C 302 8.25 -7.68 6.06
C ILE C 302 7.70 -8.54 4.90
N LEU C 303 6.38 -8.67 4.82
CA LEU C 303 5.76 -9.48 3.80
C LEU C 303 6.00 -8.94 2.41
N SER C 304 6.17 -9.82 1.44
CA SER C 304 6.37 -9.42 0.08
C SER C 304 5.00 -9.11 -0.48
N LYS C 305 4.96 -8.50 -1.66
CA LYS C 305 3.70 -8.17 -2.30
C LYS C 305 2.89 -9.45 -2.49
N ASP C 306 3.54 -10.49 -3.01
CA ASP C 306 2.91 -11.79 -3.25
C ASP C 306 2.38 -12.45 -1.99
N GLU C 307 2.96 -12.12 -0.85
CA GLU C 307 2.49 -12.68 0.41
C GLU C 307 1.38 -11.80 0.97
N GLY C 308 0.99 -10.77 0.22
CA GLY C 308 -0.08 -9.89 0.66
C GLY C 308 0.37 -8.64 1.40
N GLY C 309 1.67 -8.35 1.37
CA GLY C 309 2.19 -7.18 2.06
C GLY C 309 2.27 -5.93 1.21
N ARG C 310 3.14 -5.00 1.62
CA ARG C 310 3.32 -3.75 0.91
C ARG C 310 3.75 -3.95 -0.54
N HIS C 311 3.44 -2.98 -1.38
CA HIS C 311 3.82 -3.03 -2.78
C HIS C 311 5.14 -2.29 -2.97
N THR C 312 5.40 -1.32 -2.10
CA THR C 312 6.59 -0.48 -2.15
C THR C 312 7.45 -0.57 -0.88
N PRO C 313 8.69 -0.06 -0.93
CA PRO C 313 9.52 -0.12 0.26
C PRO C 313 9.23 1.06 1.18
N PHE C 314 9.65 0.99 2.44
CA PHE C 314 9.47 2.10 3.34
C PHE C 314 10.84 2.55 3.79
N PHE C 315 10.91 3.75 4.34
CA PHE C 315 12.17 4.33 4.76
C PHE C 315 12.23 4.61 6.27
N LYS C 316 13.21 5.40 6.68
CA LYS C 316 13.41 5.73 8.09
C LYS C 316 12.22 6.25 8.91
N GLY C 317 11.40 7.12 8.32
CA GLY C 317 10.26 7.66 9.05
C GLY C 317 9.02 6.78 9.21
N TYR C 318 9.09 5.52 8.80
CA TYR C 318 7.96 4.59 8.90
C TYR C 318 7.46 4.52 10.33
N ARG C 319 6.16 4.76 10.51
CA ARG C 319 5.49 4.75 11.81
C ARG C 319 4.24 3.87 11.76
N PRO C 320 4.40 2.54 11.81
CA PRO C 320 3.27 1.61 11.76
C PRO C 320 2.75 1.30 13.16
N GLN C 321 1.88 0.30 13.24
CA GLN C 321 1.35 -0.14 14.51
C GLN C 321 1.89 -1.51 14.76
N PHE C 322 2.17 -1.78 16.02
CA PHE C 322 2.67 -3.06 16.45
C PHE C 322 1.54 -3.73 17.23
N TYR C 323 1.04 -4.83 16.68
CA TYR C 323 -0.06 -5.56 17.26
C TYR C 323 0.42 -6.60 18.24
N PHE C 324 0.24 -6.30 19.52
CA PHE C 324 0.64 -7.21 20.58
C PHE C 324 -0.57 -7.91 21.14
N ARG C 325 -0.67 -9.21 20.86
CA ARG C 325 -1.77 -10.05 21.32
C ARG C 325 -3.17 -9.63 20.88
N THR C 326 -3.66 -8.52 21.41
CA THR C 326 -5.01 -8.07 21.12
C THR C 326 -5.16 -6.63 20.66
N THR C 327 -4.06 -5.88 20.51
CA THR C 327 -4.23 -4.51 20.09
C THR C 327 -2.99 -3.86 19.47
N ASP C 328 -3.25 -2.82 18.69
CA ASP C 328 -2.21 -2.04 18.02
C ASP C 328 -1.67 -0.95 18.95
N VAL C 329 -0.36 -0.78 18.93
CA VAL C 329 0.29 0.27 19.70
C VAL C 329 1.22 0.90 18.67
N THR C 330 0.98 2.16 18.32
CA THR C 330 1.82 2.83 17.34
C THR C 330 3.26 2.85 17.85
N GLY C 331 4.20 2.89 16.92
CA GLY C 331 5.58 2.92 17.30
C GLY C 331 6.50 3.63 16.33
N THR C 332 7.60 4.07 16.91
CA THR C 332 8.66 4.75 16.18
C THR C 332 9.72 3.68 15.92
N ILE C 333 10.33 3.72 14.74
CA ILE C 333 11.33 2.74 14.35
C ILE C 333 12.75 3.28 14.17
N GLU C 334 13.70 2.53 14.70
CA GLU C 334 15.10 2.86 14.60
C GLU C 334 15.70 1.74 13.77
N LEU C 335 16.01 2.04 12.51
CA LEU C 335 16.59 1.06 11.59
C LEU C 335 18.09 0.98 11.86
N PRO C 336 18.73 -0.11 11.41
CA PRO C 336 20.17 -0.22 11.65
C PRO C 336 20.94 0.90 10.98
N GLU C 337 22.17 1.11 11.43
CA GLU C 337 23.02 2.13 10.85
C GLU C 337 23.26 1.72 9.41
N GLY C 338 23.23 2.68 8.51
CA GLY C 338 23.45 2.37 7.11
C GLY C 338 22.26 1.78 6.38
N VAL C 339 21.15 1.58 7.07
CA VAL C 339 19.94 1.04 6.42
C VAL C 339 18.94 2.18 6.31
N GLU C 340 18.48 2.48 5.10
CA GLU C 340 17.52 3.58 4.92
C GLU C 340 16.35 3.22 4.02
N MET C 341 16.24 1.94 3.70
CA MET C 341 15.17 1.43 2.88
C MET C 341 14.94 -0.02 3.21
N VAL C 342 13.69 -0.35 3.49
CA VAL C 342 13.28 -1.71 3.77
C VAL C 342 12.27 -2.07 2.69
N MET C 343 12.55 -3.15 1.99
CA MET C 343 11.69 -3.59 0.91
C MET C 343 10.83 -4.77 1.32
N PRO C 344 9.72 -5.00 0.60
CA PRO C 344 8.85 -6.13 0.92
C PRO C 344 9.65 -7.45 0.78
N GLY C 345 9.60 -8.30 1.80
CA GLY C 345 10.31 -9.57 1.78
C GLY C 345 11.60 -9.58 2.61
N ASP C 346 11.95 -8.43 3.17
CA ASP C 346 13.17 -8.27 3.95
C ASP C 346 13.04 -8.70 5.40
N ASN C 347 14.17 -9.15 5.94
CA ASN C 347 14.29 -9.51 7.35
C ASN C 347 15.08 -8.29 7.80
N ILE C 348 14.77 -7.75 8.98
CA ILE C 348 15.48 -6.58 9.46
C ILE C 348 15.34 -6.43 10.96
N LYS C 349 16.37 -5.89 11.59
CA LYS C 349 16.33 -5.68 13.02
C LYS C 349 15.88 -4.26 13.19
N MET C 350 15.01 -4.03 14.15
CA MET C 350 14.57 -2.68 14.43
C MET C 350 14.36 -2.47 15.90
N VAL C 351 14.77 -1.29 16.36
CA VAL C 351 14.61 -0.91 17.74
C VAL C 351 13.36 -0.04 17.69
N VAL C 352 12.32 -0.50 18.38
CA VAL C 352 11.03 0.18 18.40
C VAL C 352 10.77 0.90 19.71
N THR C 353 10.05 2.02 19.61
CA THR C 353 9.66 2.80 20.78
C THR C 353 8.16 2.98 20.68
N LEU C 354 7.41 2.23 21.47
CA LEU C 354 5.94 2.31 21.46
C LEU C 354 5.47 3.61 22.10
N ILE C 355 4.27 4.04 21.76
CA ILE C 355 3.74 5.28 22.31
C ILE C 355 3.27 5.13 23.74
N HIS C 356 3.10 3.89 24.17
CA HIS C 356 2.72 3.61 25.56
C HIS C 356 3.15 2.18 25.87
N PRO C 357 3.33 1.85 27.15
CA PRO C 357 3.75 0.49 27.52
C PRO C 357 2.82 -0.64 27.10
N ILE C 358 3.40 -1.82 26.97
CA ILE C 358 2.68 -3.03 26.61
C ILE C 358 3.45 -4.15 27.32
N ALA C 359 2.72 -5.04 28.00
CA ALA C 359 3.32 -6.15 28.72
C ALA C 359 4.09 -7.00 27.73
N MET C 360 5.39 -7.15 27.95
CA MET C 360 6.21 -7.93 27.03
C MET C 360 7.42 -8.57 27.67
N ASP C 361 7.83 -9.68 27.07
CA ASP C 361 9.00 -10.45 27.49
C ASP C 361 9.73 -10.74 26.17
N ASP C 362 10.98 -11.14 26.27
CA ASP C 362 11.73 -11.47 25.07
C ASP C 362 11.06 -12.71 24.51
N GLY C 363 11.00 -12.80 23.20
CA GLY C 363 10.36 -13.93 22.55
C GLY C 363 8.92 -13.67 22.19
N LEU C 364 8.38 -12.55 22.67
CA LEU C 364 6.99 -12.17 22.41
C LEU C 364 6.84 -11.81 20.94
N ARG C 365 5.91 -12.47 20.27
CA ARG C 365 5.63 -12.23 18.87
C ARG C 365 4.67 -11.08 18.69
N PHE C 366 4.80 -10.38 17.57
CA PHE C 366 3.93 -9.25 17.27
C PHE C 366 3.76 -9.14 15.76
N ALA C 367 2.79 -8.35 15.32
CA ALA C 367 2.56 -8.15 13.90
C ALA C 367 2.66 -6.66 13.67
N ILE C 368 3.01 -6.29 12.44
CA ILE C 368 3.14 -4.90 12.05
C ILE C 368 2.01 -4.68 11.07
N ARG C 369 1.20 -3.65 11.30
CA ARG C 369 0.05 -3.36 10.44
C ARG C 369 -0.01 -1.92 9.96
N GLU C 370 -0.70 -1.71 8.85
CA GLU C 370 -0.87 -0.37 8.31
C GLU C 370 -2.36 -0.25 8.05
N GLY C 371 -3.00 0.74 8.65
CA GLY C 371 -4.43 0.91 8.47
C GLY C 371 -5.23 -0.35 8.78
N GLY C 372 -4.75 -1.14 9.74
CA GLY C 372 -5.42 -2.37 10.12
C GLY C 372 -4.96 -3.65 9.45
N ARG C 373 -4.28 -3.55 8.32
CA ARG C 373 -3.81 -4.72 7.59
C ARG C 373 -2.37 -5.09 7.99
N THR C 374 -2.13 -6.38 8.16
CA THR C 374 -0.80 -6.86 8.51
C THR C 374 0.13 -6.79 7.31
N VAL C 375 1.27 -6.13 7.51
CA VAL C 375 2.26 -5.98 6.46
C VAL C 375 3.59 -6.61 6.87
N GLY C 376 3.64 -7.11 8.10
CA GLY C 376 4.85 -7.74 8.59
C GLY C 376 4.66 -8.42 9.93
N ALA C 377 5.66 -9.18 10.35
CA ALA C 377 5.60 -9.88 11.62
C ALA C 377 6.92 -9.66 12.33
N GLY C 378 6.94 -9.84 13.65
CA GLY C 378 8.17 -9.64 14.39
C GLY C 378 8.27 -10.42 15.69
N VAL C 379 9.43 -10.37 16.34
CA VAL C 379 9.68 -11.05 17.60
C VAL C 379 10.57 -10.16 18.48
N VAL C 380 10.16 -10.00 19.73
CA VAL C 380 10.91 -9.18 20.69
C VAL C 380 12.20 -9.90 21.05
N ALA C 381 13.33 -9.33 20.65
CA ALA C 381 14.63 -9.92 20.90
C ALA C 381 15.26 -9.46 22.21
N LYS C 382 15.08 -8.19 22.54
CA LYS C 382 15.64 -7.66 23.77
C LYS C 382 14.90 -6.41 24.22
N VAL C 383 14.33 -6.49 25.41
CA VAL C 383 13.60 -5.37 25.99
C VAL C 383 14.63 -4.30 26.40
N LEU C 384 14.34 -3.03 26.12
CA LEU C 384 15.25 -1.95 26.46
C LEU C 384 14.73 -1.04 27.56
N SER C 385 13.47 -0.64 27.43
CA SER C 385 12.84 0.24 28.42
C SER C 385 11.41 -0.23 28.68
N ALA D 1 55.93 -43.71 4.90
CA ALA D 1 55.90 -43.17 6.28
C ALA D 1 54.50 -43.39 6.85
N GLU D 2 54.43 -44.03 8.01
CA GLU D 2 53.15 -44.33 8.63
C GLU D 2 52.31 -43.07 8.83
N ILE D 3 51.06 -43.16 8.36
CA ILE D 3 50.11 -42.05 8.44
C ILE D 3 49.37 -42.02 9.77
N THR D 4 49.93 -41.30 10.74
CA THR D 4 49.31 -41.19 12.05
C THR D 4 48.18 -40.17 12.02
N ALA D 5 47.31 -40.22 13.03
CA ALA D 5 46.19 -39.30 13.12
C ALA D 5 46.72 -37.88 13.17
N SER D 6 47.91 -37.72 13.73
CA SER D 6 48.56 -36.42 13.84
C SER D 6 49.11 -35.97 12.49
N LEU D 7 49.52 -36.92 11.67
CA LEU D 7 50.06 -36.57 10.35
C LEU D 7 48.88 -36.03 9.55
N VAL D 8 47.79 -36.78 9.53
CA VAL D 8 46.57 -36.39 8.82
C VAL D 8 46.13 -35.02 9.32
N LYS D 9 46.14 -34.87 10.65
CA LYS D 9 45.76 -33.61 11.29
C LYS D 9 46.65 -32.46 10.82
N GLU D 10 47.94 -32.73 10.67
CA GLU D 10 48.91 -31.73 10.22
C GLU D 10 48.61 -31.32 8.79
N LEU D 11 48.35 -32.30 7.93
CA LEU D 11 48.02 -32.03 6.54
C LEU D 11 46.76 -31.18 6.49
N ARG D 12 45.72 -31.64 7.18
CA ARG D 12 44.46 -30.93 7.23
C ARG D 12 44.64 -29.51 7.74
N GLU D 13 45.42 -29.35 8.81
CA GLU D 13 45.68 -28.04 9.40
C GLU D 13 46.17 -27.04 8.37
N ARG D 14 46.98 -27.51 7.44
CA ARG D 14 47.49 -26.60 6.43
C ARG D 14 46.81 -26.65 5.07
N THR D 15 45.84 -27.54 4.88
CA THR D 15 45.16 -27.63 3.60
C THR D 15 43.66 -27.29 3.62
N GLY D 16 43.04 -27.44 4.79
CA GLY D 16 41.62 -27.16 4.90
C GLY D 16 40.76 -28.21 4.20
N ALA D 17 41.42 -29.29 3.75
CA ALA D 17 40.74 -30.39 3.06
C ALA D 17 40.09 -31.30 4.08
N GLY D 18 39.23 -32.19 3.61
CA GLY D 18 38.52 -33.10 4.49
C GLY D 18 39.40 -34.15 5.13
N MET D 19 39.03 -34.55 6.34
CA MET D 19 39.73 -35.54 7.12
C MET D 19 40.17 -36.74 6.28
N MET D 20 39.22 -37.43 5.64
CA MET D 20 39.56 -38.59 4.81
C MET D 20 40.29 -38.24 3.53
N ASP D 21 40.04 -37.07 2.96
CA ASP D 21 40.73 -36.65 1.73
C ASP D 21 42.21 -36.49 2.04
N CYS D 22 42.49 -35.96 3.22
CA CYS D 22 43.87 -35.76 3.67
C CYS D 22 44.49 -37.13 3.92
N LYS D 23 43.76 -37.99 4.63
CA LYS D 23 44.21 -39.34 4.94
C LYS D 23 44.60 -40.11 3.68
N LYS D 24 43.72 -40.12 2.70
CA LYS D 24 43.98 -40.84 1.45
C LYS D 24 45.11 -40.22 0.64
N ALA D 25 45.24 -38.90 0.68
CA ALA D 25 46.30 -38.22 -0.05
C ALA D 25 47.67 -38.63 0.50
N LEU D 26 47.75 -38.78 1.82
CA LEU D 26 48.97 -39.19 2.53
C LEU D 26 49.31 -40.63 2.20
N THR D 27 48.28 -41.46 2.04
CA THR D 27 48.44 -42.87 1.70
C THR D 27 49.19 -42.96 0.38
N GLU D 28 48.80 -42.12 -0.59
CA GLU D 28 49.44 -42.09 -1.89
C GLU D 28 50.84 -41.49 -1.78
N ALA D 29 50.95 -40.35 -1.12
CA ALA D 29 52.23 -39.67 -0.95
C ALA D 29 53.14 -40.46 -0.01
N ASN D 30 52.58 -41.53 0.58
CA ASN D 30 53.31 -42.41 1.49
C ASN D 30 53.90 -41.65 2.69
N GLY D 31 53.12 -40.73 3.25
CA GLY D 31 53.58 -39.96 4.39
C GLY D 31 54.19 -38.61 4.05
N ASP D 32 54.62 -38.45 2.81
CA ASP D 32 55.23 -37.18 2.37
C ASP D 32 54.16 -36.10 2.25
N ILE D 33 53.91 -35.39 3.34
CA ILE D 33 52.92 -34.32 3.39
C ILE D 33 53.07 -33.31 2.25
N GLU D 34 54.31 -33.09 1.83
CA GLU D 34 54.58 -32.14 0.75
C GLU D 34 53.98 -32.58 -0.57
N LEU D 35 54.17 -33.85 -0.90
CA LEU D 35 53.61 -34.39 -2.13
C LEU D 35 52.08 -34.37 -1.97
N ALA D 36 51.60 -34.79 -0.81
CA ALA D 36 50.18 -34.82 -0.51
C ALA D 36 49.52 -33.49 -0.84
N ILE D 37 50.13 -32.39 -0.40
CA ILE D 37 49.59 -31.07 -0.67
C ILE D 37 49.51 -30.80 -2.17
N GLU D 38 50.51 -31.22 -2.92
CA GLU D 38 50.51 -31.00 -4.37
C GLU D 38 49.46 -31.85 -5.05
N ASN D 39 49.38 -33.11 -4.66
CA ASN D 39 48.41 -34.02 -5.23
C ASN D 39 47.02 -33.43 -5.00
N MET D 40 46.74 -33.13 -3.72
CA MET D 40 45.45 -32.55 -3.35
C MET D 40 45.16 -31.31 -4.14
N ARG D 41 46.20 -30.56 -4.46
CA ARG D 41 46.06 -29.36 -5.24
C ARG D 41 45.50 -29.77 -6.61
N LYS D 42 46.06 -30.83 -7.20
CA LYS D 42 45.60 -31.30 -8.50
C LYS D 42 44.18 -31.83 -8.40
N SER D 43 43.86 -32.46 -7.26
CA SER D 43 42.54 -33.02 -7.04
C SER D 43 41.44 -31.96 -6.92
N GLY D 44 41.82 -30.78 -6.44
CA GLY D 44 40.87 -29.69 -6.27
C GLY D 44 39.99 -29.46 -7.48
N ALA D 45 40.59 -29.48 -8.67
CA ALA D 45 39.87 -29.24 -9.93
C ALA D 45 38.79 -30.29 -10.20
N ILE D 46 39.07 -31.54 -9.84
CA ILE D 46 38.12 -32.61 -10.05
C ILE D 46 36.93 -32.39 -9.12
N LYS D 47 37.22 -32.08 -7.87
CA LYS D 47 36.21 -31.82 -6.84
C LYS D 47 35.38 -30.61 -7.27
N ALA D 48 36.03 -29.60 -7.83
CA ALA D 48 35.36 -28.42 -8.33
C ALA D 48 34.52 -28.75 -9.56
N ALA D 49 35.01 -29.67 -10.38
CA ALA D 49 34.30 -30.09 -11.61
C ALA D 49 33.01 -30.82 -11.25
N LYS D 50 33.06 -31.60 -10.17
CA LYS D 50 31.88 -32.34 -9.74
C LYS D 50 30.82 -31.32 -9.29
N LYS D 51 31.22 -30.36 -8.45
CA LYS D 51 30.31 -29.33 -7.94
C LYS D 51 29.77 -28.38 -9.00
N ALA D 52 30.48 -28.24 -10.12
CA ALA D 52 30.05 -27.35 -11.20
C ALA D 52 28.66 -27.72 -11.71
N GLY D 53 28.23 -28.95 -11.45
CA GLY D 53 26.92 -29.38 -11.87
C GLY D 53 25.81 -28.81 -11.00
N ASN D 54 26.16 -28.49 -9.75
CA ASN D 54 25.20 -27.96 -8.80
C ASN D 54 24.88 -26.49 -9.03
N VAL D 55 23.61 -26.16 -8.97
CA VAL D 55 23.13 -24.81 -9.16
C VAL D 55 23.58 -23.88 -8.04
N ALA D 56 24.21 -22.78 -8.42
CA ALA D 56 24.69 -21.78 -7.50
C ALA D 56 23.83 -20.54 -7.72
N ALA D 57 22.74 -20.41 -6.96
CA ALA D 57 21.85 -19.26 -7.12
C ALA D 57 21.97 -18.23 -6.02
N ASP D 58 22.74 -18.54 -4.98
CA ASP D 58 22.96 -17.61 -3.89
C ASP D 58 24.24 -16.84 -4.20
N GLY D 59 24.75 -16.09 -3.23
CA GLY D 59 25.96 -15.33 -3.45
C GLY D 59 25.82 -13.89 -3.00
N VAL D 60 26.64 -13.02 -3.58
CA VAL D 60 26.64 -11.62 -3.23
C VAL D 60 26.86 -10.76 -4.44
N ILE D 61 26.49 -9.49 -4.32
CA ILE D 61 26.72 -8.50 -5.37
C ILE D 61 27.60 -7.50 -4.63
N LYS D 62 28.68 -7.09 -5.27
CA LYS D 62 29.61 -6.13 -4.70
C LYS D 62 29.85 -4.97 -5.66
N THR D 63 29.98 -3.78 -5.11
CA THR D 63 30.21 -2.58 -5.89
C THR D 63 31.46 -1.88 -5.32
N LYS D 64 32.21 -1.20 -6.16
CA LYS D 64 33.39 -0.48 -5.69
C LYS D 64 33.67 0.69 -6.61
N ILE D 65 33.74 1.88 -6.02
CA ILE D 65 34.00 3.12 -6.77
C ILE D 65 35.39 3.66 -6.46
N ASP D 66 36.12 3.97 -7.51
CA ASP D 66 37.46 4.54 -7.39
C ASP D 66 37.46 5.70 -8.38
N GLY D 67 37.17 6.89 -7.87
CA GLY D 67 37.12 8.06 -8.73
C GLY D 67 35.91 8.04 -9.64
N ASN D 68 36.15 8.15 -10.94
CA ASN D 68 35.09 8.16 -11.94
C ASN D 68 34.92 6.77 -12.50
N TYR D 69 35.42 5.78 -11.78
CA TYR D 69 35.34 4.40 -12.24
C TYR D 69 34.74 3.50 -11.17
N GLY D 70 33.75 2.71 -11.56
CA GLY D 70 33.12 1.82 -10.62
C GLY D 70 32.88 0.47 -11.23
N ILE D 71 32.88 -0.56 -10.40
CA ILE D 71 32.66 -1.93 -10.85
C ILE D 71 31.54 -2.55 -10.02
N ILE D 72 30.72 -3.37 -10.65
CA ILE D 72 29.65 -4.10 -9.97
C ILE D 72 29.95 -5.55 -10.34
N LEU D 73 29.89 -6.44 -9.35
CA LEU D 73 30.22 -7.85 -9.51
C LEU D 73 29.23 -8.83 -8.86
N GLU D 74 29.03 -9.99 -9.50
CA GLU D 74 28.19 -11.03 -8.92
C GLU D 74 29.01 -12.31 -8.81
N VAL D 75 29.12 -12.85 -7.59
CA VAL D 75 29.85 -14.09 -7.33
C VAL D 75 28.85 -15.01 -6.65
N ASN D 76 28.65 -16.19 -7.21
CA ASN D 76 27.67 -17.12 -6.70
C ASN D 76 28.20 -18.28 -5.89
N CYS D 77 27.28 -18.87 -5.13
CA CYS D 77 27.55 -20.06 -4.32
C CYS D 77 26.18 -20.72 -4.10
N GLN D 78 26.12 -21.84 -3.41
CA GLN D 78 24.86 -22.54 -3.21
C GLN D 78 23.97 -22.08 -2.05
N THR D 79 24.55 -21.87 -0.88
CA THR D 79 23.77 -21.43 0.29
C THR D 79 24.25 -20.08 0.82
N ASP D 80 23.38 -19.36 1.50
CA ASP D 80 23.77 -18.07 2.02
C ASP D 80 24.72 -18.21 3.22
N PHE D 81 24.87 -19.43 3.73
CA PHE D 81 25.78 -19.66 4.84
C PHE D 81 27.21 -19.39 4.35
N VAL D 82 27.48 -19.84 3.13
CA VAL D 82 28.79 -19.64 2.53
C VAL D 82 28.92 -18.19 2.06
N ALA D 83 27.81 -17.60 1.64
CA ALA D 83 27.80 -16.21 1.19
C ALA D 83 28.25 -15.32 2.34
N LYS D 84 28.03 -15.80 3.56
CA LYS D 84 28.37 -15.11 4.80
C LYS D 84 29.79 -15.45 5.25
N ASP D 85 30.27 -16.60 4.80
CA ASP D 85 31.58 -17.13 5.17
C ASP D 85 32.74 -16.20 4.80
N ALA D 86 33.70 -16.11 5.70
CA ALA D 86 34.89 -15.27 5.54
C ALA D 86 35.73 -15.65 4.32
N GLY D 87 35.86 -16.95 4.07
CA GLY D 87 36.63 -17.42 2.94
C GLY D 87 36.01 -16.95 1.64
N PHE D 88 34.69 -17.01 1.56
CA PHE D 88 33.96 -16.60 0.37
C PHE D 88 34.03 -15.09 0.22
N GLN D 89 33.71 -14.38 1.30
CA GLN D 89 33.77 -12.92 1.33
C GLN D 89 35.13 -12.40 0.88
N ALA D 90 36.19 -13.02 1.39
CA ALA D 90 37.54 -12.64 1.04
C ALA D 90 37.79 -12.81 -0.46
N PHE D 91 37.35 -13.94 -1.01
CA PHE D 91 37.52 -14.22 -2.43
C PHE D 91 36.78 -13.18 -3.28
N ALA D 92 35.53 -12.93 -2.90
CA ALA D 92 34.67 -11.97 -3.63
C ALA D 92 35.28 -10.58 -3.62
N ASP D 93 35.79 -10.17 -2.45
CA ASP D 93 36.42 -8.86 -2.30
C ASP D 93 37.70 -8.74 -3.11
N LYS D 94 38.45 -9.83 -3.17
CA LYS D 94 39.69 -9.88 -3.92
C LYS D 94 39.43 -9.76 -5.41
N VAL D 95 38.36 -10.39 -5.89
CA VAL D 95 37.97 -10.34 -7.30
C VAL D 95 37.57 -8.90 -7.65
N LEU D 96 36.85 -8.27 -6.73
CA LEU D 96 36.38 -6.89 -6.86
C LEU D 96 37.57 -5.94 -7.01
N ASP D 97 38.49 -5.99 -6.04
CA ASP D 97 39.67 -5.15 -6.04
C ASP D 97 40.45 -5.27 -7.34
N ALA D 98 40.66 -6.50 -7.82
CA ALA D 98 41.39 -6.75 -9.07
C ALA D 98 40.62 -6.14 -10.23
N ALA D 99 39.32 -6.36 -10.22
CA ALA D 99 38.44 -5.85 -11.26
C ALA D 99 38.57 -4.33 -11.37
N VAL D 100 38.55 -3.63 -10.24
CA VAL D 100 38.69 -2.16 -10.23
C VAL D 100 40.11 -1.73 -10.56
N ALA D 101 41.10 -2.33 -9.90
CA ALA D 101 42.50 -2.01 -10.13
C ALA D 101 42.91 -2.13 -11.60
N GLY D 102 42.52 -3.22 -12.26
CA GLY D 102 42.89 -3.43 -13.64
C GLY D 102 41.88 -3.07 -14.71
N LYS D 103 40.78 -2.43 -14.32
CA LYS D 103 39.71 -2.03 -15.24
C LYS D 103 39.23 -3.25 -16.03
N ILE D 104 38.93 -4.33 -15.32
CA ILE D 104 38.48 -5.56 -15.95
C ILE D 104 36.95 -5.68 -16.00
N THR D 105 36.41 -5.60 -17.21
CA THR D 105 34.96 -5.70 -17.42
C THR D 105 34.55 -6.96 -18.19
N ASP D 106 35.53 -7.76 -18.58
CA ASP D 106 35.28 -9.00 -19.31
C ASP D 106 35.39 -10.17 -18.34
N VAL D 107 34.26 -10.81 -18.02
CA VAL D 107 34.28 -11.95 -17.08
C VAL D 107 35.18 -13.10 -17.44
N GLU D 108 35.39 -13.32 -18.73
CA GLU D 108 36.26 -14.42 -19.17
C GLU D 108 37.68 -14.27 -18.60
N VAL D 109 38.23 -13.07 -18.67
CA VAL D 109 39.59 -12.82 -18.19
C VAL D 109 39.63 -12.91 -16.69
N LEU D 110 38.63 -12.32 -16.04
CA LEU D 110 38.51 -12.32 -14.60
C LEU D 110 38.34 -13.74 -14.06
N LYS D 111 37.59 -14.56 -14.77
CA LYS D 111 37.38 -15.95 -14.40
C LYS D 111 38.73 -16.64 -14.50
N ALA D 112 39.37 -16.47 -15.66
CA ALA D 112 40.68 -17.06 -15.96
C ALA D 112 41.72 -16.75 -14.88
N GLN D 113 41.78 -15.49 -14.50
CA GLN D 113 42.70 -15.04 -13.48
C GLN D 113 42.45 -15.72 -12.14
N PHE D 114 41.18 -15.92 -11.78
CA PHE D 114 40.88 -16.54 -10.49
C PHE D 114 40.58 -18.03 -10.46
N GLU D 115 40.67 -18.68 -11.61
CA GLU D 115 40.37 -20.11 -11.70
C GLU D 115 41.02 -21.01 -10.65
N GLU D 116 42.33 -20.88 -10.47
CA GLU D 116 43.02 -21.71 -9.49
C GLU D 116 42.56 -21.48 -8.07
N GLU D 117 42.34 -20.21 -7.72
CA GLU D 117 41.89 -19.85 -6.39
C GLU D 117 40.48 -20.34 -6.14
N ARG D 118 39.63 -20.15 -7.14
CA ARG D 118 38.24 -20.58 -7.06
C ARG D 118 38.20 -22.08 -6.77
N VAL D 119 38.98 -22.83 -7.55
CA VAL D 119 39.08 -24.27 -7.42
C VAL D 119 39.50 -24.70 -6.01
N ALA D 120 40.49 -24.00 -5.45
CA ALA D 120 40.99 -24.29 -4.12
C ALA D 120 39.91 -23.97 -3.09
N LEU D 121 39.22 -22.86 -3.30
CA LEU D 121 38.17 -22.43 -2.40
C LEU D 121 37.03 -23.43 -2.40
N VAL D 122 36.59 -23.83 -3.60
CA VAL D 122 35.50 -24.80 -3.74
C VAL D 122 35.86 -26.14 -3.10
N ALA D 123 37.12 -26.58 -3.26
CA ALA D 123 37.57 -27.84 -2.69
C ALA D 123 37.41 -27.86 -1.17
N LYS D 124 37.60 -26.71 -0.53
CA LYS D 124 37.46 -26.59 0.91
C LYS D 124 36.01 -26.50 1.37
N ILE D 125 35.28 -25.58 0.75
CA ILE D 125 33.87 -25.33 1.09
C ILE D 125 32.87 -26.40 0.64
N GLY D 126 33.13 -27.03 -0.50
CA GLY D 126 32.24 -28.07 -1.00
C GLY D 126 30.93 -27.55 -1.55
N GLU D 127 31.00 -26.44 -2.27
CA GLU D 127 29.86 -25.80 -2.89
C GLU D 127 30.37 -25.20 -4.18
N ASN D 128 29.53 -25.15 -5.20
CA ASN D 128 29.93 -24.56 -6.46
C ASN D 128 30.01 -23.08 -6.19
N ILE D 129 31.09 -22.45 -6.65
CA ILE D 129 31.35 -21.01 -6.50
C ILE D 129 31.63 -20.55 -7.93
N ASN D 130 31.05 -19.43 -8.33
CA ASN D 130 31.26 -18.98 -9.70
C ASN D 130 31.23 -17.48 -9.89
N ILE D 131 32.25 -16.92 -10.54
CA ILE D 131 32.27 -15.49 -10.84
C ILE D 131 31.34 -15.37 -12.05
N ARG D 132 30.12 -14.91 -11.82
CA ARG D 132 29.11 -14.82 -12.86
C ARG D 132 29.20 -13.67 -13.85
N ARG D 133 29.25 -12.44 -13.36
CA ARG D 133 29.32 -11.29 -14.24
C ARG D 133 29.98 -10.10 -13.56
N VAL D 134 30.44 -9.14 -14.37
CA VAL D 134 31.11 -7.95 -13.86
C VAL D 134 30.87 -6.84 -14.88
N ALA D 135 30.75 -5.62 -14.40
CA ALA D 135 30.51 -4.47 -15.28
C ALA D 135 31.01 -3.18 -14.63
N ALA D 136 31.29 -2.18 -15.45
CA ALA D 136 31.78 -0.90 -14.95
C ALA D 136 30.91 0.24 -15.42
N LEU D 137 30.94 1.33 -14.67
CA LEU D 137 30.17 2.52 -15.00
C LEU D 137 31.12 3.70 -14.75
N GLU D 138 31.16 4.64 -15.68
CA GLU D 138 32.02 5.81 -15.54
C GLU D 138 31.12 7.04 -15.57
N GLY D 139 31.52 8.09 -14.86
CA GLY D 139 30.74 9.31 -14.86
C GLY D 139 31.40 10.39 -14.04
N ASP D 140 30.87 11.61 -14.12
CA ASP D 140 31.40 12.74 -13.35
C ASP D 140 31.23 12.41 -11.88
N VAL D 141 29.99 12.11 -11.50
CA VAL D 141 29.65 11.75 -10.13
C VAL D 141 29.19 10.30 -10.16
N LEU D 142 29.83 9.46 -9.35
CA LEU D 142 29.47 8.05 -9.27
C LEU D 142 28.97 7.73 -7.86
N GLY D 143 27.88 6.97 -7.78
CA GLY D 143 27.35 6.61 -6.48
C GLY D 143 26.96 5.16 -6.50
N SER D 144 26.89 4.52 -5.34
CA SER D 144 26.53 3.13 -5.27
C SER D 144 25.52 2.91 -4.15
N TYR D 145 24.87 1.75 -4.20
CA TYR D 145 23.91 1.40 -3.18
C TYR D 145 23.85 -0.12 -3.13
N GLN D 146 24.00 -0.64 -1.92
CA GLN D 146 23.94 -2.08 -1.71
C GLN D 146 22.69 -2.32 -0.88
N HIS D 147 21.82 -3.23 -1.33
CA HIS D 147 20.67 -3.58 -0.52
C HIS D 147 21.08 -4.94 0.01
N GLY D 148 21.89 -4.90 1.08
CA GLY D 148 22.44 -6.12 1.64
C GLY D 148 23.42 -6.59 0.58
N ALA D 149 23.69 -7.88 0.53
CA ALA D 149 24.61 -8.42 -0.48
C ALA D 149 23.76 -8.89 -1.65
N ARG D 150 22.45 -8.69 -1.51
CA ARG D 150 21.45 -9.10 -2.48
C ARG D 150 21.33 -8.28 -3.74
N ILE D 151 21.34 -6.97 -3.58
CA ILE D 151 21.20 -6.08 -4.73
C ILE D 151 22.29 -5.03 -4.67
N GLY D 152 22.81 -4.69 -5.84
CA GLY D 152 23.84 -3.69 -5.95
C GLY D 152 23.53 -2.85 -7.16
N VAL D 153 23.80 -1.56 -7.07
CA VAL D 153 23.55 -0.65 -8.19
C VAL D 153 24.54 0.52 -8.24
N LEU D 154 24.97 0.84 -9.45
CA LEU D 154 25.90 1.93 -9.72
C LEU D 154 25.16 3.04 -10.44
N VAL D 155 25.32 4.29 -9.99
CA VAL D 155 24.65 5.43 -10.62
C VAL D 155 25.64 6.55 -10.97
N ALA D 156 25.63 6.96 -12.23
CA ALA D 156 26.51 8.00 -12.74
C ALA D 156 25.65 9.23 -13.07
N ALA D 157 26.02 10.38 -12.52
CA ALA D 157 25.26 11.60 -12.72
C ALA D 157 26.10 12.87 -12.89
N LYS D 158 25.43 13.96 -13.23
CA LYS D 158 26.06 15.25 -13.41
C LYS D 158 25.23 16.25 -12.63
N GLY D 159 25.93 17.15 -11.93
CA GLY D 159 25.25 18.18 -11.15
C GLY D 159 24.41 17.62 -10.02
N ALA D 160 24.78 16.44 -9.53
CA ALA D 160 24.05 15.78 -8.46
C ALA D 160 25.01 15.50 -7.31
N ASP D 161 24.59 15.81 -6.09
CA ASP D 161 25.41 15.56 -4.91
C ASP D 161 25.31 14.08 -4.52
N GLU D 162 26.14 13.67 -3.58
CA GLU D 162 26.17 12.30 -3.09
C GLU D 162 24.79 11.80 -2.64
N GLU D 163 24.10 12.60 -1.83
CA GLU D 163 22.79 12.21 -1.33
C GLU D 163 21.77 11.98 -2.46
N LEU D 164 21.81 12.82 -3.50
CA LEU D 164 20.87 12.66 -4.61
C LEU D 164 21.17 11.33 -5.31
N VAL D 165 22.43 11.16 -5.70
CA VAL D 165 22.87 9.95 -6.38
C VAL D 165 22.60 8.71 -5.54
N LYS D 166 22.66 8.81 -4.22
CA LYS D 166 22.39 7.66 -3.36
C LYS D 166 20.91 7.31 -3.43
N HIS D 167 20.07 8.35 -3.46
CA HIS D 167 18.61 8.18 -3.53
C HIS D 167 18.17 7.59 -4.84
N ILE D 168 18.81 8.00 -5.94
CA ILE D 168 18.53 7.47 -7.27
C ILE D 168 18.99 6.01 -7.35
N ALA D 169 20.10 5.70 -6.66
CA ALA D 169 20.61 4.34 -6.62
C ALA D 169 19.62 3.45 -5.87
N MET D 170 19.07 3.97 -4.76
CA MET D 170 18.08 3.25 -3.96
C MET D 170 16.83 3.03 -4.82
N HIS D 171 16.42 4.06 -5.56
CA HIS D 171 15.27 3.96 -6.43
C HIS D 171 15.49 2.89 -7.50
N VAL D 172 16.65 2.91 -8.15
CA VAL D 172 16.95 1.90 -9.18
C VAL D 172 16.86 0.50 -8.57
N ALA D 173 17.43 0.33 -7.38
CA ALA D 173 17.43 -0.95 -6.67
C ALA D 173 16.02 -1.46 -6.44
N ALA D 174 15.09 -0.54 -6.23
CA ALA D 174 13.70 -0.88 -5.95
C ALA D 174 12.78 -0.93 -7.17
N SER D 175 12.93 0.03 -8.07
CA SER D 175 12.09 0.17 -9.25
C SER D 175 12.57 -0.42 -10.58
N LYS D 176 13.77 -0.98 -10.60
CA LYS D 176 14.32 -1.61 -11.80
C LYS D 176 14.06 -0.98 -13.18
N PRO D 177 14.38 0.31 -13.37
CA PRO D 177 14.12 0.85 -14.72
C PRO D 177 15.20 0.29 -15.65
N GLU D 178 14.92 0.23 -16.94
CA GLU D 178 15.90 -0.27 -17.87
C GLU D 178 16.37 0.76 -18.89
N PHE D 179 15.88 1.98 -18.74
CA PHE D 179 16.25 3.09 -19.62
C PHE D 179 16.44 4.31 -18.71
N ILE D 180 17.10 5.34 -19.19
CA ILE D 180 17.27 6.53 -18.37
C ILE D 180 16.03 7.41 -18.55
N LYS D 181 15.74 7.74 -19.81
CA LYS D 181 14.59 8.58 -20.12
C LYS D 181 13.64 7.93 -21.13
N PRO D 182 12.34 8.28 -21.06
CA PRO D 182 11.32 7.73 -21.95
C PRO D 182 11.73 7.71 -23.43
N GLU D 183 12.33 8.82 -23.87
CA GLU D 183 12.76 8.96 -25.25
C GLU D 183 13.92 8.04 -25.64
N ASP D 184 14.33 7.17 -24.73
CA ASP D 184 15.38 6.23 -25.04
C ASP D 184 14.81 4.92 -25.56
N VAL D 185 13.51 4.74 -25.39
CA VAL D 185 12.83 3.53 -25.86
C VAL D 185 12.63 3.66 -27.36
N SER D 186 13.26 2.78 -28.11
CA SER D 186 13.19 2.80 -29.57
C SER D 186 11.76 2.73 -30.05
N ALA D 187 11.50 3.36 -31.18
CA ALA D 187 10.17 3.34 -31.77
C ALA D 187 9.78 1.89 -32.07
N GLU D 188 10.79 1.04 -32.22
CA GLU D 188 10.58 -0.38 -32.52
C GLU D 188 9.92 -1.09 -31.34
N VAL D 189 10.49 -0.89 -30.16
CA VAL D 189 9.97 -1.49 -28.93
C VAL D 189 8.57 -0.97 -28.68
N VAL D 190 8.38 0.33 -28.85
CA VAL D 190 7.07 0.95 -28.64
C VAL D 190 6.01 0.31 -29.54
N GLU D 191 6.38 0.12 -30.80
CA GLU D 191 5.48 -0.47 -31.78
C GLU D 191 5.13 -1.91 -31.41
N LYS D 192 6.14 -2.69 -31.04
CA LYS D 192 5.95 -4.08 -30.65
C LYS D 192 4.99 -4.16 -29.47
N GLU D 193 5.23 -3.30 -28.49
CA GLU D 193 4.39 -3.27 -27.30
C GLU D 193 2.98 -2.81 -27.62
N TYR D 194 2.85 -1.92 -28.61
CA TYR D 194 1.54 -1.41 -29.02
C TYR D 194 0.71 -2.59 -29.52
N GLN D 195 1.31 -3.36 -30.43
CA GLN D 195 0.66 -4.52 -31.02
C GLN D 195 0.20 -5.51 -29.96
N VAL D 196 1.08 -5.78 -28.99
CA VAL D 196 0.76 -6.72 -27.92
C VAL D 196 -0.47 -6.22 -27.16
N GLN D 197 -0.42 -4.98 -26.69
CA GLN D 197 -1.52 -4.41 -25.94
C GLN D 197 -2.79 -4.31 -26.75
N LEU D 198 -2.61 -4.31 -28.07
CA LEU D 198 -3.73 -4.22 -29.01
C LEU D 198 -4.42 -5.57 -29.09
N ASP D 199 -3.64 -6.64 -29.25
CA ASP D 199 -4.18 -7.99 -29.34
C ASP D 199 -4.96 -8.37 -28.09
N ILE D 200 -4.50 -7.88 -26.94
CA ILE D 200 -5.15 -8.15 -25.66
C ILE D 200 -6.50 -7.42 -25.55
N ALA D 201 -6.57 -6.20 -26.05
CA ALA D 201 -7.80 -5.42 -26.01
C ALA D 201 -8.81 -6.07 -26.93
N MET D 202 -8.37 -6.36 -28.16
CA MET D 202 -9.22 -6.97 -29.18
C MET D 202 -9.89 -8.25 -28.68
N GLN D 203 -9.10 -9.21 -28.20
CA GLN D 203 -9.66 -10.47 -27.69
C GLN D 203 -10.66 -10.22 -26.55
N SER D 204 -10.58 -9.06 -25.92
CA SER D 204 -11.46 -8.71 -24.83
C SER D 204 -12.86 -8.35 -25.34
N GLY D 205 -13.04 -8.40 -26.65
CA GLY D 205 -14.32 -8.08 -27.25
C GLY D 205 -14.54 -6.60 -27.46
N LYS D 206 -13.57 -5.78 -27.06
CA LYS D 206 -13.65 -4.33 -27.20
C LYS D 206 -13.77 -3.92 -28.67
N PRO D 207 -14.61 -2.91 -28.96
CA PRO D 207 -14.79 -2.45 -30.34
C PRO D 207 -13.47 -1.85 -30.84
N LYS D 208 -13.03 -2.27 -32.03
CA LYS D 208 -11.78 -1.78 -32.63
C LYS D 208 -11.49 -0.32 -32.34
N GLU D 209 -12.51 0.53 -32.49
CA GLU D 209 -12.34 1.97 -32.25
C GLU D 209 -11.95 2.24 -30.80
N ILE D 210 -12.75 1.72 -29.87
CA ILE D 210 -12.51 1.90 -28.45
C ILE D 210 -11.20 1.23 -28.02
N ALA D 211 -10.97 0.03 -28.55
CA ALA D 211 -9.77 -0.74 -28.24
C ALA D 211 -8.49 0.03 -28.58
N GLU D 212 -8.40 0.53 -29.81
CA GLU D 212 -7.22 1.27 -30.24
C GLU D 212 -7.03 2.56 -29.46
N LYS D 213 -8.13 3.29 -29.23
CA LYS D 213 -8.07 4.53 -28.49
C LYS D 213 -7.50 4.28 -27.09
N MET D 214 -7.93 3.18 -26.49
CA MET D 214 -7.46 2.82 -25.16
C MET D 214 -5.98 2.52 -25.15
N VAL D 215 -5.57 1.60 -26.03
CA VAL D 215 -4.16 1.19 -26.14
C VAL D 215 -3.30 2.42 -26.42
N GLU D 216 -3.80 3.32 -27.26
CA GLU D 216 -3.09 4.55 -27.59
C GLU D 216 -2.75 5.27 -26.29
N GLY D 217 -3.69 5.25 -25.35
CA GLY D 217 -3.47 5.90 -24.08
C GLY D 217 -2.49 5.14 -23.20
N ARG D 218 -2.70 3.84 -23.07
CA ARG D 218 -1.82 3.01 -22.23
C ARG D 218 -0.37 3.04 -22.67
N MET D 219 -0.13 3.30 -23.96
CA MET D 219 1.21 3.34 -24.49
C MET D 219 1.97 4.60 -24.05
N LYS D 220 1.25 5.70 -23.95
CA LYS D 220 1.84 6.96 -23.53
C LYS D 220 2.53 6.82 -22.17
N LYS D 221 2.09 5.84 -21.39
CA LYS D 221 2.65 5.58 -20.07
C LYS D 221 3.84 4.63 -20.13
N PHE D 222 3.73 3.65 -21.02
CA PHE D 222 4.74 2.61 -21.19
C PHE D 222 6.19 3.03 -21.03
N THR D 223 6.61 4.01 -21.83
CA THR D 223 7.98 4.49 -21.78
C THR D 223 8.35 5.04 -20.41
N GLY D 224 7.40 5.69 -19.76
CA GLY D 224 7.64 6.27 -18.44
C GLY D 224 7.89 5.22 -17.38
N GLU D 225 7.13 4.15 -17.41
CA GLU D 225 7.27 3.08 -16.43
C GLU D 225 8.58 2.28 -16.54
N VAL D 226 9.12 2.16 -17.75
CA VAL D 226 10.36 1.41 -17.94
C VAL D 226 11.58 2.31 -17.82
N SER D 227 11.35 3.62 -17.73
CA SER D 227 12.42 4.60 -17.65
C SER D 227 12.61 5.23 -16.26
N LEU D 228 13.87 5.49 -15.91
CA LEU D 228 14.24 6.10 -14.63
C LEU D 228 13.54 7.43 -14.40
N THR D 229 13.66 8.35 -15.34
CA THR D 229 13.04 9.66 -15.17
C THR D 229 11.52 9.63 -15.22
N GLY D 230 10.96 8.58 -15.83
CA GLY D 230 9.53 8.46 -15.93
C GLY D 230 8.89 7.72 -14.77
N GLN D 231 9.71 7.14 -13.91
CA GLN D 231 9.20 6.38 -12.76
C GLN D 231 9.04 7.27 -11.54
N PRO D 232 7.99 7.04 -10.73
CA PRO D 232 7.77 7.83 -9.53
C PRO D 232 8.90 7.52 -8.55
N PHE D 233 9.44 8.57 -7.95
CA PHE D 233 10.53 8.46 -7.01
C PHE D 233 10.04 7.61 -5.83
N VAL D 234 10.76 6.53 -5.51
CA VAL D 234 10.35 5.65 -4.41
C VAL D 234 10.21 6.35 -3.08
N MET D 235 11.05 7.36 -2.85
CA MET D 235 11.03 8.09 -1.59
C MET D 235 9.92 9.10 -1.50
N GLU D 236 9.23 9.32 -2.61
CA GLU D 236 8.12 10.26 -2.68
C GLU D 236 7.44 10.08 -4.02
N PRO D 237 6.55 9.08 -4.10
CA PRO D 237 5.77 8.69 -5.29
C PRO D 237 4.95 9.79 -5.97
N SER D 238 4.84 10.97 -5.35
CA SER D 238 4.07 12.07 -5.94
C SER D 238 4.81 12.82 -7.04
N LYS D 239 6.09 12.50 -7.23
CA LYS D 239 6.90 13.12 -8.27
C LYS D 239 7.71 12.05 -8.98
N THR D 240 8.07 12.30 -10.23
CA THR D 240 8.89 11.34 -10.95
C THR D 240 10.34 11.67 -10.65
N VAL D 241 11.25 10.74 -10.94
CA VAL D 241 12.67 10.98 -10.72
C VAL D 241 13.07 12.13 -11.64
N GLY D 242 12.37 12.26 -12.77
CA GLY D 242 12.64 13.33 -13.71
C GLY D 242 12.54 14.68 -13.03
N GLN D 243 11.45 14.90 -12.29
CA GLN D 243 11.21 16.14 -11.54
C GLN D 243 12.29 16.32 -10.48
N LEU D 244 12.58 15.23 -9.76
CA LEU D 244 13.60 15.23 -8.72
C LEU D 244 14.93 15.77 -9.26
N LEU D 245 15.28 15.33 -10.45
CA LEU D 245 16.51 15.75 -11.10
C LEU D 245 16.44 17.22 -11.47
N LYS D 246 15.36 17.63 -12.11
CA LYS D 246 15.18 19.03 -12.53
C LYS D 246 15.22 19.97 -11.32
N GLU D 247 14.63 19.52 -10.22
CA GLU D 247 14.62 20.31 -8.99
C GLU D 247 16.03 20.48 -8.47
N HIS D 248 16.94 19.60 -8.92
CA HIS D 248 18.33 19.69 -8.50
C HIS D 248 19.30 20.04 -9.65
N ASN D 249 18.75 20.31 -10.83
CA ASN D 249 19.54 20.66 -12.01
C ASN D 249 20.51 19.53 -12.32
N ALA D 250 20.09 18.32 -12.02
CA ALA D 250 20.93 17.15 -12.22
C ALA D 250 20.49 16.31 -13.40
N GLU D 251 21.36 15.39 -13.79
CA GLU D 251 21.10 14.52 -14.91
C GLU D 251 21.79 13.21 -14.62
N VAL D 252 21.12 12.09 -14.91
CA VAL D 252 21.70 10.78 -14.74
C VAL D 252 22.24 10.38 -16.11
N THR D 253 23.49 9.97 -16.15
CA THR D 253 24.12 9.59 -17.41
C THR D 253 24.25 8.07 -17.57
N GLY D 254 23.95 7.33 -16.52
CA GLY D 254 24.01 5.87 -16.56
C GLY D 254 23.77 5.22 -15.22
N PHE D 255 23.38 3.94 -15.22
CA PHE D 255 23.15 3.17 -14.00
C PHE D 255 23.18 1.68 -14.34
N ILE D 256 23.49 0.85 -13.35
CA ILE D 256 23.52 -0.61 -13.54
C ILE D 256 22.98 -1.23 -12.28
N ARG D 257 22.12 -2.24 -12.43
CA ARG D 257 21.55 -2.94 -11.28
C ARG D 257 21.76 -4.45 -11.39
N PHE D 258 22.39 -5.03 -10.38
CA PHE D 258 22.62 -6.47 -10.33
C PHE D 258 21.85 -6.98 -9.12
N GLU D 259 21.28 -8.17 -9.26
CA GLU D 259 20.57 -8.82 -8.16
C GLU D 259 21.01 -10.27 -8.21
N VAL D 260 21.45 -10.79 -7.07
CA VAL D 260 21.91 -12.17 -6.98
C VAL D 260 20.92 -13.18 -7.54
N GLY D 261 21.42 -14.08 -8.37
CA GLY D 261 20.60 -15.12 -8.96
C GLY D 261 19.63 -14.75 -10.07
N GLU D 262 19.70 -13.53 -10.59
CA GLU D 262 18.81 -13.12 -11.69
C GLU D 262 19.05 -14.03 -12.87
N GLY D 263 18.00 -14.62 -13.42
CA GLY D 263 18.16 -15.50 -14.56
C GLY D 263 18.38 -16.96 -14.20
N ILE D 264 18.67 -17.23 -12.95
CA ILE D 264 18.90 -18.60 -12.50
C ILE D 264 17.63 -19.16 -11.86
N GLU D 265 17.20 -20.33 -12.32
CA GLU D 265 16.00 -20.97 -11.79
C GLU D 265 16.27 -21.75 -10.50
N LYS D 266 16.09 -21.09 -9.37
CA LYS D 266 16.30 -21.76 -8.09
C LYS D 266 15.15 -22.74 -7.88
N VAL D 267 15.46 -23.97 -7.50
CA VAL D 267 14.44 -24.98 -7.29
C VAL D 267 13.78 -24.85 -5.91
N GLU D 268 12.48 -25.14 -5.85
CA GLU D 268 11.73 -25.07 -4.60
C GLU D 268 11.76 -26.48 -3.99
N THR D 269 12.72 -26.69 -3.11
CA THR D 269 12.91 -27.97 -2.43
C THR D 269 11.78 -28.33 -1.49
N ASP D 270 11.36 -29.60 -1.53
CA ASP D 270 10.32 -30.08 -0.62
C ASP D 270 11.01 -31.12 0.25
N PHE D 271 11.30 -30.73 1.49
CA PHE D 271 11.99 -31.61 2.45
C PHE D 271 11.21 -32.89 2.70
N ALA D 272 9.95 -32.74 3.11
CA ALA D 272 9.09 -33.88 3.42
C ALA D 272 9.10 -35.00 2.37
N ALA D 273 9.01 -34.64 1.10
CA ALA D 273 9.01 -35.61 0.00
C ALA D 273 10.41 -36.17 -0.28
N GLU D 274 11.41 -35.33 -0.05
CA GLU D 274 12.79 -35.71 -0.26
C GLU D 274 13.13 -36.80 0.76
N VAL D 275 12.68 -36.60 2.00
CA VAL D 275 12.91 -37.55 3.08
C VAL D 275 12.19 -38.86 2.75
N ALA D 276 10.95 -38.73 2.29
CA ALA D 276 10.12 -39.87 1.91
C ALA D 276 10.84 -40.70 0.84
N ALA D 277 11.51 -40.04 -0.10
CA ALA D 277 12.23 -40.75 -1.14
C ALA D 277 13.40 -41.53 -0.56
N MET D 278 13.97 -41.02 0.53
CA MET D 278 15.10 -41.65 1.19
C MET D 278 14.58 -42.83 2.05
N SER D 279 13.38 -42.68 2.59
CA SER D 279 12.78 -43.71 3.43
C SER D 279 12.45 -44.99 2.67
N LYS D 280 12.81 -45.05 1.39
CA LYS D 280 12.57 -46.23 0.58
C LYS D 280 13.37 -47.38 1.18
N GLN D 281 14.63 -47.09 1.55
CA GLN D 281 15.50 -48.09 2.16
C GLN D 281 15.04 -48.43 3.56
N SER D 282 15.18 -49.71 3.92
CA SER D 282 14.79 -50.21 5.24
C SER D 282 15.58 -51.48 5.54
#